data_4PMW
#
_entry.id   4PMW
#
_cell.length_a   63.927
_cell.length_b   96.075
_cell.length_c   157.311
_cell.angle_alpha   90.000
_cell.angle_beta   98.750
_cell.angle_gamma   90.000
#
_symmetry.space_group_name_H-M   'P 1 21 1'
#
loop_
_entity.id
_entity.type
_entity.pdbx_description
1 polymer 'DIS3-like exonuclease 2'
2 polymer U-U-U-U-U-U-U-U-U-U-U-U-U-U
3 non-polymer 'MAGNESIUM ION'
4 water water
#
loop_
_entity_poly.entity_id
_entity_poly.type
_entity_poly.pdbx_seq_one_letter_code
_entity_poly.pdbx_strand_id
1 'polypeptide(L)'
;SKNKSMRGKKKSIFETYMSKEDVSEGLKRGTLIQGVLRINPKKFHEAFIPSPDGDRDIFIDGVVARNRALNGDLVVVKLL
PEDQWKAVKPESNDKEIEATYEADIPEEGCGDDSDSEDRHGNTSGLVDGVKKLSILSEKSLQKSAKVVYILEKKHSRAAT
GILKLLADKNSDLFKKYALFSPSDHRVPRIYVPLKDCPQDFMTRPKDFANTLFICRIIDWKEDCNFALGQLAKSLGQAGE
IEPETEGILTEYGVDFSDFSSEVLECLPQSLPWTIPPDEVGKRRDLRKDCIFTIDPSTARDLNDALACRRLTDGTFEVGV
HIADVSYFVPEGSSLDKVAAERATSVYLVQKVVPMLPRLLCEELCSLNPMTDKLTFSVIWKLTPEGKILEEWFGRTIIRS
CTKLSYDHAQSMIENPTEKIPEEELPPISPEHSVEEVHQAVLNLHSIAKQLRRQRFVDGALRLDQLKLAFTLDHETGLPQ
GCHIYEYRDSNKLVEEFMLLANMAVAHKIFRTFPEQALLRRHPPPQTKMLSDLVEFCDQMGLPMDVSSAGALNKSLTKTF
GDDKYSLARKEVLTNMYSRPMQMALYFCSGMLQDQEQFRHYALNVPLYTHFTSPIRRFADVIVHRLLAAALGYSEQPDVE
PDTLQKQADHCNDRRMASKRVQELSIGLFFAVLVKESGPLESEAMVMGVLNQAFDVLVLRFGVQKRIYCNALALRSYSFQ
KVGKKPELTLVWEPDDLEEEPTQQVITIFSLVDVVLQAEATALKYSAILK
;
A,B
2 'polyribonucleotide' UUUUUUUUUUUUUU C,D
#
loop_
_chem_comp.id
_chem_comp.type
_chem_comp.name
_chem_comp.formula
MG non-polymer 'MAGNESIUM ION' 'Mg 2'
U RNA linking URIDINE-5'-MONOPHOSPHATE 'C9 H13 N2 O9 P'
#
# COMPACT_ATOMS: atom_id res chain seq x y z
N ILE A 13 -14.57 -26.52 67.82
CA ILE A 13 -15.19 -26.17 66.55
C ILE A 13 -14.73 -24.78 66.11
N PHE A 14 -14.89 -24.49 64.84
CA PHE A 14 -14.49 -23.20 64.29
C PHE A 14 -15.56 -22.14 64.53
N GLU A 15 -15.32 -20.94 64.01
CA GLU A 15 -16.26 -19.83 64.10
C GLU A 15 -16.98 -19.64 62.78
N THR A 16 -18.25 -19.25 62.84
CA THR A 16 -19.04 -19.05 61.63
C THR A 16 -18.59 -17.80 60.89
N TYR A 17 -18.47 -17.89 59.58
CA TYR A 17 -18.06 -16.77 58.75
C TYR A 17 -19.07 -15.62 58.84
N MET A 18 -18.60 -14.42 58.52
CA MET A 18 -19.41 -13.22 58.58
C MET A 18 -20.12 -13.02 57.25
N SER A 19 -21.08 -12.09 57.22
CA SER A 19 -21.87 -11.86 56.02
C SER A 19 -21.08 -11.09 54.96
N LYS A 20 -21.55 -11.14 53.71
CA LYS A 20 -20.92 -10.39 52.63
C LYS A 20 -21.00 -8.89 52.90
N GLU A 21 -22.17 -8.42 53.31
CA GLU A 21 -22.39 -7.00 53.54
C GLU A 21 -21.71 -6.53 54.81
N ASP A 22 -21.68 -7.39 55.83
CA ASP A 22 -21.05 -7.04 57.09
C ASP A 22 -19.54 -6.87 56.89
N VAL A 23 -18.97 -7.74 56.07
CA VAL A 23 -17.55 -7.66 55.76
C VAL A 23 -17.30 -6.43 54.89
N SER A 24 -18.07 -6.29 53.82
CA SER A 24 -17.90 -5.15 52.92
C SER A 24 -18.00 -3.84 53.70
N GLU A 25 -18.91 -3.79 54.66
CA GLU A 25 -19.03 -2.63 55.54
C GLU A 25 -17.79 -2.51 56.42
N GLY A 26 -17.32 -3.64 56.93
CA GLY A 26 -16.16 -3.65 57.81
C GLY A 26 -14.92 -3.10 57.12
N LEU A 27 -14.66 -3.59 55.91
CA LEU A 27 -13.49 -3.13 55.16
C LEU A 27 -13.61 -1.64 54.87
N LYS A 28 -14.84 -1.19 54.63
CA LYS A 28 -15.12 0.20 54.32
C LYS A 28 -14.96 1.11 55.53
N ARG A 29 -15.22 0.56 56.72
CA ARG A 29 -15.19 1.36 57.95
C ARG A 29 -13.88 1.18 58.71
N GLY A 30 -12.98 0.35 58.20
CA GLY A 30 -11.66 0.22 58.78
C GLY A 30 -11.63 -0.75 59.96
N THR A 31 -12.82 -1.13 60.44
CA THR A 31 -12.93 -2.04 61.58
C THR A 31 -12.35 -3.40 61.28
N LEU A 32 -12.43 -3.82 60.01
CA LEU A 32 -11.88 -5.09 59.57
C LEU A 32 -10.67 -4.85 58.67
N ILE A 33 -9.76 -5.81 58.62
CA ILE A 33 -8.50 -5.66 57.87
C ILE A 33 -8.36 -6.74 56.81
N GLN A 34 -7.86 -6.34 55.65
CA GLN A 34 -7.64 -7.22 54.52
C GLN A 34 -6.17 -7.62 54.45
N GLY A 35 -5.88 -8.73 53.78
CA GLY A 35 -4.50 -9.15 53.60
C GLY A 35 -4.32 -10.57 53.11
N VAL A 36 -3.10 -10.89 52.69
CA VAL A 36 -2.77 -12.23 52.21
C VAL A 36 -2.22 -13.07 53.35
N LEU A 37 -2.81 -14.25 53.54
CA LEU A 37 -2.43 -15.11 54.67
C LEU A 37 -1.12 -15.81 54.39
N ARG A 38 -0.23 -15.73 55.37
CA ARG A 38 1.03 -16.46 55.33
C ARG A 38 1.07 -17.42 56.52
N ILE A 39 1.31 -18.70 56.25
CA ILE A 39 1.38 -19.71 57.30
C ILE A 39 2.81 -20.19 57.51
N ASN A 40 3.25 -20.18 58.78
CA ASN A 40 4.57 -20.65 59.14
C ASN A 40 4.70 -22.14 58.83
N PRO A 41 5.58 -22.50 57.87
CA PRO A 41 5.68 -23.92 57.51
C PRO A 41 6.35 -24.77 58.59
N LYS A 42 7.16 -24.14 59.44
CA LYS A 42 7.87 -24.85 60.50
C LYS A 42 6.98 -25.04 61.74
N LYS A 43 6.07 -24.09 61.95
CA LYS A 43 5.08 -24.20 63.02
C LYS A 43 3.70 -23.84 62.50
N PHE A 44 2.99 -24.84 61.97
CA PHE A 44 1.72 -24.61 61.29
C PHE A 44 0.64 -24.06 62.22
N HIS A 45 0.93 -23.98 63.52
CA HIS A 45 0.00 -23.39 64.46
C HIS A 45 -0.04 -21.87 64.34
N GLU A 46 0.91 -21.32 63.59
CA GLU A 46 1.07 -19.87 63.46
C GLU A 46 0.84 -19.37 62.04
N ALA A 47 0.01 -18.34 61.89
CA ALA A 47 -0.23 -17.71 60.60
C ALA A 47 -0.12 -16.19 60.74
N PHE A 48 0.16 -15.51 59.63
CA PHE A 48 0.35 -14.06 59.63
C PHE A 48 -0.26 -13.37 58.42
N ILE A 49 -0.47 -12.07 58.55
CA ILE A 49 -0.86 -11.23 57.42
C ILE A 49 -0.15 -9.88 57.54
N PRO A 50 0.11 -9.24 56.40
CA PRO A 50 0.74 -7.92 56.44
C PRO A 50 -0.23 -6.83 56.91
N SER A 51 0.30 -5.85 57.62
CA SER A 51 -0.49 -4.71 58.08
C SER A 51 -0.27 -3.53 57.13
N PRO A 52 -1.34 -2.78 56.81
CA PRO A 52 -1.22 -1.65 55.86
C PRO A 52 -0.15 -0.63 56.22
N ASP A 53 -0.02 -0.26 57.49
CA ASP A 53 0.98 0.72 57.92
C ASP A 53 2.14 0.05 58.64
N GLY A 54 1.88 -0.50 59.82
CA GLY A 54 2.92 -0.99 60.71
C GLY A 54 3.82 -2.01 60.04
N ASP A 55 5.13 -1.85 60.18
CA ASP A 55 6.07 -2.74 59.50
C ASP A 55 6.03 -4.14 60.11
N ARG A 56 5.46 -4.25 61.31
CA ARG A 56 5.30 -5.54 61.97
C ARG A 56 3.98 -6.17 61.52
N ASP A 57 4.01 -7.45 61.17
CA ASP A 57 2.82 -8.14 60.69
C ASP A 57 1.87 -8.52 61.81
N ILE A 58 0.66 -8.90 61.43
CA ILE A 58 -0.38 -9.27 62.39
C ILE A 58 -0.34 -10.78 62.64
N PHE A 59 -0.42 -11.16 63.90
CA PHE A 59 -0.31 -12.56 64.31
C PHE A 59 -1.67 -13.25 64.40
N ILE A 60 -1.73 -14.47 63.90
CA ILE A 60 -2.94 -15.29 63.97
C ILE A 60 -2.66 -16.52 64.85
N ASP A 61 -3.02 -16.41 66.13
CA ASP A 61 -2.69 -17.45 67.10
C ASP A 61 -3.63 -18.65 66.98
N GLY A 62 -3.08 -19.79 66.58
CA GLY A 62 -3.84 -21.02 66.52
C GLY A 62 -4.54 -21.23 65.19
N VAL A 63 -5.06 -22.43 65.00
CA VAL A 63 -5.77 -22.80 63.78
C VAL A 63 -7.21 -22.32 63.82
N VAL A 64 -7.76 -22.19 65.01
CA VAL A 64 -9.13 -21.74 65.18
C VAL A 64 -9.27 -20.30 64.71
N ALA A 65 -8.28 -19.48 65.04
CA ALA A 65 -8.28 -18.07 64.65
C ALA A 65 -8.11 -17.92 63.14
N ARG A 66 -7.52 -18.93 62.52
CA ARG A 66 -7.31 -18.94 61.08
C ARG A 66 -8.64 -19.17 60.34
N ASN A 67 -9.57 -19.79 61.04
CA ASN A 67 -10.91 -20.05 60.51
C ASN A 67 -10.87 -20.75 59.14
N ARG A 68 -10.21 -21.90 59.11
CA ARG A 68 -10.23 -22.78 57.95
C ARG A 68 -9.63 -22.14 56.70
N ALA A 69 -8.90 -21.03 56.89
CA ALA A 69 -8.21 -20.40 55.78
C ALA A 69 -6.97 -21.19 55.40
N LEU A 70 -6.44 -20.93 54.22
CA LEU A 70 -5.24 -21.61 53.73
C LEU A 70 -4.19 -20.60 53.27
N ASN A 71 -2.97 -21.07 53.12
CA ASN A 71 -1.85 -20.20 52.77
C ASN A 71 -2.01 -19.61 51.37
N GLY A 72 -2.04 -18.28 51.30
CA GLY A 72 -2.17 -17.58 50.05
C GLY A 72 -3.50 -16.90 49.88
N ASP A 73 -4.49 -17.34 50.63
CA ASP A 73 -5.83 -16.75 50.56
C ASP A 73 -5.82 -15.28 50.94
N LEU A 74 -6.62 -14.50 50.23
CA LEU A 74 -6.88 -13.12 50.61
C LEU A 74 -8.00 -13.15 51.63
N VAL A 75 -7.66 -12.90 52.89
CA VAL A 75 -8.59 -13.07 53.99
C VAL A 75 -8.94 -11.75 54.66
N VAL A 76 -10.01 -11.78 55.45
CA VAL A 76 -10.41 -10.64 56.25
C VAL A 76 -10.22 -11.02 57.71
N VAL A 77 -9.77 -10.06 58.51
CA VAL A 77 -9.53 -10.32 59.92
C VAL A 77 -10.08 -9.19 60.79
N LYS A 78 -10.48 -9.54 62.00
CA LYS A 78 -10.90 -8.58 63.01
C LYS A 78 -9.86 -8.56 64.12
N LEU A 79 -9.49 -7.37 64.58
CA LEU A 79 -8.49 -7.25 65.63
C LEU A 79 -9.00 -7.71 66.98
N LEU A 80 -8.07 -8.01 67.87
CA LEU A 80 -8.36 -8.41 69.23
C LEU A 80 -7.70 -7.46 70.21
N PRO A 81 -8.33 -7.23 71.38
CA PRO A 81 -7.63 -6.46 72.41
C PRO A 81 -6.36 -7.18 72.89
N GLU A 82 -5.48 -6.43 73.55
CA GLU A 82 -4.21 -6.97 74.02
C GLU A 82 -4.41 -8.06 75.06
N LYS A 143 0.59 -7.63 68.38
CA LYS A 143 -0.59 -7.63 67.50
C LYS A 143 -1.24 -9.00 67.49
N SER A 144 -2.56 -9.04 67.33
CA SER A 144 -3.30 -10.30 67.26
C SER A 144 -4.65 -10.12 66.60
N ALA A 145 -4.99 -11.01 65.67
CA ALA A 145 -6.25 -10.94 64.93
C ALA A 145 -6.85 -12.32 64.69
N LYS A 146 -8.11 -12.35 64.27
CA LYS A 146 -8.78 -13.61 63.93
C LYS A 146 -9.47 -13.51 62.57
N VAL A 147 -9.41 -14.57 61.79
CA VAL A 147 -10.06 -14.61 60.48
C VAL A 147 -11.57 -14.71 60.62
N VAL A 148 -12.29 -13.86 59.90
CA VAL A 148 -13.75 -13.82 59.98
C VAL A 148 -14.42 -14.02 58.61
N TYR A 149 -13.62 -14.01 57.55
CA TYR A 149 -14.14 -14.18 56.20
C TYR A 149 -13.00 -14.40 55.22
N ILE A 150 -13.34 -14.87 54.02
CA ILE A 150 -12.37 -15.06 52.95
C ILE A 150 -12.91 -14.52 51.63
N LEU A 151 -12.53 -13.30 51.29
CA LEU A 151 -13.09 -12.60 50.12
C LEU A 151 -12.59 -13.21 48.80
N GLU A 152 -11.39 -13.78 48.81
CA GLU A 152 -10.86 -14.42 47.61
C GLU A 152 -10.01 -15.64 47.95
N LYS A 153 -10.42 -16.78 47.40
CA LYS A 153 -9.72 -18.05 47.58
C LYS A 153 -8.60 -18.20 46.54
N LYS A 154 -7.36 -18.05 46.98
CA LYS A 154 -6.22 -18.06 46.06
C LYS A 154 -5.44 -19.38 46.11
N HIS A 155 -5.55 -20.11 47.21
CA HIS A 155 -4.93 -21.44 47.30
C HIS A 155 -5.63 -22.35 46.31
N SER A 156 -4.88 -23.31 45.75
CA SER A 156 -5.42 -24.17 44.71
C SER A 156 -6.49 -25.11 45.24
N ARG A 157 -6.56 -25.25 46.56
CA ARG A 157 -7.42 -26.24 47.21
C ARG A 157 -7.11 -27.62 46.64
N ALA A 158 -5.84 -27.85 46.34
CA ALA A 158 -5.37 -29.14 45.86
C ALA A 158 -3.99 -29.41 46.43
N ALA A 159 -3.75 -30.66 46.84
CA ALA A 159 -2.51 -30.98 47.55
C ALA A 159 -1.99 -32.36 47.22
N THR A 160 -0.67 -32.49 47.35
CA THR A 160 0.01 -33.77 47.20
C THR A 160 0.21 -34.39 48.57
N GLY A 161 -0.17 -35.65 48.71
CA GLY A 161 -0.07 -36.32 49.99
C GLY A 161 -0.23 -37.82 49.89
N ILE A 162 -0.39 -38.46 51.05
CA ILE A 162 -0.44 -39.91 51.15
C ILE A 162 -1.68 -40.38 51.91
N LEU A 163 -2.20 -41.56 51.55
CA LEU A 163 -3.43 -42.10 52.14
C LEU A 163 -3.18 -43.14 53.24
N LYS A 164 -3.96 -43.01 54.31
CA LYS A 164 -3.93 -43.97 55.41
C LYS A 164 -5.32 -44.05 56.03
N LEU A 165 -5.43 -44.69 57.20
CA LEU A 165 -6.71 -44.80 57.90
C LEU A 165 -6.50 -44.84 59.42
N LEU A 173 -13.98 -46.66 66.84
CA LEU A 173 -13.67 -45.46 66.06
C LEU A 173 -14.54 -45.37 64.81
N PHE A 174 -14.81 -44.15 64.37
CA PHE A 174 -15.60 -43.91 63.17
C PHE A 174 -14.71 -44.04 61.93
N LYS A 175 -14.35 -45.28 61.58
CA LYS A 175 -13.50 -45.52 60.42
C LYS A 175 -14.31 -45.81 59.17
N LYS A 176 -15.01 -44.79 58.69
CA LYS A 176 -15.68 -44.83 57.40
C LYS A 176 -15.11 -43.70 56.52
N TYR A 177 -13.90 -43.29 56.85
CA TYR A 177 -13.14 -42.31 56.09
C TYR A 177 -11.70 -42.77 56.01
N ALA A 178 -10.93 -42.09 55.18
CA ALA A 178 -9.49 -42.32 55.11
C ALA A 178 -8.79 -41.01 55.43
N LEU A 179 -7.55 -41.09 55.91
CA LEU A 179 -6.80 -39.89 56.27
C LEU A 179 -5.77 -39.58 55.19
N PHE A 180 -5.98 -38.46 54.50
CA PHE A 180 -5.03 -37.96 53.53
C PHE A 180 -4.10 -36.95 54.20
N SER A 181 -2.80 -37.15 54.07
CA SER A 181 -1.81 -36.28 54.70
C SER A 181 -1.03 -35.49 53.66
N PRO A 182 -1.39 -34.21 53.46
CA PRO A 182 -0.63 -33.39 52.51
C PRO A 182 0.82 -33.24 52.92
N SER A 183 1.72 -33.27 51.93
CA SER A 183 3.13 -33.06 52.17
C SER A 183 3.36 -31.66 52.71
N ASP A 184 2.59 -30.70 52.20
CA ASP A 184 2.64 -29.34 52.72
C ASP A 184 1.96 -29.27 54.09
N HIS A 185 2.76 -29.06 55.13
CA HIS A 185 2.25 -29.01 56.49
C HIS A 185 1.26 -27.86 56.69
N ARG A 186 1.34 -26.86 55.82
CA ARG A 186 0.46 -25.71 55.90
C ARG A 186 -0.97 -26.13 55.55
N VAL A 187 -1.09 -27.18 54.76
CA VAL A 187 -2.39 -27.72 54.36
C VAL A 187 -2.91 -28.65 55.46
N PRO A 188 -4.20 -28.54 55.80
CA PRO A 188 -4.75 -29.41 56.83
C PRO A 188 -4.92 -30.84 56.35
N ARG A 189 -5.06 -31.77 57.30
CA ARG A 189 -5.30 -33.16 56.96
C ARG A 189 -6.75 -33.31 56.50
N ILE A 190 -6.98 -34.22 55.58
CA ILE A 190 -8.26 -34.30 54.88
C ILE A 190 -8.93 -35.65 55.03
N TYR A 191 -10.23 -35.65 55.31
CA TYR A 191 -11.02 -36.87 55.33
C TYR A 191 -11.51 -37.19 53.93
N VAL A 192 -11.30 -38.44 53.51
CA VAL A 192 -11.76 -38.91 52.20
C VAL A 192 -12.76 -40.06 52.38
N PRO A 193 -13.89 -40.02 51.65
CA PRO A 193 -14.81 -41.16 51.70
C PRO A 193 -14.19 -42.45 51.18
N LEU A 194 -14.27 -43.52 51.96
CA LEU A 194 -13.68 -44.80 51.57
C LEU A 194 -14.22 -45.33 50.24
N LYS A 195 -15.47 -44.98 49.93
CA LYS A 195 -16.11 -45.43 48.71
C LYS A 195 -15.43 -44.85 47.47
N ASP A 196 -14.72 -43.74 47.66
CA ASP A 196 -13.99 -43.08 46.58
C ASP A 196 -12.61 -43.69 46.39
N CYS A 197 -12.16 -44.46 47.37
CA CYS A 197 -10.80 -44.97 47.37
C CYS A 197 -10.64 -46.20 46.48
N PRO A 198 -9.45 -46.38 45.88
CA PRO A 198 -9.19 -47.56 45.05
C PRO A 198 -9.44 -48.87 45.80
N GLN A 199 -9.95 -49.87 45.09
CA GLN A 199 -10.16 -51.19 45.68
C GLN A 199 -8.86 -51.77 46.21
N ASP A 200 -7.76 -51.55 45.49
CA ASP A 200 -6.48 -52.10 45.88
C ASP A 200 -5.96 -51.47 47.16
N PHE A 201 -6.41 -50.25 47.44
CA PHE A 201 -6.05 -49.57 48.68
C PHE A 201 -6.84 -50.15 49.85
N MET A 202 -8.10 -50.47 49.60
CA MET A 202 -8.96 -51.06 50.62
C MET A 202 -8.38 -52.39 51.10
N THR A 203 -7.91 -53.19 50.16
CA THR A 203 -7.38 -54.51 50.46
C THR A 203 -6.11 -54.41 51.28
N ARG A 204 -5.20 -53.54 50.85
CA ARG A 204 -3.91 -53.37 51.52
C ARG A 204 -3.44 -51.92 51.49
N PRO A 205 -3.90 -51.12 52.47
CA PRO A 205 -3.53 -49.71 52.53
C PRO A 205 -2.02 -49.49 52.62
N LYS A 206 -1.32 -50.48 53.16
CA LYS A 206 0.11 -50.34 53.38
C LYS A 206 0.87 -50.40 52.06
N ASP A 207 0.22 -50.87 51.01
CA ASP A 207 0.80 -50.84 49.68
C ASP A 207 0.93 -49.41 49.15
N PHE A 208 0.10 -48.51 49.69
CA PHE A 208 0.03 -47.13 49.21
C PHE A 208 0.71 -46.15 50.16
N ALA A 209 1.58 -46.68 51.02
CA ALA A 209 2.29 -45.87 52.00
C ALA A 209 3.21 -44.85 51.34
N ASN A 210 3.66 -45.17 50.12
CA ASN A 210 4.55 -44.31 49.36
C ASN A 210 3.96 -43.92 48.02
N THR A 211 2.63 -43.89 47.94
CA THR A 211 1.95 -43.53 46.70
C THR A 211 1.34 -42.14 46.83
N LEU A 212 1.77 -41.23 45.97
CA LEU A 212 1.27 -39.86 46.00
C LEU A 212 -0.05 -39.76 45.27
N PHE A 213 -1.03 -39.18 45.96
CA PHE A 213 -2.32 -38.87 45.37
C PHE A 213 -2.49 -37.36 45.29
N ILE A 214 -3.40 -36.92 44.45
CA ILE A 214 -3.85 -35.53 44.47
C ILE A 214 -5.22 -35.53 45.12
N CYS A 215 -5.40 -34.62 46.08
CA CYS A 215 -6.66 -34.50 46.78
C CYS A 215 -7.12 -33.05 46.74
N ARG A 216 -8.40 -32.86 46.45
CA ARG A 216 -8.98 -31.53 46.38
C ARG A 216 -9.95 -31.26 47.52
N ILE A 217 -9.69 -30.19 48.25
CA ILE A 217 -10.55 -29.77 49.35
C ILE A 217 -11.87 -29.24 48.79
N ILE A 218 -12.95 -29.97 49.04
CA ILE A 218 -14.26 -29.60 48.52
C ILE A 218 -15.09 -28.85 49.56
N ASP A 219 -14.68 -28.96 50.82
CA ASP A 219 -15.38 -28.33 51.92
C ASP A 219 -14.54 -28.41 53.20
N TRP A 220 -14.94 -27.63 54.20
CA TRP A 220 -14.34 -27.71 55.53
C TRP A 220 -15.37 -27.22 56.54
N LYS A 221 -16.06 -28.18 57.16
CA LYS A 221 -17.17 -27.87 58.05
C LYS A 221 -16.65 -27.22 59.33
N GLU A 222 -17.45 -26.33 59.90
CA GLU A 222 -17.01 -25.54 61.05
C GLU A 222 -16.90 -26.41 62.30
N ASP A 223 -17.62 -27.52 62.31
CA ASP A 223 -17.64 -28.42 63.46
C ASP A 223 -16.56 -29.50 63.37
N CYS A 224 -16.05 -29.71 62.15
CA CYS A 224 -15.07 -30.77 61.90
C CYS A 224 -13.64 -30.23 61.98
N ASN A 225 -12.78 -30.97 62.67
CA ASN A 225 -11.39 -30.58 62.86
C ASN A 225 -10.60 -30.72 61.56
N PHE A 226 -10.91 -31.76 60.79
CA PHE A 226 -10.28 -32.00 59.50
C PHE A 226 -11.19 -31.49 58.38
N ALA A 227 -10.66 -31.44 57.16
CA ALA A 227 -11.42 -30.98 56.01
C ALA A 227 -11.89 -32.16 55.16
N LEU A 228 -12.97 -31.94 54.41
CA LEU A 228 -13.51 -32.93 53.51
C LEU A 228 -12.91 -32.75 52.12
N GLY A 229 -12.61 -33.86 51.45
CA GLY A 229 -11.97 -33.78 50.14
C GLY A 229 -12.35 -34.89 49.18
N GLN A 230 -12.01 -34.67 47.92
CA GLN A 230 -12.24 -35.63 46.83
C GLN A 230 -10.92 -36.03 46.20
N LEU A 231 -10.61 -37.32 46.31
CA LEU A 231 -9.38 -37.86 45.72
C LEU A 231 -9.39 -37.67 44.21
N ALA A 232 -8.42 -36.91 43.70
CA ALA A 232 -8.38 -36.55 42.28
C ALA A 232 -7.81 -37.69 41.43
N LYS A 233 -6.59 -38.10 41.75
CA LYS A 233 -5.94 -39.18 41.01
C LYS A 233 -4.68 -39.68 41.70
N SER A 234 -4.14 -40.79 41.19
CA SER A 234 -2.88 -41.33 41.66
C SER A 234 -1.75 -40.86 40.75
N LEU A 235 -0.75 -40.22 41.34
CA LEU A 235 0.38 -39.72 40.56
C LEU A 235 1.43 -40.79 40.35
N GLY A 236 1.65 -41.60 41.39
CA GLY A 236 2.67 -42.64 41.34
C GLY A 236 3.48 -42.64 42.62
N GLN A 237 4.62 -43.32 42.59
CA GLN A 237 5.46 -43.44 43.76
C GLN A 237 6.14 -42.12 44.10
N ALA A 238 6.17 -41.78 45.39
CA ALA A 238 6.84 -40.59 45.86
C ALA A 238 8.33 -40.69 45.59
N GLY A 239 8.93 -39.55 45.21
CA GLY A 239 10.35 -39.50 44.91
C GLY A 239 10.66 -39.65 43.44
N GLU A 240 9.71 -40.19 42.68
CA GLU A 240 9.88 -40.31 41.23
C GLU A 240 9.61 -38.96 40.56
N ILE A 241 10.36 -38.66 39.51
CA ILE A 241 10.36 -37.33 38.91
C ILE A 241 9.01 -36.91 38.34
N GLU A 242 8.47 -37.67 37.39
CA GLU A 242 7.27 -37.25 36.69
C GLU A 242 6.05 -37.19 37.62
N PRO A 243 5.91 -38.17 38.51
CA PRO A 243 4.81 -38.07 39.47
C PRO A 243 4.93 -36.85 40.39
N GLU A 244 6.13 -36.59 40.89
CA GLU A 244 6.36 -35.47 41.78
C GLU A 244 6.17 -34.15 41.02
N THR A 245 6.60 -34.13 39.76
CA THR A 245 6.45 -32.95 38.92
C THR A 245 4.98 -32.55 38.77
N GLU A 246 4.13 -33.53 38.46
CA GLU A 246 2.72 -33.27 38.30
C GLU A 246 2.11 -32.80 39.61
N GLY A 247 2.67 -33.28 40.72
CA GLY A 247 2.22 -32.87 42.03
C GLY A 247 2.50 -31.40 42.26
N ILE A 248 3.70 -30.96 41.90
CA ILE A 248 4.08 -29.56 42.05
C ILE A 248 3.19 -28.68 41.17
N LEU A 249 3.01 -29.09 39.92
CA LEU A 249 2.19 -28.32 38.98
C LEU A 249 0.75 -28.19 39.47
N THR A 250 0.13 -29.32 39.82
CA THR A 250 -1.26 -29.34 40.24
C THR A 250 -1.46 -28.64 41.58
N GLU A 251 -0.50 -28.83 42.50
CA GLU A 251 -0.62 -28.27 43.83
C GLU A 251 -0.54 -26.75 43.81
N TYR A 252 0.11 -26.20 42.78
CA TYR A 252 0.27 -24.76 42.63
C TYR A 252 -0.62 -24.17 41.54
N GLY A 253 -1.55 -24.97 41.04
CA GLY A 253 -2.58 -24.48 40.15
C GLY A 253 -2.12 -24.14 38.74
N VAL A 254 -1.04 -24.76 38.30
CA VAL A 254 -0.54 -24.55 36.94
C VAL A 254 -1.33 -25.38 35.95
N ASP A 255 -2.04 -24.70 35.05
CA ASP A 255 -2.79 -25.37 34.00
C ASP A 255 -1.82 -25.89 32.93
N PHE A 256 -1.67 -27.21 32.86
CA PHE A 256 -0.79 -27.85 31.88
C PHE A 256 -1.58 -28.72 30.91
N SER A 257 -2.88 -28.48 30.82
CA SER A 257 -3.73 -29.24 29.92
C SER A 257 -3.49 -28.84 28.48
N ASP A 258 -3.94 -29.69 27.56
CA ASP A 258 -3.95 -29.32 26.15
C ASP A 258 -4.90 -28.14 25.98
N PHE A 259 -4.66 -27.33 24.97
CA PHE A 259 -5.52 -26.18 24.72
C PHE A 259 -6.83 -26.62 24.08
N SER A 260 -7.91 -25.96 24.48
CA SER A 260 -9.25 -26.29 23.98
C SER A 260 -9.37 -26.02 22.48
N SER A 261 -10.33 -26.69 21.84
CA SER A 261 -10.56 -26.52 20.42
C SER A 261 -11.02 -25.11 20.09
N GLU A 262 -11.71 -24.47 21.03
CA GLU A 262 -12.17 -23.10 20.83
C GLU A 262 -11.02 -22.12 20.88
N VAL A 263 -9.87 -22.57 21.38
CA VAL A 263 -8.66 -21.75 21.42
C VAL A 263 -7.85 -21.93 20.15
N LEU A 264 -7.71 -23.18 19.72
CA LEU A 264 -6.90 -23.50 18.54
C LEU A 264 -7.50 -22.96 17.25
N GLU A 265 -8.77 -22.58 17.28
CA GLU A 265 -9.42 -22.05 16.10
C GLU A 265 -9.10 -20.56 15.94
N CYS A 266 -8.55 -19.96 16.99
CA CYS A 266 -8.11 -18.57 16.93
C CYS A 266 -6.76 -18.46 16.23
N LEU A 267 -6.05 -19.56 16.12
CA LEU A 267 -4.77 -19.60 15.42
C LEU A 267 -5.00 -19.48 13.92
N PRO A 268 -3.96 -19.07 13.18
CA PRO A 268 -4.03 -19.05 11.71
C PRO A 268 -4.34 -20.43 11.15
N GLN A 269 -5.16 -20.49 10.10
CA GLN A 269 -5.62 -21.77 9.57
C GLN A 269 -4.96 -22.14 8.25
N SER A 270 -4.37 -21.16 7.58
CA SER A 270 -3.64 -21.42 6.34
C SER A 270 -2.17 -21.65 6.67
N LEU A 271 -1.76 -22.90 6.63
CA LEU A 271 -0.39 -23.29 6.97
C LEU A 271 0.32 -23.91 5.76
N PRO A 272 1.65 -23.75 5.68
CA PRO A 272 2.51 -22.94 6.54
C PRO A 272 2.24 -21.45 6.40
N TRP A 273 2.06 -20.77 7.52
CA TRP A 273 1.61 -19.39 7.52
C TRP A 273 2.71 -18.43 7.10
N THR A 274 2.39 -17.60 6.12
CA THR A 274 3.28 -16.56 5.65
C THR A 274 2.66 -15.19 5.89
N ILE A 275 3.50 -14.18 6.07
CA ILE A 275 3.04 -12.84 6.36
C ILE A 275 2.30 -12.27 5.15
N PRO A 276 1.10 -11.69 5.38
CA PRO A 276 0.37 -11.09 4.25
C PRO A 276 1.14 -9.90 3.66
N PRO A 277 1.04 -9.71 2.34
CA PRO A 277 1.86 -8.69 1.67
C PRO A 277 1.56 -7.27 2.14
N ASP A 278 0.30 -6.98 2.42
CA ASP A 278 -0.12 -5.64 2.81
C ASP A 278 0.56 -5.17 4.09
N GLU A 279 0.97 -6.11 4.94
CA GLU A 279 1.63 -5.79 6.19
C GLU A 279 3.04 -5.25 5.97
N VAL A 280 3.73 -5.80 4.98
CA VAL A 280 5.12 -5.43 4.72
C VAL A 280 5.23 -3.94 4.42
N GLY A 281 4.22 -3.40 3.74
CA GLY A 281 4.20 -1.98 3.42
C GLY A 281 3.99 -1.14 4.67
N LYS A 282 3.14 -1.62 5.55
CA LYS A 282 2.78 -0.91 6.77
C LYS A 282 3.93 -0.84 7.77
N ARG A 283 4.85 -1.78 7.69
CA ARG A 283 5.93 -1.91 8.66
C ARG A 283 7.29 -1.51 8.08
N ARG A 284 8.24 -1.17 8.95
CA ARG A 284 9.59 -0.85 8.51
C ARG A 284 10.35 -2.15 8.22
N ASP A 285 10.71 -2.36 6.95
CA ASP A 285 11.27 -3.62 6.51
C ASP A 285 12.76 -3.76 6.83
N LEU A 286 13.05 -4.44 7.93
CA LEU A 286 14.42 -4.62 8.39
C LEU A 286 14.97 -6.00 8.00
N ARG A 287 14.27 -6.69 7.11
CA ARG A 287 14.65 -8.06 6.75
C ARG A 287 16.06 -8.14 6.16
N LYS A 288 16.50 -7.04 5.55
CA LYS A 288 17.82 -7.00 4.93
C LYS A 288 18.92 -6.66 5.95
N ASP A 289 18.53 -6.08 7.08
CA ASP A 289 19.50 -5.71 8.11
C ASP A 289 20.06 -6.92 8.86
N CYS A 290 21.24 -6.75 9.43
CA CYS A 290 21.88 -7.80 10.20
C CYS A 290 21.30 -7.86 11.60
N ILE A 291 20.36 -8.80 11.78
CA ILE A 291 19.69 -9.02 13.06
C ILE A 291 19.87 -10.46 13.47
N PHE A 292 20.04 -10.69 14.76
CA PHE A 292 20.24 -12.05 15.29
C PHE A 292 19.70 -12.19 16.70
N THR A 293 19.75 -13.40 17.21
CA THR A 293 19.25 -13.71 18.54
C THR A 293 20.34 -14.31 19.41
N ILE A 294 20.25 -14.05 20.71
CA ILE A 294 21.16 -14.62 21.69
C ILE A 294 20.36 -15.17 22.86
N ASP A 295 20.41 -16.49 23.04
CA ASP A 295 19.63 -17.18 24.07
C ASP A 295 20.38 -18.43 24.51
N PRO A 296 19.82 -19.17 25.48
CA PRO A 296 20.44 -20.47 25.81
C PRO A 296 20.42 -21.42 24.64
N SER A 297 21.31 -22.39 24.65
CA SER A 297 21.42 -23.37 23.56
C SER A 297 20.12 -24.13 23.36
N THR A 298 19.36 -24.27 24.45
CA THR A 298 18.16 -25.08 24.47
C THR A 298 16.90 -24.26 24.24
N ALA A 299 17.05 -23.01 23.84
CA ALA A 299 15.92 -22.10 23.71
C ALA A 299 14.93 -22.56 22.64
N ARG A 300 13.65 -22.55 23.00
CA ARG A 300 12.57 -23.01 22.12
C ARG A 300 11.68 -21.86 21.67
N ASP A 301 11.66 -20.78 22.45
CA ASP A 301 10.83 -19.61 22.13
C ASP A 301 11.65 -18.32 22.18
N LEU A 302 12.17 -17.89 21.03
CA LEU A 302 13.01 -16.70 20.96
C LEU A 302 12.15 -15.43 20.89
N ASN A 303 12.19 -14.65 21.95
CA ASN A 303 11.34 -13.45 22.07
C ASN A 303 11.98 -12.18 21.49
N ASP A 304 13.29 -12.05 21.67
CA ASP A 304 13.98 -10.81 21.33
C ASP A 304 15.09 -11.05 20.31
N ALA A 305 15.30 -10.04 19.45
CA ALA A 305 16.40 -10.04 18.51
C ALA A 305 17.14 -8.71 18.63
N LEU A 306 18.41 -8.68 18.22
CA LEU A 306 19.24 -7.51 18.39
C LEU A 306 20.00 -7.12 17.12
N ALA A 307 20.38 -5.85 17.05
CA ALA A 307 21.17 -5.34 15.92
C ALA A 307 22.00 -4.16 16.37
N CYS A 308 23.14 -3.95 15.72
CA CYS A 308 24.02 -2.85 16.06
C CYS A 308 24.90 -2.44 14.89
N ARG A 309 24.74 -1.18 14.49
CA ARG A 309 25.56 -0.57 13.44
C ARG A 309 26.39 0.57 14.01
N ARG A 310 27.64 0.66 13.57
CA ARG A 310 28.48 1.82 13.88
C ARG A 310 28.28 2.88 12.81
N LEU A 311 27.78 4.04 13.22
CA LEU A 311 27.53 5.15 12.30
C LEU A 311 28.80 5.96 12.05
N THR A 312 28.80 6.72 10.97
CA THR A 312 30.00 7.43 10.53
C THR A 312 30.45 8.49 11.54
N ASP A 313 29.52 8.97 12.37
CA ASP A 313 29.82 9.99 13.37
C ASP A 313 30.19 9.36 14.71
N GLY A 314 30.60 8.10 14.71
CA GLY A 314 31.09 7.46 15.91
C GLY A 314 30.02 6.93 16.83
N THR A 315 28.76 7.27 16.57
CA THR A 315 27.65 6.78 17.38
C THR A 315 27.20 5.40 16.90
N PHE A 316 26.23 4.81 17.60
CA PHE A 316 25.75 3.47 17.29
C PHE A 316 24.23 3.44 17.16
N GLU A 317 23.74 2.63 16.23
CA GLU A 317 22.29 2.40 16.09
C GLU A 317 21.94 1.02 16.59
N VAL A 318 21.43 0.95 17.82
CA VAL A 318 21.04 -0.32 18.41
C VAL A 318 19.54 -0.53 18.28
N GLY A 319 19.15 -1.77 18.04
CA GLY A 319 17.76 -2.12 17.88
C GLY A 319 17.36 -3.35 18.67
N VAL A 320 16.26 -3.23 19.41
CA VAL A 320 15.67 -4.35 20.12
C VAL A 320 14.36 -4.71 19.46
N HIS A 321 14.32 -5.88 18.84
CA HIS A 321 13.16 -6.31 18.07
C HIS A 321 12.43 -7.46 18.79
N ILE A 322 11.26 -7.15 19.33
CA ILE A 322 10.47 -8.12 20.08
C ILE A 322 9.41 -8.75 19.19
N ALA A 323 9.21 -10.05 19.33
CA ALA A 323 8.18 -10.76 18.58
C ALA A 323 6.82 -10.12 18.81
N ASP A 324 6.11 -9.83 17.71
CA ASP A 324 4.84 -9.12 17.79
C ASP A 324 3.69 -10.09 18.07
N VAL A 325 3.66 -10.61 19.30
CA VAL A 325 2.64 -11.57 19.73
C VAL A 325 1.26 -10.94 19.73
N SER A 326 1.21 -9.63 20.00
CA SER A 326 -0.03 -8.87 20.06
C SER A 326 -0.83 -9.06 18.76
N TYR A 327 -0.11 -9.19 17.66
CA TYR A 327 -0.71 -9.38 16.34
C TYR A 327 -1.51 -10.68 16.23
N PHE A 328 -0.97 -11.74 16.82
CA PHE A 328 -1.56 -13.07 16.69
C PHE A 328 -2.63 -13.37 17.75
N VAL A 329 -2.68 -12.55 18.79
CA VAL A 329 -3.58 -12.78 19.92
C VAL A 329 -4.66 -11.70 20.01
N PRO A 330 -5.78 -11.89 19.31
CA PRO A 330 -6.85 -10.90 19.38
C PRO A 330 -7.47 -10.78 20.78
N GLU A 331 -7.53 -9.56 21.27
CA GLU A 331 -8.04 -9.27 22.62
C GLU A 331 -9.46 -9.77 22.83
N GLY A 332 -9.67 -10.52 23.90
CA GLY A 332 -11.00 -10.99 24.26
C GLY A 332 -11.39 -12.32 23.62
N SER A 333 -10.46 -12.91 22.87
CA SER A 333 -10.71 -14.19 22.23
C SER A 333 -10.41 -15.32 23.20
N SER A 334 -10.80 -16.53 22.83
CA SER A 334 -10.52 -17.71 23.65
C SER A 334 -9.02 -17.86 23.87
N LEU A 335 -8.25 -17.48 22.86
CA LEU A 335 -6.80 -17.53 22.94
C LEU A 335 -6.29 -16.48 23.93
N ASP A 336 -6.96 -15.33 23.96
CA ASP A 336 -6.60 -14.27 24.89
C ASP A 336 -6.91 -14.67 26.32
N LYS A 337 -8.09 -15.25 26.52
CA LYS A 337 -8.57 -15.58 27.86
C LYS A 337 -7.70 -16.63 28.55
N VAL A 338 -7.27 -17.63 27.79
CA VAL A 338 -6.41 -18.67 28.33
C VAL A 338 -5.01 -18.10 28.59
N ALA A 339 -4.59 -17.15 27.76
CA ALA A 339 -3.31 -16.49 27.96
C ALA A 339 -3.36 -15.62 29.21
N ALA A 340 -4.47 -14.93 29.41
CA ALA A 340 -4.66 -14.10 30.59
C ALA A 340 -4.64 -14.96 31.85
N GLU A 341 -5.26 -16.14 31.76
CA GLU A 341 -5.32 -17.08 32.88
C GLU A 341 -3.94 -17.64 33.22
N ARG A 342 -3.26 -18.20 32.22
CA ARG A 342 -1.96 -18.80 32.44
C ARG A 342 -0.91 -17.75 32.82
N ALA A 343 -1.09 -16.53 32.36
CA ALA A 343 -0.33 -15.37 32.85
C ALA A 343 1.18 -15.39 32.53
N THR A 344 1.79 -16.58 32.58
CA THR A 344 3.20 -16.73 32.23
C THR A 344 3.50 -18.19 31.87
N SER A 345 4.62 -18.40 31.19
CA SER A 345 5.12 -19.75 30.97
C SER A 345 5.87 -20.24 32.20
N VAL A 346 5.89 -21.55 32.39
CA VAL A 346 6.57 -22.16 33.52
C VAL A 346 7.73 -23.01 33.03
N TYR A 347 8.93 -22.67 33.47
CA TYR A 347 10.13 -23.34 33.01
C TYR A 347 10.68 -24.36 34.00
N LEU A 348 10.14 -25.58 33.92
CA LEU A 348 10.63 -26.67 34.72
C LEU A 348 12.02 -27.09 34.26
N VAL A 349 12.61 -28.04 34.96
CA VAL A 349 13.96 -28.47 34.63
C VAL A 349 13.99 -29.25 33.32
N GLN A 350 13.05 -30.18 33.17
CA GLN A 350 13.08 -31.12 32.05
C GLN A 350 12.12 -30.74 30.93
N LYS A 351 11.15 -29.87 31.22
CA LYS A 351 10.18 -29.44 30.22
C LYS A 351 9.63 -28.05 30.52
N VAL A 352 8.66 -27.61 29.71
CA VAL A 352 8.10 -26.26 29.85
C VAL A 352 6.60 -26.26 29.62
N VAL A 353 5.86 -25.73 30.59
CA VAL A 353 4.42 -25.56 30.44
C VAL A 353 4.14 -24.20 29.80
N PRO A 354 3.79 -24.19 28.51
CA PRO A 354 3.71 -22.93 27.76
C PRO A 354 2.45 -22.11 28.03
N MET A 355 2.55 -20.80 27.83
CA MET A 355 1.40 -19.91 27.95
C MET A 355 0.50 -20.01 26.71
N LEU A 356 1.12 -20.00 25.53
CA LEU A 356 0.41 -20.10 24.27
C LEU A 356 0.63 -21.48 23.64
N PRO A 357 -0.17 -21.81 22.62
CA PRO A 357 0.07 -23.05 21.88
C PRO A 357 1.44 -23.06 21.21
N ARG A 358 1.98 -24.24 20.93
CA ARG A 358 3.33 -24.37 20.38
C ARG A 358 3.45 -23.73 18.99
N LEU A 359 2.33 -23.67 18.27
CA LEU A 359 2.34 -23.08 16.93
C LEU A 359 2.79 -21.63 16.98
N LEU A 360 2.49 -20.97 18.09
CA LEU A 360 2.94 -19.59 18.32
C LEU A 360 4.27 -19.58 19.04
N CYS A 361 4.32 -20.27 20.17
CA CYS A 361 5.48 -20.26 21.06
C CYS A 361 6.79 -20.59 20.36
N GLU A 362 6.74 -21.51 19.41
CA GLU A 362 7.95 -22.12 18.86
C GLU A 362 8.13 -21.90 17.37
N GLU A 363 7.04 -21.64 16.65
CA GLU A 363 7.10 -21.55 15.20
C GLU A 363 6.83 -20.15 14.66
N LEU A 364 5.62 -19.66 14.86
CA LEU A 364 5.22 -18.38 14.28
C LEU A 364 5.86 -17.17 14.96
N CYS A 365 5.51 -16.93 16.23
CA CYS A 365 6.00 -15.77 16.95
C CYS A 365 7.50 -15.82 17.19
N SER A 366 8.01 -17.02 17.48
CA SER A 366 9.42 -17.21 17.80
C SER A 366 10.31 -16.68 16.68
N LEU A 367 11.31 -15.89 17.06
CA LEU A 367 12.19 -15.24 16.10
C LEU A 367 13.28 -16.20 15.61
N ASN A 368 12.84 -17.28 14.98
CA ASN A 368 13.76 -18.29 14.44
C ASN A 368 14.55 -17.71 13.27
N PRO A 369 15.75 -18.25 13.02
CA PRO A 369 16.63 -17.71 11.99
C PRO A 369 16.19 -17.99 10.56
N MET A 370 16.48 -17.07 9.64
CA MET A 370 16.26 -17.25 8.21
C MET A 370 14.78 -17.39 7.87
N THR A 371 13.95 -16.64 8.56
CA THR A 371 12.51 -16.62 8.30
C THR A 371 11.98 -15.23 8.63
N ASP A 372 11.10 -14.71 7.77
CA ASP A 372 10.50 -13.41 8.01
C ASP A 372 9.62 -13.48 9.25
N LYS A 373 9.78 -12.51 10.14
CA LYS A 373 9.02 -12.46 11.39
C LYS A 373 8.49 -11.07 11.68
N LEU A 374 7.24 -11.00 12.14
CA LEU A 374 6.65 -9.75 12.57
C LEU A 374 7.16 -9.39 13.97
N THR A 375 7.65 -8.16 14.11
CA THR A 375 8.22 -7.71 15.37
C THR A 375 7.74 -6.32 15.78
N PHE A 376 7.85 -6.05 17.07
CA PHE A 376 7.58 -4.73 17.63
C PHE A 376 8.88 -4.21 18.21
N SER A 377 9.47 -3.21 17.54
CA SER A 377 10.86 -2.84 17.83
C SER A 377 11.04 -1.53 18.58
N VAL A 378 12.16 -1.45 19.29
CA VAL A 378 12.66 -0.19 19.83
C VAL A 378 14.05 0.04 19.27
N ILE A 379 14.27 1.22 18.69
CA ILE A 379 15.56 1.55 18.10
C ILE A 379 16.10 2.87 18.64
N TRP A 380 17.38 2.86 18.99
CA TRP A 380 18.05 4.06 19.50
C TRP A 380 19.22 4.46 18.62
N LYS A 381 19.60 5.72 18.75
CA LYS A 381 20.91 6.19 18.32
C LYS A 381 21.70 6.41 19.60
N LEU A 382 22.67 5.55 19.87
CA LEU A 382 23.36 5.55 21.15
C LEU A 382 24.80 6.04 21.11
N THR A 383 25.18 6.69 22.21
CA THR A 383 26.56 7.05 22.49
C THR A 383 27.34 5.76 22.74
N PRO A 384 28.66 5.76 22.45
CA PRO A 384 29.43 4.55 22.77
C PRO A 384 29.30 4.11 24.22
N GLU A 385 28.92 5.03 25.10
CA GLU A 385 28.73 4.74 26.51
C GLU A 385 27.30 4.25 26.79
N GLY A 386 26.44 4.35 25.78
CA GLY A 386 25.09 3.85 25.87
C GLY A 386 24.07 4.94 26.16
N LYS A 387 24.49 6.19 26.08
CA LYS A 387 23.58 7.31 26.29
C LYS A 387 22.69 7.49 25.08
N ILE A 388 21.40 7.65 25.32
CA ILE A 388 20.42 7.78 24.23
C ILE A 388 20.42 9.18 23.64
N LEU A 389 20.45 9.26 22.31
CA LEU A 389 20.45 10.54 21.59
C LEU A 389 19.09 10.80 20.95
N GLU A 390 18.54 9.76 20.30
CA GLU A 390 17.15 9.79 19.85
C GLU A 390 16.55 8.39 19.93
N GLU A 391 15.24 8.33 20.10
CA GLU A 391 14.53 7.09 20.45
C GLU A 391 13.34 6.86 19.53
N TRP A 392 13.15 5.62 19.10
CA TRP A 392 12.11 5.29 18.14
C TRP A 392 11.40 3.98 18.43
N PHE A 393 10.06 4.02 18.40
CA PHE A 393 9.22 2.84 18.54
C PHE A 393 8.47 2.61 17.23
N GLY A 394 8.07 1.36 16.97
CA GLY A 394 7.29 1.06 15.79
C GLY A 394 7.27 -0.41 15.40
N ARG A 395 6.18 -0.83 14.75
CA ARG A 395 6.07 -2.20 14.26
C ARG A 395 6.98 -2.41 13.08
N THR A 396 7.71 -3.53 13.11
CA THR A 396 8.71 -3.82 12.09
C THR A 396 8.59 -5.24 11.58
N ILE A 397 9.48 -5.61 10.68
CA ILE A 397 9.55 -6.97 10.17
C ILE A 397 11.02 -7.31 9.90
N ILE A 398 11.45 -8.45 10.41
CA ILE A 398 12.87 -8.81 10.38
C ILE A 398 13.08 -10.18 9.75
N ARG A 399 14.34 -10.53 9.52
CA ARG A 399 14.73 -11.88 9.14
C ARG A 399 16.06 -12.21 9.79
N SER A 400 15.98 -12.80 10.98
CA SER A 400 17.16 -13.14 11.77
C SER A 400 18.13 -13.99 10.96
N CYS A 401 19.38 -13.55 10.88
CA CYS A 401 20.36 -14.22 10.06
C CYS A 401 21.01 -15.40 10.79
N THR A 402 20.83 -15.48 12.11
CA THR A 402 21.43 -16.57 12.87
C THR A 402 20.88 -16.69 14.29
N LYS A 403 20.94 -17.92 14.83
CA LYS A 403 20.50 -18.22 16.18
C LYS A 403 21.70 -18.50 17.07
N LEU A 404 22.21 -17.49 17.76
CA LEU A 404 23.39 -17.64 18.60
C LEU A 404 23.02 -18.12 19.99
N SER A 405 23.91 -18.92 20.57
CA SER A 405 23.81 -19.29 21.97
C SER A 405 24.72 -18.38 22.79
N TYR A 406 24.51 -18.35 24.09
CA TYR A 406 25.35 -17.52 24.95
C TYR A 406 26.81 -17.97 24.89
N ASP A 407 27.02 -19.25 24.62
CA ASP A 407 28.38 -19.78 24.46
C ASP A 407 29.02 -19.21 23.20
N HIS A 408 28.26 -19.19 22.12
CA HIS A 408 28.73 -18.61 20.87
C HIS A 408 29.11 -17.15 21.07
N ALA A 409 28.18 -16.39 21.65
CA ALA A 409 28.38 -14.97 21.89
C ALA A 409 29.63 -14.72 22.73
N GLN A 410 29.78 -15.51 23.79
CA GLN A 410 30.94 -15.35 24.66
C GLN A 410 32.23 -15.61 23.89
N SER A 411 32.23 -16.63 23.05
CA SER A 411 33.41 -16.95 22.25
C SER A 411 33.75 -15.79 21.32
N MET A 412 32.72 -15.11 20.83
CA MET A 412 32.93 -13.95 20.00
C MET A 412 33.58 -12.84 20.81
N ILE A 413 33.08 -12.64 22.02
CA ILE A 413 33.58 -11.57 22.88
C ILE A 413 35.00 -11.84 23.33
N GLU A 414 35.31 -13.10 23.62
CA GLU A 414 36.63 -13.46 24.13
C GLU A 414 37.69 -13.48 23.04
N ASN A 415 37.26 -13.70 21.80
CA ASN A 415 38.15 -13.67 20.64
C ASN A 415 37.73 -12.59 19.66
N PRO A 416 38.06 -11.33 19.99
CA PRO A 416 37.49 -10.18 19.25
C PRO A 416 38.19 -9.85 17.93
N THR A 417 39.40 -10.38 17.71
CA THR A 417 40.13 -10.11 16.47
C THR A 417 40.64 -11.39 15.85
N GLU A 418 39.78 -12.40 15.81
CA GLU A 418 40.12 -13.69 15.20
C GLU A 418 38.92 -14.30 14.51
N LYS A 419 39.04 -14.56 13.22
CA LYS A 419 37.99 -15.25 12.48
C LYS A 419 37.85 -16.66 13.01
N ILE A 420 36.80 -16.90 13.77
CA ILE A 420 36.57 -18.20 14.40
C ILE A 420 36.22 -19.21 13.32
N PRO A 421 36.66 -20.48 13.48
CA PRO A 421 36.23 -21.50 12.53
C PRO A 421 34.71 -21.52 12.38
N GLU A 422 34.22 -21.44 11.14
CA GLU A 422 32.79 -21.29 10.89
C GLU A 422 32.04 -22.62 11.02
N GLU A 423 32.63 -23.55 11.77
CA GLU A 423 32.02 -24.84 12.06
C GLU A 423 31.74 -24.95 13.56
N GLU A 424 32.38 -24.08 14.35
CA GLU A 424 32.10 -23.99 15.77
C GLU A 424 31.01 -22.96 16.05
N LEU A 425 30.40 -22.46 14.98
CA LEU A 425 29.32 -21.49 15.09
C LEU A 425 28.07 -22.00 14.39
N PRO A 426 26.90 -21.50 14.78
CA PRO A 426 25.67 -22.06 14.23
C PRO A 426 25.44 -21.61 12.79
N PRO A 427 24.49 -22.24 12.09
CA PRO A 427 24.16 -21.84 10.71
C PRO A 427 23.87 -20.35 10.63
N ILE A 428 24.34 -19.71 9.58
CA ILE A 428 24.12 -18.29 9.38
C ILE A 428 23.63 -18.04 7.97
N SER A 429 22.67 -17.13 7.83
CA SER A 429 22.10 -16.81 6.54
C SER A 429 23.18 -16.41 5.55
N PRO A 430 23.10 -16.90 4.30
CA PRO A 430 24.16 -16.63 3.33
C PRO A 430 24.29 -15.15 2.96
N GLU A 431 23.28 -14.35 3.28
CA GLU A 431 23.30 -12.93 2.94
C GLU A 431 23.92 -12.10 4.07
N HIS A 432 24.56 -12.77 5.02
CA HIS A 432 25.29 -12.10 6.09
C HIS A 432 26.49 -12.93 6.53
N SER A 433 27.64 -12.30 6.64
CA SER A 433 28.87 -12.99 7.00
C SER A 433 28.96 -13.18 8.51
N VAL A 434 29.76 -14.15 8.94
CA VAL A 434 29.98 -14.39 10.35
C VAL A 434 30.75 -13.23 10.98
N GLU A 435 31.60 -12.58 10.17
CA GLU A 435 32.39 -11.45 10.66
C GLU A 435 31.50 -10.28 11.02
N GLU A 436 30.44 -10.08 10.24
CA GLU A 436 29.51 -8.98 10.48
C GLU A 436 28.77 -9.15 11.81
N VAL A 437 28.31 -10.38 12.06
CA VAL A 437 27.63 -10.70 13.31
C VAL A 437 28.60 -10.58 14.47
N HIS A 438 29.80 -11.10 14.26
CA HIS A 438 30.88 -11.01 15.24
C HIS A 438 31.09 -9.57 15.69
N GLN A 439 31.19 -8.66 14.72
CA GLN A 439 31.39 -7.24 15.00
C GLN A 439 30.22 -6.65 15.79
N ALA A 440 29.01 -7.11 15.49
CA ALA A 440 27.82 -6.61 16.16
C ALA A 440 27.84 -6.96 17.64
N VAL A 441 28.21 -8.20 17.93
CA VAL A 441 28.27 -8.68 19.31
C VAL A 441 29.31 -7.89 20.10
N LEU A 442 30.47 -7.69 19.48
CA LEU A 442 31.55 -6.95 20.11
C LEU A 442 31.14 -5.52 20.46
N ASN A 443 30.41 -4.88 19.55
CA ASN A 443 29.91 -3.53 19.79
C ASN A 443 28.81 -3.51 20.85
N LEU A 444 27.90 -4.47 20.76
CA LEU A 444 26.82 -4.57 21.73
C LEU A 444 27.38 -4.83 23.12
N HIS A 445 28.42 -5.65 23.18
CA HIS A 445 29.12 -5.91 24.44
C HIS A 445 29.75 -4.62 24.98
N SER A 446 30.46 -3.91 24.10
CA SER A 446 31.10 -2.66 24.47
C SER A 446 30.14 -1.67 25.13
N ILE A 447 28.96 -1.50 24.53
CA ILE A 447 27.97 -0.58 25.07
C ILE A 447 27.34 -1.14 26.36
N ALA A 448 26.98 -2.41 26.33
CA ALA A 448 26.38 -3.06 27.49
C ALA A 448 27.32 -2.94 28.70
N LYS A 449 28.61 -3.12 28.44
CA LYS A 449 29.63 -3.01 29.47
C LYS A 449 29.54 -1.64 30.13
N GLN A 450 29.35 -0.62 29.31
CA GLN A 450 29.25 0.75 29.80
C GLN A 450 27.90 1.02 30.43
N LEU A 451 26.85 0.46 29.85
CA LEU A 451 25.50 0.66 30.36
C LEU A 451 25.39 0.10 31.77
N ARG A 452 25.96 -1.09 31.99
CA ARG A 452 25.92 -1.76 33.28
C ARG A 452 26.69 -0.98 34.34
N ARG A 453 27.95 -0.70 34.03
CA ARG A 453 28.85 0.00 34.96
C ARG A 453 28.24 1.31 35.43
N GLN A 454 27.51 1.95 34.54
CA GLN A 454 26.83 3.20 34.85
C GLN A 454 25.66 2.95 35.78
N ARG A 455 24.95 1.88 35.51
CA ARG A 455 23.75 1.54 36.26
C ARG A 455 24.03 1.40 37.75
N PHE A 456 25.17 0.79 38.07
CA PHE A 456 25.54 0.54 39.45
C PHE A 456 26.13 1.78 40.11
N VAL A 457 26.78 2.62 39.33
CA VAL A 457 27.20 3.93 39.82
C VAL A 457 25.97 4.70 40.26
N ASP A 458 24.87 4.48 39.55
CA ASP A 458 23.61 5.14 39.86
C ASP A 458 22.81 4.35 40.88
N GLY A 459 23.51 3.54 41.68
CA GLY A 459 22.90 2.87 42.82
C GLY A 459 21.98 1.72 42.50
N ALA A 460 22.41 0.83 41.61
CA ALA A 460 21.66 -0.37 41.29
C ALA A 460 22.08 -1.50 42.20
N LEU A 461 21.18 -2.46 42.42
CA LEU A 461 21.44 -3.58 43.31
C LEU A 461 21.30 -4.92 42.60
N ARG A 462 22.41 -5.65 42.52
CA ARG A 462 22.39 -7.03 42.06
C ARG A 462 22.52 -7.94 43.28
N LEU A 463 21.45 -8.67 43.58
CA LEU A 463 21.41 -9.53 44.77
C LEU A 463 21.14 -10.96 44.37
N ASP A 464 22.00 -11.50 43.51
CA ASP A 464 21.78 -12.82 42.93
C ASP A 464 22.41 -13.94 43.76
N GLN A 465 21.60 -14.94 44.08
CA GLN A 465 22.09 -16.14 44.76
C GLN A 465 22.54 -17.16 43.73
N LEU A 466 23.20 -18.21 44.20
CA LEU A 466 23.63 -19.30 43.36
C LEU A 466 22.42 -20.02 42.77
N LYS A 467 22.46 -20.26 41.46
CA LYS A 467 21.43 -21.03 40.78
C LYS A 467 22.00 -22.31 40.20
N LEU A 468 21.23 -23.38 40.25
CA LEU A 468 21.68 -24.69 39.77
C LEU A 468 21.19 -25.00 38.36
N ALA A 469 22.08 -25.58 37.56
CA ALA A 469 21.72 -26.09 36.24
C ALA A 469 22.09 -27.56 36.17
N PHE A 470 21.23 -28.38 35.56
CA PHE A 470 21.43 -29.82 35.54
C PHE A 470 21.81 -30.33 34.16
N THR A 471 22.47 -31.49 34.14
CA THR A 471 22.72 -32.23 32.93
C THR A 471 21.90 -33.52 32.97
N LEU A 472 20.94 -33.63 32.06
CA LEU A 472 20.01 -34.76 32.06
C LEU A 472 20.43 -35.84 31.07
N ASP A 473 20.32 -37.09 31.49
CA ASP A 473 20.53 -38.23 30.61
C ASP A 473 19.34 -38.36 29.66
N HIS A 474 19.59 -38.14 28.37
CA HIS A 474 18.51 -38.06 27.39
C HIS A 474 17.78 -39.39 27.25
N GLU A 475 18.43 -40.47 27.66
CA GLU A 475 17.80 -41.80 27.60
C GLU A 475 16.75 -41.95 28.71
N THR A 476 17.14 -41.62 29.94
CA THR A 476 16.30 -41.85 31.11
C THR A 476 15.61 -40.60 31.62
N GLY A 477 16.22 -39.45 31.39
CA GLY A 477 15.67 -38.18 31.87
C GLY A 477 16.20 -37.82 33.24
N LEU A 478 16.82 -38.79 33.92
CA LEU A 478 17.43 -38.55 35.23
C LEU A 478 18.61 -37.59 35.09
N PRO A 479 18.94 -36.88 36.18
CA PRO A 479 20.09 -35.96 36.13
C PRO A 479 21.42 -36.66 36.33
N GLN A 480 22.36 -36.43 35.42
CA GLN A 480 23.69 -37.02 35.51
C GLN A 480 24.57 -36.22 36.45
N GLY A 481 24.33 -34.91 36.50
CA GLY A 481 25.07 -34.04 37.38
C GLY A 481 24.50 -32.64 37.36
N CYS A 482 25.18 -31.73 38.04
CA CYS A 482 24.73 -30.35 38.09
C CYS A 482 25.91 -29.40 38.19
N HIS A 483 25.65 -28.13 37.95
CA HIS A 483 26.68 -27.10 38.05
C HIS A 483 26.04 -25.76 38.36
N ILE A 484 26.82 -24.88 38.97
CA ILE A 484 26.35 -23.53 39.24
C ILE A 484 26.29 -22.80 37.91
N TYR A 485 25.14 -22.21 37.62
CA TYR A 485 24.97 -21.47 36.38
C TYR A 485 25.83 -20.21 36.38
N GLU A 486 26.67 -20.07 35.35
CA GLU A 486 27.57 -18.93 35.26
C GLU A 486 26.98 -17.84 34.36
N TYR A 487 26.89 -16.64 34.93
CA TYR A 487 26.31 -15.48 34.26
C TYR A 487 27.43 -14.64 33.65
N ARG A 488 27.61 -14.77 32.34
CA ARG A 488 28.77 -14.21 31.66
C ARG A 488 28.50 -12.91 30.87
N ASP A 489 29.51 -12.43 30.18
CA ASP A 489 29.41 -11.19 29.42
C ASP A 489 28.28 -11.25 28.39
N SER A 490 28.11 -12.40 27.76
CA SER A 490 27.05 -12.57 26.78
C SER A 490 25.69 -12.46 27.44
N ASN A 491 25.56 -13.06 28.62
CA ASN A 491 24.33 -12.95 29.39
C ASN A 491 24.03 -11.50 29.75
N LYS A 492 25.03 -10.79 30.25
CA LYS A 492 24.85 -9.41 30.63
C LYS A 492 24.61 -8.51 29.43
N LEU A 493 25.23 -8.85 28.30
CA LEU A 493 25.04 -8.11 27.05
C LEU A 493 23.56 -7.96 26.76
N VAL A 494 22.86 -9.08 26.71
CA VAL A 494 21.43 -9.08 26.44
C VAL A 494 20.66 -8.32 27.52
N GLU A 495 21.04 -8.54 28.78
CA GLU A 495 20.34 -7.95 29.91
C GLU A 495 20.25 -6.42 29.81
N GLU A 496 21.36 -5.77 29.50
CA GLU A 496 21.40 -4.31 29.53
C GLU A 496 20.47 -3.70 28.50
N PHE A 497 20.27 -4.39 27.39
CA PHE A 497 19.46 -3.85 26.30
C PHE A 497 17.98 -4.21 26.48
N MET A 498 17.72 -5.35 27.13
CA MET A 498 16.35 -5.67 27.51
C MET A 498 15.90 -4.67 28.57
N LEU A 499 16.79 -4.35 29.50
CA LEU A 499 16.52 -3.33 30.51
C LEU A 499 16.20 -2.01 29.84
N LEU A 500 17.08 -1.60 28.94
CA LEU A 500 16.95 -0.32 28.27
C LEU A 500 15.64 -0.24 27.49
N ALA A 501 15.28 -1.35 26.84
CA ALA A 501 14.04 -1.40 26.08
C ALA A 501 12.82 -1.26 26.97
N ASN A 502 12.78 -2.05 28.04
CA ASN A 502 11.66 -2.05 28.98
C ASN A 502 11.40 -0.70 29.63
N MET A 503 12.48 0.00 29.97
CA MET A 503 12.38 1.33 30.56
C MET A 503 11.81 2.32 29.54
N ALA A 504 12.29 2.23 28.31
CA ALA A 504 11.86 3.13 27.25
C ALA A 504 10.36 3.01 27.02
N VAL A 505 9.85 1.78 27.06
CA VAL A 505 8.44 1.55 26.85
C VAL A 505 7.64 1.97 28.08
N ALA A 506 8.23 1.78 29.25
CA ALA A 506 7.58 2.18 30.50
C ALA A 506 7.31 3.68 30.46
N HIS A 507 8.32 4.46 30.09
CA HIS A 507 8.18 5.90 29.99
C HIS A 507 7.18 6.28 28.90
N LYS A 508 7.17 5.51 27.82
CA LYS A 508 6.31 5.82 26.68
C LYS A 508 4.83 5.67 27.03
N ILE A 509 4.44 4.50 27.54
CA ILE A 509 3.03 4.25 27.79
C ILE A 509 2.51 5.07 28.96
N PHE A 510 3.37 5.31 29.95
CA PHE A 510 2.97 6.09 31.12
C PHE A 510 2.83 7.58 30.76
N ARG A 511 3.74 8.06 29.92
CA ARG A 511 3.67 9.44 29.46
C ARG A 511 2.43 9.64 28.61
N THR A 512 2.05 8.61 27.87
CA THR A 512 0.87 8.68 27.01
C THR A 512 -0.42 8.46 27.78
N PHE A 513 -0.48 7.35 28.51
CA PHE A 513 -1.67 6.99 29.28
C PHE A 513 -1.34 6.89 30.76
N PRO A 514 -1.29 8.05 31.45
CA PRO A 514 -0.85 8.06 32.85
C PRO A 514 -1.75 7.27 33.80
N GLU A 515 -2.98 6.99 33.39
CA GLU A 515 -3.94 6.33 34.27
C GLU A 515 -4.17 4.86 33.92
N GLN A 516 -3.47 4.38 32.89
CA GLN A 516 -3.70 3.03 32.38
C GLN A 516 -2.41 2.31 32.02
N ALA A 517 -1.30 2.73 32.61
CA ALA A 517 -0.01 2.13 32.30
C ALA A 517 0.22 0.87 33.12
N LEU A 518 0.51 -0.23 32.44
CA LEU A 518 0.86 -1.49 33.09
C LEU A 518 2.36 -1.47 33.36
N LEU A 519 2.72 -1.10 34.59
CA LEU A 519 4.12 -0.95 34.99
C LEU A 519 4.49 -2.02 36.01
N ARG A 520 5.76 -2.02 36.41
CA ARG A 520 6.27 -2.97 37.40
C ARG A 520 7.18 -2.30 38.42
N ARG A 521 6.66 -2.07 39.62
CA ARG A 521 7.42 -1.44 40.70
C ARG A 521 8.07 -2.48 41.59
N HIS A 522 8.93 -2.03 42.49
CA HIS A 522 9.58 -2.90 43.45
C HIS A 522 9.81 -2.14 44.76
N PRO A 523 9.00 -2.44 45.79
CA PRO A 523 9.14 -1.67 47.04
C PRO A 523 10.47 -1.93 47.74
N PRO A 524 10.85 -1.04 48.67
CA PRO A 524 12.06 -1.24 49.47
C PRO A 524 11.89 -2.36 50.49
N PRO A 525 12.97 -2.76 51.17
CA PRO A 525 12.89 -3.82 52.18
C PRO A 525 12.08 -3.41 53.41
N GLN A 526 11.64 -4.39 54.19
CA GLN A 526 10.92 -4.12 55.42
C GLN A 526 11.86 -3.52 56.46
N THR A 527 11.45 -2.40 57.04
CA THR A 527 12.30 -1.64 57.95
C THR A 527 12.79 -2.46 59.14
N LYS A 528 11.86 -3.12 59.82
CA LYS A 528 12.19 -3.84 61.05
C LYS A 528 13.14 -4.99 60.78
N MET A 529 12.84 -5.79 59.76
CA MET A 529 13.68 -6.92 59.40
C MET A 529 15.11 -6.47 59.07
N LEU A 530 15.21 -5.49 58.17
CA LEU A 530 16.51 -5.01 57.72
C LEU A 530 17.31 -4.40 58.86
N SER A 531 16.66 -3.59 59.68
CA SER A 531 17.32 -2.94 60.80
C SER A 531 17.87 -3.99 61.77
N ASP A 532 17.12 -5.05 61.99
CA ASP A 532 17.55 -6.14 62.85
C ASP A 532 18.74 -6.88 62.24
N LEU A 533 18.72 -7.01 60.91
CA LEU A 533 19.80 -7.70 60.22
C LEU A 533 21.09 -6.88 60.26
N VAL A 534 20.97 -5.56 60.09
CA VAL A 534 22.13 -4.68 60.17
C VAL A 534 22.78 -4.77 61.55
N GLU A 535 21.95 -4.80 62.59
CA GLU A 535 22.42 -4.96 63.96
C GLU A 535 23.22 -6.25 64.09
N PHE A 536 22.69 -7.33 63.55
CA PHE A 536 23.37 -8.62 63.58
C PHE A 536 24.71 -8.54 62.89
N CYS A 537 24.77 -7.79 61.80
CA CYS A 537 25.98 -7.63 61.03
C CYS A 537 26.98 -6.73 61.72
N ASP A 538 26.51 -5.91 62.67
CA ASP A 538 27.41 -5.09 63.45
C ASP A 538 28.31 -6.01 64.26
N GLN A 539 27.72 -7.08 64.77
CA GLN A 539 28.49 -8.19 65.34
C GLN A 539 29.19 -8.92 64.21
N MET A 540 29.97 -9.94 64.55
CA MET A 540 30.69 -10.72 63.55
C MET A 540 31.75 -9.87 62.84
N GLY A 541 31.94 -8.63 63.31
CA GLY A 541 32.90 -7.72 62.72
C GLY A 541 32.64 -7.43 61.25
N LEU A 542 31.41 -7.02 60.94
CA LEU A 542 31.01 -6.77 59.56
C LEU A 542 30.10 -5.55 59.43
N PRO A 543 30.63 -4.36 59.75
CA PRO A 543 29.83 -3.15 59.54
C PRO A 543 29.40 -2.99 58.08
N MET A 544 28.17 -2.57 57.86
CA MET A 544 27.62 -2.45 56.51
C MET A 544 26.67 -1.26 56.38
N ASP A 545 26.77 -0.56 55.25
CA ASP A 545 25.87 0.54 54.93
C ASP A 545 24.72 0.03 54.09
N VAL A 546 23.50 0.31 54.55
CA VAL A 546 22.30 -0.16 53.87
C VAL A 546 21.27 0.96 53.81
N SER A 547 21.76 2.17 53.54
CA SER A 547 20.89 3.34 53.46
C SER A 547 20.13 3.34 52.13
N SER A 548 20.52 2.46 51.23
CA SER A 548 19.91 2.40 49.90
C SER A 548 20.28 1.10 49.20
N ALA A 549 19.65 0.87 48.05
CA ALA A 549 19.95 -0.31 47.24
C ALA A 549 21.42 -0.31 46.83
N GLY A 550 21.90 0.86 46.38
CA GLY A 550 23.27 1.01 45.93
C GLY A 550 24.28 0.83 47.05
N ALA A 551 23.96 1.38 48.22
CA ALA A 551 24.84 1.29 49.38
C ALA A 551 25.07 -0.17 49.78
N LEU A 552 24.01 -0.96 49.71
CA LEU A 552 24.07 -2.37 50.05
C LEU A 552 24.91 -3.14 49.04
N ASN A 553 24.70 -2.84 47.76
CA ASN A 553 25.41 -3.54 46.69
C ASN A 553 26.92 -3.42 46.85
N LYS A 554 27.39 -2.24 47.23
CA LYS A 554 28.82 -2.03 47.42
C LYS A 554 29.31 -2.81 48.64
N SER A 555 28.43 -2.96 49.62
CA SER A 555 28.78 -3.66 50.85
C SER A 555 28.95 -5.15 50.56
N LEU A 556 28.12 -5.69 49.68
CA LEU A 556 28.15 -7.12 49.36
C LEU A 556 29.23 -7.45 48.33
N THR A 557 30.00 -6.44 47.93
CA THR A 557 31.13 -6.64 47.03
C THR A 557 32.37 -6.03 47.67
N LYS A 558 32.27 -5.71 48.96
CA LYS A 558 33.37 -5.15 49.72
C LYS A 558 33.91 -6.22 50.64
N THR A 559 34.85 -7.01 50.14
CA THR A 559 35.47 -8.07 50.90
C THR A 559 36.97 -8.09 50.65
N PHE A 560 37.68 -8.97 51.34
CA PHE A 560 39.10 -9.17 51.10
C PHE A 560 39.28 -9.65 49.66
N GLY A 561 38.23 -10.30 49.14
CA GLY A 561 38.21 -10.79 47.77
C GLY A 561 39.23 -11.88 47.50
N ASP A 562 39.23 -12.36 46.26
CA ASP A 562 40.19 -13.37 45.79
C ASP A 562 39.90 -14.77 46.32
N ASP A 563 39.80 -14.92 47.64
CA ASP A 563 39.79 -16.24 48.26
C ASP A 563 38.38 -16.82 48.39
N LYS A 564 38.30 -18.13 48.51
CA LYS A 564 37.02 -18.83 48.56
C LYS A 564 36.23 -18.49 49.83
N TYR A 565 36.93 -18.05 50.87
CA TYR A 565 36.29 -17.71 52.13
C TYR A 565 35.45 -16.44 52.00
N SER A 566 36.06 -15.37 51.51
CA SER A 566 35.37 -14.10 51.34
C SER A 566 34.27 -14.22 50.29
N LEU A 567 34.50 -15.05 49.29
CA LEU A 567 33.48 -15.34 48.29
C LEU A 567 32.34 -16.12 48.92
N ALA A 568 32.68 -17.07 49.79
CA ALA A 568 31.67 -17.84 50.50
C ALA A 568 30.86 -16.94 51.42
N ARG A 569 31.54 -16.05 52.13
CA ARG A 569 30.88 -15.10 53.03
C ARG A 569 29.97 -14.17 52.24
N LYS A 570 30.40 -13.83 51.02
CA LYS A 570 29.60 -12.99 50.12
C LYS A 570 28.28 -13.66 49.80
N GLU A 571 28.33 -14.93 49.46
CA GLU A 571 27.13 -15.68 49.10
C GLU A 571 26.18 -15.81 50.28
N VAL A 572 26.74 -16.01 51.47
CA VAL A 572 25.94 -16.15 52.68
C VAL A 572 25.21 -14.85 52.98
N LEU A 573 25.93 -13.74 52.85
CA LEU A 573 25.35 -12.43 53.12
C LEU A 573 24.33 -12.08 52.06
N THR A 574 24.55 -12.54 50.83
CA THR A 574 23.57 -12.34 49.76
C THR A 574 22.25 -12.97 50.17
N ASN A 575 22.33 -14.20 50.68
CA ASN A 575 21.14 -14.91 51.16
C ASN A 575 20.44 -14.13 52.26
N MET A 576 21.19 -13.84 53.32
CA MET A 576 20.63 -13.21 54.52
C MET A 576 19.89 -11.91 54.18
N TYR A 577 20.45 -11.13 53.27
CA TYR A 577 19.87 -9.83 52.92
C TYR A 577 18.73 -9.98 51.90
N SER A 578 18.36 -11.21 51.56
CA SER A 578 17.23 -11.43 50.67
C SER A 578 15.91 -11.52 51.44
N ARG A 579 15.99 -11.87 52.72
CA ARG A 579 14.78 -12.03 53.52
C ARG A 579 13.99 -10.73 53.61
N PRO A 580 14.65 -9.61 53.98
CA PRO A 580 13.88 -8.37 54.16
C PRO A 580 13.33 -7.83 52.84
N MET A 581 13.87 -8.32 51.73
CA MET A 581 13.46 -7.84 50.41
C MET A 581 12.02 -8.24 50.10
N GLN A 582 11.30 -7.36 49.43
CA GLN A 582 9.93 -7.61 49.02
C GLN A 582 9.84 -7.93 47.53
N MET A 583 8.81 -8.65 47.14
CA MET A 583 8.62 -9.03 45.75
C MET A 583 8.28 -7.81 44.91
N ALA A 584 8.67 -7.84 43.64
CA ALA A 584 8.29 -6.80 42.68
C ALA A 584 6.86 -7.05 42.21
N LEU A 585 6.14 -5.97 41.92
CA LEU A 585 4.71 -6.04 41.62
C LEU A 585 4.34 -5.37 40.31
N TYR A 586 3.53 -6.05 39.50
CA TYR A 586 2.84 -5.38 38.39
C TYR A 586 1.76 -4.51 39.01
N PHE A 587 1.44 -3.40 38.36
CA PHE A 587 0.40 -2.51 38.88
C PHE A 587 -0.14 -1.57 37.82
N CYS A 588 -1.39 -1.18 37.98
CA CYS A 588 -1.99 -0.17 37.13
C CYS A 588 -1.58 1.20 37.64
N SER A 589 -1.17 2.06 36.72
CA SER A 589 -0.68 3.38 37.09
C SER A 589 -1.74 4.19 37.83
N GLY A 590 -2.93 4.25 37.27
CA GLY A 590 -4.00 5.05 37.84
C GLY A 590 -4.50 4.59 39.19
N MET A 591 -4.15 3.36 39.57
CA MET A 591 -4.63 2.76 40.82
C MET A 591 -3.72 3.06 42.01
N LEU A 592 -2.53 3.57 41.73
CA LEU A 592 -1.59 3.94 42.79
C LEU A 592 -1.39 5.45 42.83
N GLN A 593 -1.64 6.04 43.99
CA GLN A 593 -1.62 7.50 44.15
C GLN A 593 -0.19 8.06 44.09
N ASP A 594 0.58 7.80 45.15
CA ASP A 594 1.93 8.34 45.28
C ASP A 594 2.84 7.79 44.19
N GLN A 595 3.31 8.66 43.31
CA GLN A 595 4.17 8.24 42.21
C GLN A 595 5.57 7.90 42.71
N GLU A 596 5.87 8.27 43.96
CA GLU A 596 7.15 7.95 44.55
C GLU A 596 7.26 6.45 44.82
N GLN A 597 6.12 5.77 44.81
CA GLN A 597 6.08 4.32 45.03
C GLN A 597 6.17 3.54 43.73
N PHE A 598 6.17 4.26 42.60
CA PHE A 598 6.34 3.63 41.30
C PHE A 598 7.77 3.09 41.14
N ARG A 599 8.67 3.56 42.01
CA ARG A 599 10.08 3.23 41.90
C ARG A 599 10.35 1.73 41.99
N HIS A 600 11.43 1.32 41.33
CA HIS A 600 11.94 -0.04 41.44
C HIS A 600 13.17 0.01 42.33
N TYR A 601 13.03 -0.49 43.56
CA TYR A 601 14.07 -0.35 44.57
C TYR A 601 15.44 -0.83 44.11
N ALA A 602 15.51 -2.07 43.64
CA ALA A 602 16.78 -2.70 43.30
C ALA A 602 17.42 -2.07 42.06
N LEU A 603 16.60 -1.82 41.03
CA LEU A 603 17.10 -1.18 39.82
C LEU A 603 17.37 0.29 40.07
N ASN A 604 16.69 0.84 41.08
CA ASN A 604 16.80 2.25 41.43
C ASN A 604 16.43 3.14 40.26
N VAL A 605 15.22 2.93 39.75
CA VAL A 605 14.68 3.73 38.65
C VAL A 605 13.25 4.13 38.99
N PRO A 606 12.79 5.27 38.43
CA PRO A 606 11.46 5.77 38.77
C PRO A 606 10.32 5.04 38.05
N LEU A 607 10.65 4.36 36.96
CA LEU A 607 9.65 3.67 36.16
C LEU A 607 10.19 2.39 35.55
N TYR A 608 9.35 1.37 35.46
CA TYR A 608 9.75 0.12 34.83
C TYR A 608 8.54 -0.75 34.49
N THR A 609 8.70 -1.61 33.49
CA THR A 609 7.65 -2.55 33.08
C THR A 609 8.28 -3.72 32.32
N HIS A 610 7.47 -4.72 31.98
CA HIS A 610 7.93 -5.84 31.17
C HIS A 610 7.31 -5.76 29.79
N PHE A 611 8.15 -5.89 28.77
CA PHE A 611 7.72 -5.68 27.38
C PHE A 611 8.42 -6.63 26.42
N THR A 612 9.59 -7.12 26.81
CA THR A 612 10.48 -7.83 25.90
C THR A 612 10.23 -9.33 25.77
N SER A 613 9.18 -9.84 26.42
CA SER A 613 8.93 -11.29 26.42
C SER A 613 7.45 -11.64 26.40
N PRO A 614 6.75 -11.25 25.34
CA PRO A 614 5.30 -11.45 25.20
C PRO A 614 4.90 -12.88 24.85
N ILE A 615 5.84 -13.71 24.40
CA ILE A 615 5.51 -15.09 24.08
C ILE A 615 5.27 -15.90 25.35
N ARG A 616 6.01 -15.57 26.40
CA ARG A 616 6.02 -16.34 27.64
C ARG A 616 5.50 -15.56 28.85
N ARG A 617 4.89 -14.41 28.60
CA ARG A 617 4.48 -13.53 29.69
C ARG A 617 3.36 -12.59 29.24
N PHE A 618 2.24 -12.60 29.95
CA PHE A 618 1.05 -11.88 29.50
C PHE A 618 1.17 -10.39 29.80
N ALA A 619 1.89 -10.05 30.86
CA ALA A 619 2.09 -8.66 31.22
C ALA A 619 2.65 -7.90 30.03
N ASP A 620 3.58 -8.53 29.31
CA ASP A 620 4.19 -7.92 28.14
C ASP A 620 3.18 -7.74 27.02
N VAL A 621 2.25 -8.68 26.92
CA VAL A 621 1.23 -8.62 25.87
C VAL A 621 0.36 -7.40 26.05
N ILE A 622 -0.03 -7.10 27.29
CA ILE A 622 -0.84 -5.93 27.58
C ILE A 622 -0.06 -4.66 27.27
N VAL A 623 1.23 -4.66 27.60
CA VAL A 623 2.08 -3.51 27.32
C VAL A 623 2.19 -3.29 25.81
N HIS A 624 2.31 -4.38 25.05
CA HIS A 624 2.35 -4.30 23.60
C HIS A 624 1.07 -3.64 23.08
N ARG A 625 -0.07 -4.04 23.63
CA ARG A 625 -1.33 -3.47 23.21
C ARG A 625 -1.41 -1.99 23.58
N LEU A 626 -0.81 -1.65 24.72
CA LEU A 626 -0.77 -0.27 25.17
C LEU A 626 0.16 0.55 24.29
N LEU A 627 1.34 0.02 24.03
CA LEU A 627 2.31 0.69 23.17
C LEU A 627 1.74 0.81 21.77
N ALA A 628 1.02 -0.21 21.34
CA ALA A 628 0.37 -0.19 20.03
C ALA A 628 -0.59 0.99 19.93
N ALA A 629 -1.35 1.22 21.00
CA ALA A 629 -2.30 2.31 21.05
C ALA A 629 -1.60 3.66 21.16
N ALA A 630 -0.43 3.65 21.78
CA ALA A 630 0.34 4.88 21.96
C ALA A 630 0.88 5.39 20.62
N LEU A 631 1.10 4.47 19.68
CA LEU A 631 1.61 4.82 18.36
C LEU A 631 0.48 5.03 17.36
N GLY A 632 -0.75 4.72 17.79
CA GLY A 632 -1.91 4.92 16.95
C GLY A 632 -2.23 3.77 16.02
N TYR A 633 -1.76 2.57 16.38
CA TYR A 633 -2.10 1.37 15.61
C TYR A 633 -3.49 0.87 15.99
N SER A 634 -3.99 1.32 17.14
CA SER A 634 -5.33 0.97 17.59
C SER A 634 -6.01 2.16 18.27
N GLU A 635 -7.29 2.00 18.59
CA GLU A 635 -8.06 3.07 19.19
C GLU A 635 -7.57 3.39 20.61
N GLN A 636 -8.09 4.48 21.15
CA GLN A 636 -7.84 4.85 22.55
C GLN A 636 -8.19 3.69 23.47
N PRO A 637 -7.30 3.33 24.41
CA PRO A 637 -7.61 2.22 25.32
C PRO A 637 -8.80 2.53 26.22
N ASP A 638 -9.87 1.74 26.08
CA ASP A 638 -11.10 1.97 26.85
C ASP A 638 -11.22 1.06 28.07
N VAL A 639 -10.08 0.70 28.67
CA VAL A 639 -10.08 -0.18 29.83
C VAL A 639 -10.04 0.63 31.12
N GLU A 640 -10.86 0.22 32.10
CA GLU A 640 -10.88 0.86 33.39
C GLU A 640 -9.61 0.50 34.17
N PRO A 641 -9.07 1.44 34.95
CA PRO A 641 -7.90 1.12 35.79
C PRO A 641 -8.18 -0.03 36.73
N ASP A 642 -9.43 -0.16 37.17
CA ASP A 642 -9.83 -1.24 38.05
C ASP A 642 -9.59 -2.59 37.38
N THR A 643 -10.11 -2.74 36.16
CA THR A 643 -9.95 -3.97 35.40
C THR A 643 -8.48 -4.31 35.15
N LEU A 644 -7.70 -3.28 34.86
CA LEU A 644 -6.29 -3.48 34.53
C LEU A 644 -5.49 -3.92 35.74
N GLN A 645 -5.89 -3.47 36.91
CA GLN A 645 -5.24 -3.87 38.15
C GLN A 645 -5.51 -5.35 38.43
N LYS A 646 -6.73 -5.79 38.09
CA LYS A 646 -7.11 -7.19 38.28
C LYS A 646 -6.19 -8.10 37.46
N GLN A 647 -5.91 -7.69 36.24
CA GLN A 647 -4.99 -8.42 35.38
C GLN A 647 -3.61 -8.45 36.01
N ALA A 648 -3.19 -7.30 36.54
CA ALA A 648 -1.88 -7.17 37.16
C ALA A 648 -1.79 -8.05 38.41
N ASP A 649 -2.85 -8.02 39.23
CA ASP A 649 -2.90 -8.83 40.43
C ASP A 649 -2.73 -10.30 40.11
N HIS A 650 -3.48 -10.77 39.12
CA HIS A 650 -3.43 -12.16 38.70
C HIS A 650 -2.05 -12.49 38.13
N CYS A 651 -1.49 -11.54 37.38
CA CYS A 651 -0.16 -11.72 36.82
C CYS A 651 0.87 -11.89 37.92
N ASN A 652 0.74 -11.10 38.97
CA ASN A 652 1.63 -11.21 40.12
C ASN A 652 1.48 -12.57 40.78
N ASP A 653 0.22 -13.00 40.95
CA ASP A 653 -0.07 -14.26 41.60
C ASP A 653 0.55 -15.44 40.87
N ARG A 654 0.37 -15.51 39.56
CA ARG A 654 0.91 -16.61 38.78
C ARG A 654 2.42 -16.49 38.65
N ARG A 655 2.95 -15.28 38.72
CA ARG A 655 4.39 -15.08 38.55
C ARG A 655 5.15 -15.67 39.73
N MET A 656 4.71 -15.34 40.95
CA MET A 656 5.34 -15.88 42.15
C MET A 656 5.09 -17.38 42.23
N ALA A 657 3.86 -17.78 41.96
CA ALA A 657 3.52 -19.21 41.96
C ALA A 657 4.40 -19.96 40.98
N SER A 658 4.71 -19.33 39.85
CA SER A 658 5.57 -19.94 38.85
C SER A 658 6.98 -20.09 39.39
N LYS A 659 7.42 -19.12 40.19
CA LYS A 659 8.77 -19.16 40.71
C LYS A 659 8.92 -20.30 41.71
N ARG A 660 7.90 -20.53 42.53
CA ARG A 660 7.93 -21.61 43.52
C ARG A 660 8.03 -22.95 42.81
N VAL A 661 7.28 -23.10 41.74
CA VAL A 661 7.29 -24.33 40.96
C VAL A 661 8.64 -24.57 40.32
N GLN A 662 9.20 -23.53 39.71
CA GLN A 662 10.48 -23.64 39.03
C GLN A 662 11.58 -23.98 40.03
N GLU A 663 11.46 -23.44 41.24
CA GLU A 663 12.42 -23.72 42.31
C GLU A 663 12.24 -25.16 42.82
N LEU A 664 11.00 -25.53 43.06
CA LEU A 664 10.68 -26.88 43.52
C LEU A 664 11.15 -27.91 42.50
N SER A 665 11.07 -27.57 41.22
CA SER A 665 11.53 -28.46 40.16
C SER A 665 13.03 -28.72 40.31
N ILE A 666 13.78 -27.64 40.55
CA ILE A 666 15.21 -27.74 40.76
C ILE A 666 15.47 -28.59 41.99
N GLY A 667 14.74 -28.31 43.07
CA GLY A 667 14.90 -29.04 44.32
C GLY A 667 14.65 -30.52 44.12
N LEU A 668 13.65 -30.83 43.31
CA LEU A 668 13.30 -32.21 43.01
C LEU A 668 14.47 -32.94 42.36
N PHE A 669 15.05 -32.32 41.34
CA PHE A 669 16.09 -32.97 40.57
C PHE A 669 17.36 -33.13 41.39
N PHE A 670 17.61 -32.19 42.29
CA PHE A 670 18.81 -32.28 43.12
C PHE A 670 18.65 -33.39 44.13
N ALA A 671 17.47 -33.49 44.73
CA ALA A 671 17.17 -34.56 45.67
C ALA A 671 17.42 -35.91 45.00
N VAL A 672 16.88 -36.07 43.79
CA VAL A 672 17.07 -37.29 43.02
C VAL A 672 18.54 -37.48 42.69
N LEU A 673 19.23 -36.39 42.36
CA LEU A 673 20.64 -36.46 42.02
C LEU A 673 21.44 -36.95 43.22
N VAL A 674 21.12 -36.43 44.39
CA VAL A 674 21.80 -36.86 45.62
C VAL A 674 21.55 -38.34 45.85
N LYS A 675 20.32 -38.78 45.58
CA LYS A 675 19.92 -40.15 45.84
C LYS A 675 20.64 -41.12 44.90
N GLU A 676 20.76 -40.74 43.63
CA GLU A 676 21.32 -41.63 42.61
C GLU A 676 22.84 -41.55 42.50
N SER A 677 23.41 -40.39 42.78
CA SER A 677 24.85 -40.20 42.65
C SER A 677 25.56 -40.31 44.00
N GLY A 678 25.07 -41.21 44.84
CA GLY A 678 25.70 -41.47 46.12
C GLY A 678 25.85 -40.23 46.96
N PRO A 679 26.70 -40.29 47.99
CA PRO A 679 26.97 -39.10 48.81
C PRO A 679 27.76 -38.07 48.02
N LEU A 680 27.37 -36.80 48.15
CA LEU A 680 28.03 -35.72 47.42
C LEU A 680 28.77 -34.80 48.39
N GLU A 681 30.08 -34.65 48.16
CA GLU A 681 30.90 -33.77 48.98
C GLU A 681 30.75 -32.33 48.53
N SER A 682 31.02 -31.41 49.45
CA SER A 682 31.01 -29.98 49.14
C SER A 682 31.47 -29.14 50.33
N GLU A 683 32.06 -27.99 50.04
CA GLU A 683 32.36 -27.02 51.07
C GLU A 683 31.10 -26.23 51.37
N ALA A 684 30.95 -25.81 52.63
CA ALA A 684 29.78 -25.07 53.07
C ALA A 684 30.19 -24.02 54.07
N MET A 685 29.33 -23.02 54.27
CA MET A 685 29.59 -21.97 55.25
C MET A 685 28.45 -21.89 56.25
N VAL A 686 28.81 -21.70 57.52
CA VAL A 686 27.83 -21.64 58.60
C VAL A 686 27.06 -20.33 58.57
N MET A 687 25.74 -20.44 58.62
CA MET A 687 24.86 -19.27 58.60
C MET A 687 24.38 -18.92 60.00
N GLY A 688 23.98 -19.94 60.74
CA GLY A 688 23.53 -19.78 62.11
C GLY A 688 24.07 -20.88 62.98
N VAL A 689 24.00 -20.70 64.30
CA VAL A 689 24.45 -21.70 65.26
C VAL A 689 23.52 -21.78 66.46
N LEU A 690 22.96 -22.97 66.70
CA LEU A 690 22.09 -23.20 67.85
C LEU A 690 22.84 -24.01 68.92
N ASN A 691 22.12 -24.43 69.96
CA ASN A 691 22.74 -25.15 71.08
C ASN A 691 22.89 -26.65 70.82
N GLN A 692 22.30 -27.14 69.74
CA GLN A 692 22.41 -28.56 69.38
C GLN A 692 22.50 -28.78 67.87
N ALA A 693 22.65 -27.70 67.13
CA ALA A 693 22.75 -27.77 65.68
C ALA A 693 23.31 -26.48 65.10
N PHE A 694 23.47 -26.44 63.78
CA PHE A 694 23.88 -25.22 63.08
C PHE A 694 23.54 -25.31 61.60
N ASP A 695 23.11 -24.18 61.03
CA ASP A 695 22.71 -24.11 59.63
C ASP A 695 23.89 -23.78 58.73
N VAL A 696 23.92 -24.40 57.56
CA VAL A 696 25.01 -24.19 56.62
C VAL A 696 24.53 -23.99 55.18
N LEU A 697 25.23 -23.12 54.47
CA LEU A 697 24.99 -22.90 53.05
C LEU A 697 25.99 -23.75 52.27
N VAL A 698 25.50 -24.78 51.59
CA VAL A 698 26.36 -25.69 50.84
C VAL A 698 26.76 -25.02 49.52
N LEU A 699 28.05 -24.71 49.38
CA LEU A 699 28.55 -23.85 48.32
C LEU A 699 28.44 -24.42 46.90
N ARG A 700 28.69 -25.71 46.73
CA ARG A 700 28.67 -26.31 45.39
C ARG A 700 27.26 -26.36 44.78
N PHE A 701 26.23 -26.17 45.60
CA PHE A 701 24.85 -26.38 45.18
C PHE A 701 23.89 -25.27 45.59
N GLY A 702 24.31 -24.41 46.51
CA GLY A 702 23.49 -23.30 46.91
C GLY A 702 22.27 -23.71 47.73
N VAL A 703 22.33 -24.88 48.34
CA VAL A 703 21.25 -25.37 49.19
C VAL A 703 21.55 -25.09 50.67
N GLN A 704 20.50 -24.88 51.45
CA GLN A 704 20.62 -24.71 52.89
C GLN A 704 20.19 -25.95 53.63
N LYS A 705 21.06 -26.45 54.50
CA LYS A 705 20.77 -27.62 55.29
C LYS A 705 21.18 -27.40 56.74
N ARG A 706 20.47 -28.05 57.65
CA ARG A 706 20.80 -28.00 59.07
C ARG A 706 21.55 -29.25 59.47
N ILE A 707 22.67 -29.07 60.15
CA ILE A 707 23.46 -30.19 60.65
C ILE A 707 23.23 -30.33 62.15
N TYR A 708 22.76 -31.51 62.56
CA TYR A 708 22.46 -31.79 63.96
C TYR A 708 23.62 -32.53 64.61
N CYS A 709 23.90 -32.19 65.87
CA CYS A 709 24.98 -32.82 66.61
C CYS A 709 24.66 -34.28 66.91
N ASN A 710 23.38 -34.62 66.89
CA ASN A 710 22.95 -36.01 67.11
C ASN A 710 23.50 -36.93 66.05
N ALA A 711 23.45 -36.45 64.80
CA ALA A 711 23.83 -37.26 63.65
C ALA A 711 25.35 -37.41 63.51
N LEU A 712 26.10 -36.61 64.25
CA LEU A 712 27.55 -36.61 64.13
C LEU A 712 28.21 -37.51 65.17
N ALA A 713 29.24 -38.24 64.77
CA ALA A 713 29.93 -39.16 65.67
C ALA A 713 30.76 -38.41 66.69
N LEU A 714 30.08 -37.70 67.58
CA LEU A 714 30.73 -36.91 68.62
C LEU A 714 30.75 -37.65 69.95
N ARG A 715 31.76 -37.38 70.76
CA ARG A 715 31.81 -37.91 72.12
C ARG A 715 31.25 -36.86 73.08
N SER A 716 31.32 -35.59 72.67
CA SER A 716 30.71 -34.50 73.41
C SER A 716 30.66 -33.24 72.54
N TYR A 717 29.83 -32.29 72.93
CA TYR A 717 29.83 -30.96 72.30
C TYR A 717 29.30 -29.93 73.28
N SER A 718 29.91 -28.74 73.26
CA SER A 718 29.55 -27.65 74.16
C SER A 718 29.05 -26.44 73.40
N PHE A 719 28.17 -25.67 74.03
CA PHE A 719 27.63 -24.45 73.44
C PHE A 719 27.81 -23.26 74.37
N GLN A 720 28.50 -22.24 73.88
CA GLN A 720 28.71 -21.02 74.65
C GLN A 720 28.38 -19.83 73.75
N LYS A 721 27.69 -18.84 74.32
CA LYS A 721 27.21 -17.70 73.55
C LYS A 721 27.93 -16.41 73.89
N VAL A 722 28.93 -16.51 74.77
CA VAL A 722 29.72 -15.34 75.14
C VAL A 722 30.48 -14.84 73.92
N GLY A 723 30.83 -13.56 73.93
CA GLY A 723 31.47 -12.93 72.79
C GLY A 723 30.42 -12.48 71.80
N LYS A 724 29.21 -12.25 72.29
CA LYS A 724 28.08 -11.75 71.50
C LYS A 724 27.54 -12.79 70.51
N LYS A 725 28.43 -13.41 69.73
CA LYS A 725 28.03 -14.37 68.72
C LYS A 725 28.06 -15.81 69.24
N PRO A 726 27.16 -16.67 68.73
CA PRO A 726 27.09 -18.06 69.19
C PRO A 726 28.22 -18.93 68.64
N GLU A 727 28.76 -19.80 69.49
CA GLU A 727 29.83 -20.71 69.09
C GLU A 727 29.54 -22.14 69.54
N LEU A 728 29.90 -23.09 68.69
CA LEU A 728 29.65 -24.50 68.95
C LEU A 728 30.96 -25.29 68.91
N THR A 729 31.36 -25.81 70.06
CA THR A 729 32.60 -26.58 70.16
C THR A 729 32.32 -28.07 70.07
N LEU A 730 32.97 -28.74 69.10
CA LEU A 730 32.78 -30.18 68.88
C LEU A 730 34.02 -30.99 69.23
N VAL A 731 33.80 -32.16 69.82
CA VAL A 731 34.86 -33.12 70.10
C VAL A 731 34.59 -34.42 69.34
N TRP A 732 35.47 -34.75 68.40
CA TRP A 732 35.27 -35.93 67.56
C TRP A 732 35.71 -37.21 68.26
N GLU A 733 34.84 -38.22 68.20
CA GLU A 733 35.16 -39.55 68.70
C GLU A 733 35.97 -40.31 67.65
N PRO A 734 37.23 -40.65 67.97
CA PRO A 734 38.00 -41.37 66.96
C PRO A 734 37.47 -42.79 66.73
N ASP A 735 37.67 -43.32 65.53
CA ASP A 735 37.18 -44.65 65.18
C ASP A 735 38.08 -45.72 65.78
N ASP A 736 39.25 -45.30 66.25
CA ASP A 736 40.21 -46.23 66.81
C ASP A 736 40.81 -45.67 68.10
N LEU A 737 41.37 -46.56 68.92
CA LEU A 737 41.99 -46.16 70.16
C LEU A 737 43.34 -45.49 69.92
N GLU A 738 43.89 -45.69 68.72
CA GLU A 738 45.18 -45.09 68.38
C GLU A 738 45.06 -43.59 68.13
N GLU A 739 44.00 -43.18 67.46
CA GLU A 739 43.78 -41.77 67.17
C GLU A 739 43.27 -41.04 68.40
N GLU A 740 43.84 -39.87 68.67
CA GLU A 740 43.36 -39.02 69.75
C GLU A 740 42.15 -38.21 69.29
N PRO A 741 41.22 -37.91 70.21
CA PRO A 741 40.03 -37.13 69.85
C PRO A 741 40.37 -35.73 69.36
N THR A 742 39.94 -35.39 68.15
CA THR A 742 40.21 -34.08 67.56
C THR A 742 39.09 -33.09 67.86
N GLN A 743 39.46 -31.83 68.05
CA GLN A 743 38.51 -30.79 68.39
C GLN A 743 38.20 -29.93 67.15
N GLN A 744 37.06 -29.23 67.19
CA GLN A 744 36.67 -28.38 66.07
C GLN A 744 35.63 -27.35 66.50
N VAL A 745 36.01 -26.08 66.50
CA VAL A 745 35.10 -25.01 66.88
C VAL A 745 34.31 -24.54 65.67
N ILE A 746 32.99 -24.44 65.82
CA ILE A 746 32.12 -23.99 64.73
C ILE A 746 31.43 -22.69 65.10
N THR A 747 31.74 -21.64 64.36
CA THR A 747 31.09 -20.35 64.55
C THR A 747 30.50 -19.91 63.21
N ILE A 748 29.77 -18.79 63.21
CA ILE A 748 29.15 -18.32 61.99
C ILE A 748 30.23 -17.91 60.99
N PHE A 749 29.93 -18.09 59.71
CA PHE A 749 30.86 -17.82 58.61
C PHE A 749 32.06 -18.75 58.63
N SER A 750 31.90 -19.91 59.25
CA SER A 750 32.96 -20.92 59.27
C SER A 750 32.91 -21.76 58.01
N LEU A 751 34.07 -21.94 57.39
CA LEU A 751 34.18 -22.79 56.21
C LEU A 751 34.42 -24.23 56.64
N VAL A 752 33.53 -25.13 56.22
CA VAL A 752 33.60 -26.55 56.59
C VAL A 752 33.31 -27.45 55.39
N ASP A 753 33.63 -28.73 55.54
CA ASP A 753 33.27 -29.74 54.54
C ASP A 753 32.01 -30.47 54.97
N VAL A 754 31.14 -30.79 54.01
CA VAL A 754 29.92 -31.53 54.30
C VAL A 754 29.65 -32.58 53.25
N VAL A 755 28.84 -33.57 53.60
CA VAL A 755 28.41 -34.58 52.64
C VAL A 755 26.90 -34.77 52.72
N LEU A 756 26.27 -34.84 51.56
CA LEU A 756 24.82 -35.00 51.47
C LEU A 756 24.45 -36.43 51.13
N GLN A 757 23.80 -37.10 52.07
CA GLN A 757 23.32 -38.47 51.87
C GLN A 757 21.81 -38.49 51.85
N ALA A 758 21.27 -39.33 50.97
CA ALA A 758 19.82 -39.51 50.89
C ALA A 758 19.33 -40.30 52.08
N GLU A 759 18.24 -39.83 52.69
CA GLU A 759 17.60 -40.55 53.77
C GLU A 759 16.66 -41.61 53.22
N ALA A 760 15.93 -42.28 54.10
CA ALA A 760 14.99 -43.31 53.68
C ALA A 760 13.79 -42.69 53.00
N THR A 761 13.35 -41.55 53.51
CA THR A 761 12.20 -40.84 52.96
C THR A 761 12.49 -40.34 51.55
N ALA A 762 11.43 -40.24 50.74
CA ALA A 762 11.57 -39.77 49.36
C ALA A 762 11.96 -38.30 49.31
N LEU A 763 12.92 -38.00 48.44
CA LEU A 763 13.39 -36.63 48.21
C LEU A 763 13.99 -35.99 49.46
N LYS A 764 14.27 -36.81 50.47
CA LYS A 764 14.87 -36.31 51.71
C LYS A 764 16.33 -36.72 51.76
N TYR A 765 17.16 -35.77 52.16
CA TYR A 765 18.58 -36.02 52.35
C TYR A 765 19.07 -35.17 53.52
N SER A 766 20.12 -35.63 54.17
CA SER A 766 20.66 -34.94 55.33
C SER A 766 22.05 -34.40 55.03
N ALA A 767 22.54 -33.56 55.92
CA ALA A 767 23.89 -33.04 55.82
C ALA A 767 24.65 -33.35 57.10
N ILE A 768 25.90 -33.75 56.95
CA ILE A 768 26.78 -33.98 58.09
C ILE A 768 28.15 -33.37 57.80
N LEU A 769 28.98 -33.27 58.83
CA LEU A 769 30.24 -32.52 58.72
C LEU A 769 31.41 -33.36 58.22
N LYS A 770 31.14 -34.37 57.41
CA LYS A 770 32.18 -35.24 56.87
C LYS A 770 33.00 -35.88 57.98
N ILE B 13 -17.36 54.69 -47.79
CA ILE B 13 -17.17 54.49 -46.37
C ILE B 13 -18.07 53.35 -45.89
N PHE B 14 -17.68 52.69 -44.80
CA PHE B 14 -18.49 51.62 -44.21
C PHE B 14 -19.53 52.20 -43.26
N GLU B 15 -20.27 51.32 -42.59
CA GLU B 15 -21.25 51.74 -41.59
C GLU B 15 -20.67 51.54 -40.19
N THR B 16 -21.01 52.43 -39.27
CA THR B 16 -20.49 52.37 -37.92
C THR B 16 -21.14 51.23 -37.13
N TYR B 17 -20.32 50.52 -36.34
CA TYR B 17 -20.81 49.43 -35.52
C TYR B 17 -21.82 49.94 -34.50
N MET B 18 -22.69 49.04 -34.04
CA MET B 18 -23.72 49.39 -33.07
C MET B 18 -23.23 49.18 -31.64
N SER B 19 -23.98 49.70 -30.67
CA SER B 19 -23.63 49.62 -29.26
C SER B 19 -23.91 48.25 -28.66
N LYS B 20 -23.32 47.98 -27.50
CA LYS B 20 -23.58 46.74 -26.77
C LYS B 20 -25.04 46.65 -26.34
N GLU B 21 -25.56 47.75 -25.81
CA GLU B 21 -26.93 47.77 -25.30
C GLU B 21 -27.96 47.75 -26.42
N ASP B 22 -27.65 48.41 -27.52
CA ASP B 22 -28.56 48.45 -28.67
C ASP B 22 -28.69 47.07 -29.31
N VAL B 23 -27.57 46.37 -29.40
CA VAL B 23 -27.54 45.03 -29.99
C VAL B 23 -28.20 44.01 -29.07
N SER B 24 -27.81 44.01 -27.80
CA SER B 24 -28.35 43.09 -26.82
C SER B 24 -29.88 43.16 -26.75
N GLU B 25 -30.42 44.37 -26.88
CA GLU B 25 -31.88 44.55 -26.91
C GLU B 25 -32.47 43.91 -28.16
N GLY B 26 -31.80 44.10 -29.29
CA GLY B 26 -32.27 43.57 -30.57
C GLY B 26 -32.33 42.06 -30.63
N LEU B 27 -31.23 41.41 -30.24
CA LEU B 27 -31.14 39.96 -30.30
C LEU B 27 -32.19 39.26 -29.43
N LYS B 28 -32.53 39.87 -28.30
CA LYS B 28 -33.48 39.25 -27.37
C LYS B 28 -34.89 39.25 -27.93
N ARG B 29 -35.23 40.31 -28.66
CA ARG B 29 -36.58 40.50 -29.18
C ARG B 29 -36.67 40.26 -30.69
N GLY B 30 -35.58 39.81 -31.28
CA GLY B 30 -35.59 39.35 -32.66
C GLY B 30 -35.36 40.34 -33.78
N THR B 31 -35.34 41.63 -33.47
CA THR B 31 -35.12 42.63 -34.53
C THR B 31 -33.74 42.44 -35.14
N LEU B 32 -32.79 41.97 -34.34
CA LEU B 32 -31.45 41.64 -34.80
C LEU B 32 -31.23 40.12 -34.74
N ILE B 33 -30.35 39.63 -35.61
CA ILE B 33 -30.11 38.18 -35.72
C ILE B 33 -28.63 37.82 -35.54
N GLN B 34 -28.40 36.70 -34.87
CA GLN B 34 -27.05 36.19 -34.62
C GLN B 34 -26.71 35.07 -35.61
N GLY B 35 -25.42 34.82 -35.82
CA GLY B 35 -24.99 33.73 -36.67
C GLY B 35 -23.52 33.80 -37.06
N VAL B 36 -23.01 32.70 -37.61
CA VAL B 36 -21.62 32.59 -38.04
C VAL B 36 -21.47 32.96 -39.51
N LEU B 37 -20.57 33.90 -39.80
CA LEU B 37 -20.40 34.42 -41.15
C LEU B 37 -19.60 33.48 -42.07
N ARG B 38 -20.16 33.21 -43.23
CA ARG B 38 -19.48 32.50 -44.30
C ARG B 38 -19.34 33.40 -45.52
N ILE B 39 -18.13 33.51 -46.04
CA ILE B 39 -17.87 34.32 -47.23
C ILE B 39 -17.63 33.39 -48.42
N ASN B 40 -18.34 33.65 -49.51
CA ASN B 40 -18.18 32.87 -50.74
C ASN B 40 -16.77 33.05 -51.30
N PRO B 41 -15.97 31.96 -51.33
CA PRO B 41 -14.60 32.11 -51.82
C PRO B 41 -14.51 32.34 -53.33
N LYS B 42 -15.50 31.89 -54.09
CA LYS B 42 -15.49 32.06 -55.54
C LYS B 42 -16.02 33.44 -55.95
N LYS B 43 -16.93 33.99 -55.16
CA LYS B 43 -17.43 35.35 -55.37
C LYS B 43 -17.48 36.10 -54.05
N PHE B 44 -16.37 36.76 -53.70
CA PHE B 44 -16.23 37.37 -52.39
C PHE B 44 -17.21 38.51 -52.12
N HIS B 45 -17.99 38.90 -53.13
CA HIS B 45 -19.02 39.92 -52.91
C HIS B 45 -20.19 39.36 -52.13
N GLU B 46 -20.22 38.04 -51.96
CA GLU B 46 -21.34 37.36 -51.33
C GLU B 46 -20.92 36.72 -50.01
N ALA B 47 -21.69 37.03 -48.96
CA ALA B 47 -21.51 36.43 -47.65
C ALA B 47 -22.85 35.96 -47.13
N PHE B 48 -22.84 34.99 -46.23
CA PHE B 48 -24.05 34.39 -45.71
C PHE B 48 -23.92 34.11 -44.22
N ILE B 49 -25.06 33.95 -43.56
CA ILE B 49 -25.09 33.50 -42.17
C ILE B 49 -26.28 32.55 -41.98
N PRO B 50 -26.16 31.59 -41.05
CA PRO B 50 -27.28 30.68 -40.80
C PRO B 50 -28.42 31.34 -40.02
N SER B 51 -29.66 30.96 -40.35
CA SER B 51 -30.82 31.45 -39.60
C SER B 51 -31.31 30.38 -38.62
N PRO B 52 -31.62 30.76 -37.37
CA PRO B 52 -32.12 29.76 -36.44
C PRO B 52 -33.41 29.11 -36.94
N ASP B 53 -34.33 29.95 -37.43
CA ASP B 53 -35.61 29.50 -37.95
C ASP B 53 -35.60 29.60 -39.46
N GLY B 54 -36.15 28.58 -40.10
CA GLY B 54 -36.00 28.39 -41.53
C GLY B 54 -34.55 28.02 -41.77
N ASP B 55 -34.34 26.88 -42.40
CA ASP B 55 -32.99 26.36 -42.63
C ASP B 55 -32.25 27.13 -43.74
N ARG B 56 -32.96 28.00 -44.44
CA ARG B 56 -32.37 28.80 -45.51
C ARG B 56 -31.60 29.97 -44.91
N ASP B 57 -30.39 30.19 -45.43
CA ASP B 57 -29.50 31.21 -44.90
C ASP B 57 -29.89 32.61 -45.33
N ILE B 58 -29.35 33.60 -44.63
CA ILE B 58 -29.59 35.01 -44.93
C ILE B 58 -28.47 35.53 -45.81
N PHE B 59 -28.83 36.28 -46.84
CA PHE B 59 -27.84 36.77 -47.81
C PHE B 59 -27.30 38.14 -47.41
N ILE B 60 -25.98 38.31 -47.54
CA ILE B 60 -25.33 39.58 -47.25
C ILE B 60 -24.75 40.16 -48.54
N ASP B 61 -25.49 41.07 -49.15
CA ASP B 61 -25.12 41.61 -50.47
C ASP B 61 -24.00 42.64 -50.37
N GLY B 62 -22.84 42.31 -50.95
CA GLY B 62 -21.73 43.24 -51.03
C GLY B 62 -20.79 43.19 -49.84
N VAL B 63 -19.67 43.89 -49.97
CA VAL B 63 -18.66 43.96 -48.91
C VAL B 63 -19.03 45.00 -47.87
N VAL B 64 -19.76 46.03 -48.31
CA VAL B 64 -20.17 47.09 -47.41
C VAL B 64 -21.15 46.56 -46.37
N ALA B 65 -22.07 45.72 -46.82
CA ALA B 65 -23.07 45.13 -45.93
C ALA B 65 -22.44 44.17 -44.93
N ARG B 66 -21.27 43.64 -45.30
CA ARG B 66 -20.53 42.74 -44.43
C ARG B 66 -19.91 43.52 -43.26
N ASN B 67 -19.70 44.81 -43.48
CA ASN B 67 -19.18 45.71 -42.46
C ASN B 67 -17.88 45.19 -41.83
N ARG B 68 -16.88 44.97 -42.69
CA ARG B 68 -15.52 44.65 -42.24
C ARG B 68 -15.41 43.35 -41.46
N ALA B 69 -16.45 42.52 -41.52
CA ALA B 69 -16.39 41.21 -40.89
C ALA B 69 -15.53 40.27 -41.74
N LEU B 70 -15.08 39.18 -41.15
CA LEU B 70 -14.27 38.19 -41.84
C LEU B 70 -14.84 36.79 -41.67
N ASN B 71 -14.38 35.87 -42.52
CA ASN B 71 -14.92 34.52 -42.55
C ASN B 71 -14.68 33.76 -41.25
N GLY B 72 -15.77 33.36 -40.60
CA GLY B 72 -15.71 32.61 -39.35
C GLY B 72 -16.16 33.41 -38.15
N ASP B 73 -16.11 34.73 -38.27
CA ASP B 73 -16.52 35.62 -37.18
C ASP B 73 -17.99 35.43 -36.82
N LEU B 74 -18.28 35.51 -35.53
CA LEU B 74 -19.66 35.54 -35.04
C LEU B 74 -20.20 36.97 -35.08
N VAL B 75 -21.09 37.24 -36.02
CA VAL B 75 -21.58 38.60 -36.27
C VAL B 75 -23.07 38.78 -36.00
N VAL B 76 -23.49 40.04 -35.92
CA VAL B 76 -24.90 40.42 -35.80
C VAL B 76 -25.36 41.15 -37.05
N VAL B 77 -26.60 40.91 -37.45
CA VAL B 77 -27.15 41.51 -38.67
C VAL B 77 -28.56 42.06 -38.48
N LYS B 78 -28.90 43.09 -39.27
CA LYS B 78 -30.25 43.63 -39.32
C LYS B 78 -30.91 43.36 -40.67
N LEU B 79 -32.19 43.01 -40.64
CA LEU B 79 -32.95 42.74 -41.85
C LEU B 79 -33.18 44.03 -42.64
N LEU B 80 -33.59 43.90 -43.90
CA LEU B 80 -33.89 45.05 -44.75
C LEU B 80 -35.34 45.05 -45.20
N PRO B 81 -35.96 46.24 -45.34
CA PRO B 81 -37.27 46.29 -45.96
C PRO B 81 -37.21 45.88 -47.44
N GLU B 82 -37.24 44.58 -47.71
CA GLU B 82 -37.10 44.10 -49.09
C GLU B 82 -38.28 44.57 -49.93
N LYS B 143 -34.44 36.95 -48.48
CA LYS B 143 -33.93 37.72 -47.34
C LYS B 143 -32.57 38.36 -47.64
N SER B 144 -32.33 39.50 -47.00
CA SER B 144 -31.08 40.23 -47.13
C SER B 144 -30.87 41.08 -45.89
N ALA B 145 -29.65 41.05 -45.37
CA ALA B 145 -29.33 41.75 -44.13
C ALA B 145 -27.96 42.44 -44.20
N LYS B 146 -27.70 43.30 -43.22
CA LYS B 146 -26.44 44.03 -43.12
C LYS B 146 -25.82 43.85 -41.74
N VAL B 147 -24.50 43.69 -41.72
CA VAL B 147 -23.78 43.52 -40.46
C VAL B 147 -23.74 44.84 -39.70
N VAL B 148 -24.09 44.77 -38.42
CA VAL B 148 -24.15 45.94 -37.57
C VAL B 148 -23.22 45.80 -36.35
N TYR B 149 -22.68 44.60 -36.15
CA TYR B 149 -21.79 44.34 -35.05
C TYR B 149 -21.08 43.00 -35.23
N ILE B 150 -20.03 42.79 -34.44
CA ILE B 150 -19.26 41.54 -34.48
C ILE B 150 -19.01 41.05 -33.06
N LEU B 151 -19.82 40.10 -32.62
CA LEU B 151 -19.82 39.65 -31.23
C LEU B 151 -18.55 38.91 -30.83
N GLU B 152 -17.96 38.16 -31.76
CA GLU B 152 -16.74 37.43 -31.48
C GLU B 152 -15.85 37.29 -32.71
N LYS B 153 -14.61 37.74 -32.58
CA LYS B 153 -13.63 37.67 -33.65
C LYS B 153 -12.92 36.32 -33.61
N LYS B 154 -13.28 35.44 -34.54
CA LYS B 154 -12.76 34.07 -34.57
C LYS B 154 -11.72 33.83 -35.68
N HIS B 155 -11.74 34.67 -36.71
CA HIS B 155 -10.73 34.58 -37.77
C HIS B 155 -9.37 34.91 -37.16
N SER B 156 -8.31 34.32 -37.69
CA SER B 156 -6.97 34.50 -37.12
C SER B 156 -6.44 35.91 -37.30
N ARG B 157 -7.06 36.65 -38.22
CA ARG B 157 -6.60 37.98 -38.61
C ARG B 157 -5.12 37.94 -38.98
N ALA B 158 -4.74 36.85 -39.64
CA ALA B 158 -3.40 36.66 -40.16
C ALA B 158 -3.52 35.94 -41.49
N ALA B 159 -2.73 36.35 -42.49
CA ALA B 159 -2.90 35.81 -43.84
C ALA B 159 -1.59 35.66 -44.59
N THR B 160 -1.59 34.71 -45.52
CA THR B 160 -0.49 34.49 -46.44
C THR B 160 -0.77 35.20 -47.76
N GLY B 161 0.21 35.96 -48.23
CA GLY B 161 0.02 36.74 -49.44
C GLY B 161 1.30 37.29 -50.04
N ILE B 162 1.14 38.22 -50.98
CA ILE B 162 2.27 38.77 -51.73
C ILE B 162 2.27 40.30 -51.66
N LEU B 163 3.46 40.89 -51.69
CA LEU B 163 3.62 42.35 -51.58
C LEU B 163 3.81 43.04 -52.93
N LYS B 164 3.11 44.16 -53.11
CA LYS B 164 3.27 44.99 -54.29
C LYS B 164 3.01 46.45 -53.93
N LEU B 165 2.93 47.33 -54.95
CA LEU B 165 2.65 48.74 -54.72
C LEU B 165 1.89 49.36 -55.89
N LEU B 173 0.86 60.52 -56.58
CA LEU B 173 0.13 59.53 -55.79
C LEU B 173 0.69 59.46 -54.37
N PHE B 174 -0.18 59.16 -53.41
CA PHE B 174 0.22 59.01 -52.02
C PHE B 174 0.77 57.61 -51.75
N LYS B 175 2.00 57.37 -52.22
CA LYS B 175 2.66 56.08 -52.07
C LYS B 175 3.53 56.04 -50.81
N LYS B 176 2.88 56.04 -49.65
CA LYS B 176 3.56 55.84 -48.37
C LYS B 176 3.03 54.58 -47.70
N TYR B 177 2.47 53.68 -48.51
CA TYR B 177 2.02 52.37 -48.07
C TYR B 177 2.38 51.33 -49.12
N ALA B 178 2.25 50.05 -48.76
CA ALA B 178 2.37 48.95 -49.71
C ALA B 178 1.08 48.13 -49.68
N LEU B 179 0.79 47.43 -50.77
CA LEU B 179 -0.43 46.63 -50.85
C LEU B 179 -0.15 45.14 -50.68
N PHE B 180 -0.69 44.56 -49.60
CA PHE B 180 -0.58 43.14 -49.35
C PHE B 180 -1.83 42.43 -49.89
N SER B 181 -1.62 41.39 -50.70
CA SER B 181 -2.72 40.64 -51.30
C SER B 181 -2.80 39.21 -50.76
N PRO B 182 -3.72 38.96 -49.83
CA PRO B 182 -3.90 37.61 -49.29
C PRO B 182 -4.30 36.60 -50.36
N SER B 183 -3.75 35.40 -50.28
CA SER B 183 -4.12 34.32 -51.19
C SER B 183 -5.59 33.98 -50.99
N ASP B 184 -6.04 34.02 -49.74
CA ASP B 184 -7.44 33.81 -49.43
C ASP B 184 -8.24 35.02 -49.87
N HIS B 185 -9.03 34.85 -50.90
CA HIS B 185 -9.81 35.93 -51.48
C HIS B 185 -10.84 36.48 -50.50
N ARG B 186 -11.19 35.69 -49.48
CA ARG B 186 -12.16 36.09 -48.48
C ARG B 186 -11.61 37.20 -47.58
N VAL B 187 -10.29 37.22 -47.44
CA VAL B 187 -9.62 38.28 -46.69
C VAL B 187 -9.39 39.49 -47.60
N PRO B 188 -9.65 40.71 -47.08
CA PRO B 188 -9.44 41.91 -47.90
C PRO B 188 -7.97 42.23 -48.08
N ARG B 189 -7.64 43.07 -49.06
CA ARG B 189 -6.26 43.47 -49.26
C ARG B 189 -5.86 44.45 -48.17
N ILE B 190 -4.59 44.40 -47.79
CA ILE B 190 -4.11 45.09 -46.59
C ILE B 190 -3.03 46.10 -46.92
N TYR B 191 -3.13 47.28 -46.30
CA TYR B 191 -2.09 48.29 -46.42
C TYR B 191 -1.00 48.02 -45.39
N VAL B 192 0.24 48.03 -45.85
CA VAL B 192 1.40 47.81 -45.01
C VAL B 192 2.30 49.04 -45.01
N PRO B 193 2.78 49.47 -43.83
CA PRO B 193 3.74 50.58 -43.80
C PRO B 193 5.03 50.24 -44.52
N LEU B 194 5.47 51.09 -45.45
CA LEU B 194 6.69 50.84 -46.21
C LEU B 194 7.90 50.63 -45.32
N LYS B 195 7.88 51.24 -44.13
CA LYS B 195 8.98 51.14 -43.18
C LYS B 195 9.15 49.71 -42.65
N ASP B 196 8.09 48.91 -42.75
CA ASP B 196 8.13 47.52 -42.30
C ASP B 196 8.64 46.59 -43.40
N CYS B 197 8.67 47.09 -44.64
CA CYS B 197 9.03 46.26 -45.78
C CYS B 197 10.55 46.13 -45.93
N PRO B 198 11.02 44.99 -46.46
CA PRO B 198 12.45 44.78 -46.66
C PRO B 198 13.10 45.85 -47.55
N GLN B 199 14.34 46.21 -47.24
CA GLN B 199 15.08 47.15 -48.08
C GLN B 199 15.15 46.65 -49.52
N ASP B 200 15.34 45.35 -49.68
CA ASP B 200 15.47 44.75 -51.00
C ASP B 200 14.17 44.84 -51.79
N PHE B 201 13.05 44.93 -51.08
CA PHE B 201 11.75 45.08 -51.71
C PHE B 201 11.58 46.51 -52.24
N MET B 202 12.12 47.46 -51.49
CA MET B 202 12.08 48.85 -51.88
C MET B 202 12.81 49.05 -53.21
N THR B 203 13.97 48.42 -53.32
CA THR B 203 14.82 48.57 -54.50
C THR B 203 14.17 47.96 -55.75
N ARG B 204 13.65 46.75 -55.59
CA ARG B 204 13.02 46.02 -56.69
C ARG B 204 11.85 45.18 -56.21
N PRO B 205 10.66 45.79 -56.12
CA PRO B 205 9.49 45.07 -55.61
C PRO B 205 9.11 43.82 -56.42
N LYS B 206 9.41 43.80 -57.72
CA LYS B 206 9.03 42.67 -58.55
C LYS B 206 9.90 41.43 -58.30
N ASP B 207 10.99 41.61 -57.57
CA ASP B 207 11.79 40.46 -57.14
C ASP B 207 10.97 39.60 -56.18
N PHE B 208 9.99 40.22 -55.54
CA PHE B 208 9.19 39.57 -54.51
C PHE B 208 7.80 39.20 -55.03
N ALA B 209 7.68 39.11 -56.34
CA ALA B 209 6.41 38.78 -56.98
C ALA B 209 5.94 37.37 -56.61
N ASN B 210 6.90 36.50 -56.25
CA ASN B 210 6.59 35.12 -55.89
C ASN B 210 7.09 34.79 -54.49
N THR B 211 7.15 35.82 -53.64
CA THR B 211 7.61 35.66 -52.26
C THR B 211 6.45 35.77 -51.27
N LEU B 212 6.23 34.71 -50.51
CA LEU B 212 5.16 34.67 -49.54
C LEU B 212 5.50 35.39 -48.24
N PHE B 213 4.66 36.34 -47.86
CA PHE B 213 4.77 37.02 -46.58
C PHE B 213 3.57 36.69 -45.71
N ILE B 214 3.73 36.87 -44.40
CA ILE B 214 2.60 36.84 -43.48
C ILE B 214 2.32 38.25 -42.99
N CYS B 215 1.04 38.62 -43.03
CA CYS B 215 0.60 39.93 -42.56
C CYS B 215 -0.55 39.76 -41.59
N ARG B 216 -0.51 40.52 -40.50
CA ARG B 216 -1.56 40.45 -39.48
C ARG B 216 -2.39 41.72 -39.48
N ILE B 217 -3.71 41.56 -39.67
CA ILE B 217 -4.64 42.68 -39.67
C ILE B 217 -4.80 43.25 -38.27
N ILE B 218 -4.33 44.48 -38.09
CA ILE B 218 -4.39 45.13 -36.77
C ILE B 218 -5.59 46.07 -36.64
N ASP B 219 -6.17 46.47 -37.77
CA ASP B 219 -7.30 47.40 -37.75
C ASP B 219 -7.95 47.50 -39.12
N TRP B 220 -9.16 48.05 -39.16
CA TRP B 220 -9.84 48.35 -40.42
C TRP B 220 -10.83 49.49 -40.20
N LYS B 221 -10.38 50.72 -40.46
CA LYS B 221 -11.20 51.90 -40.22
C LYS B 221 -12.30 52.02 -41.26
N GLU B 222 -13.41 52.62 -40.87
CA GLU B 222 -14.61 52.68 -41.70
C GLU B 222 -14.44 53.50 -42.98
N ASP B 223 -13.47 54.40 -42.98
CA ASP B 223 -13.28 55.29 -44.13
C ASP B 223 -12.39 54.67 -45.20
N CYS B 224 -11.59 53.69 -44.81
CA CYS B 224 -10.63 53.07 -45.72
C CYS B 224 -11.20 51.80 -46.34
N ASN B 225 -11.03 51.66 -47.65
CA ASN B 225 -11.52 50.50 -48.38
C ASN B 225 -10.72 49.25 -48.02
N PHE B 226 -9.42 49.43 -47.82
CA PHE B 226 -8.51 48.34 -47.43
C PHE B 226 -8.27 48.37 -45.92
N ALA B 227 -7.64 47.31 -45.41
CA ALA B 227 -7.34 47.19 -43.99
C ALA B 227 -5.88 47.51 -43.69
N LEU B 228 -5.62 47.91 -42.44
CA LEU B 228 -4.26 48.19 -41.98
C LEU B 228 -3.64 46.95 -41.36
N GLY B 229 -2.37 46.69 -41.62
CA GLY B 229 -1.71 45.48 -41.14
C GLY B 229 -0.25 45.61 -40.80
N GLN B 230 0.27 44.60 -40.11
CA GLN B 230 1.67 44.53 -39.72
C GLN B 230 2.35 43.33 -40.37
N LEU B 231 3.35 43.60 -41.20
CA LEU B 231 4.11 42.55 -41.86
C LEU B 231 4.85 41.68 -40.86
N ALA B 232 4.52 40.39 -40.83
CA ALA B 232 5.08 39.48 -39.83
C ALA B 232 6.48 38.98 -40.20
N LYS B 233 6.58 38.31 -41.34
CA LYS B 233 7.86 37.76 -41.79
C LYS B 233 7.78 37.26 -43.22
N SER B 234 8.93 36.91 -43.78
CA SER B 234 9.02 36.29 -45.09
C SER B 234 9.11 34.76 -44.95
N LEU B 235 8.17 34.05 -45.58
CA LEU B 235 8.15 32.59 -45.52
C LEU B 235 9.04 31.96 -46.56
N GLY B 236 9.06 32.55 -47.75
CA GLY B 236 9.84 32.03 -48.86
C GLY B 236 9.05 32.05 -50.15
N GLN B 237 9.56 31.34 -51.15
CA GLN B 237 8.93 31.30 -52.46
C GLN B 237 7.62 30.52 -52.45
N ALA B 238 6.62 31.05 -53.13
CA ALA B 238 5.35 30.37 -53.28
C ALA B 238 5.56 29.07 -54.04
N GLY B 239 4.82 28.03 -53.66
CA GLY B 239 4.93 26.74 -54.31
C GLY B 239 5.88 25.83 -53.58
N GLU B 240 6.72 26.42 -52.74
CA GLU B 240 7.65 25.65 -51.93
C GLU B 240 6.91 25.06 -50.73
N ILE B 241 7.26 23.83 -50.37
CA ILE B 241 6.51 23.10 -49.37
C ILE B 241 6.55 23.76 -48.01
N GLU B 242 7.75 23.94 -47.46
CA GLU B 242 7.88 24.40 -46.09
C GLU B 242 7.37 25.82 -45.89
N PRO B 243 7.68 26.73 -46.82
CA PRO B 243 7.08 28.07 -46.68
C PRO B 243 5.55 28.02 -46.72
N GLU B 244 4.99 27.25 -47.63
CA GLU B 244 3.55 27.14 -47.75
C GLU B 244 2.94 26.50 -46.51
N THR B 245 3.63 25.51 -45.96
CA THR B 245 3.17 24.83 -44.75
C THR B 245 3.03 25.80 -43.60
N GLU B 246 4.06 26.62 -43.39
CA GLU B 246 4.04 27.59 -42.31
C GLU B 246 2.94 28.63 -42.55
N GLY B 247 2.67 28.91 -43.82
CA GLY B 247 1.62 29.83 -44.19
C GLY B 247 0.25 29.31 -43.77
N ILE B 248 0.02 28.03 -44.04
CA ILE B 248 -1.23 27.38 -43.67
C ILE B 248 -1.42 27.36 -42.16
N LEU B 249 -0.37 26.96 -41.45
CA LEU B 249 -0.42 26.84 -40.00
C LEU B 249 -0.76 28.17 -39.34
N THR B 250 -0.02 29.21 -39.71
CA THR B 250 -0.18 30.52 -39.09
C THR B 250 -1.52 31.15 -39.45
N GLU B 251 -1.97 30.91 -40.67
CA GLU B 251 -3.20 31.50 -41.16
C GLU B 251 -4.41 30.95 -40.42
N TYR B 252 -4.27 29.73 -39.89
CA TYR B 252 -5.36 29.06 -39.18
C TYR B 252 -5.10 29.02 -37.67
N GLY B 253 -4.09 29.76 -37.23
CA GLY B 253 -3.84 29.96 -35.81
C GLY B 253 -3.28 28.76 -35.05
N VAL B 254 -2.61 27.87 -35.77
CA VAL B 254 -2.00 26.70 -35.15
C VAL B 254 -0.67 27.09 -34.53
N ASP B 255 -0.59 26.99 -33.20
CA ASP B 255 0.63 27.25 -32.47
C ASP B 255 1.62 26.10 -32.65
N PHE B 256 2.70 26.35 -33.39
CA PHE B 256 3.72 25.33 -33.62
C PHE B 256 5.05 25.73 -33.00
N SER B 257 4.99 26.66 -32.05
CA SER B 257 6.19 27.13 -31.36
C SER B 257 6.69 26.09 -30.37
N ASP B 258 7.94 26.24 -29.95
CA ASP B 258 8.47 25.43 -28.86
C ASP B 258 7.70 25.73 -27.60
N PHE B 259 7.64 24.75 -26.71
CA PHE B 259 6.96 24.90 -25.44
C PHE B 259 7.81 25.73 -24.49
N SER B 260 7.17 26.60 -23.71
CA SER B 260 7.88 27.46 -22.78
C SER B 260 8.54 26.64 -21.67
N SER B 261 9.56 27.21 -21.05
CA SER B 261 10.27 26.52 -19.98
C SER B 261 9.35 26.32 -18.78
N GLU B 262 8.42 27.22 -18.58
CA GLU B 262 7.47 27.12 -17.47
C GLU B 262 6.47 26.00 -17.72
N VAL B 263 6.44 25.49 -18.94
CA VAL B 263 5.61 24.33 -19.27
C VAL B 263 6.41 23.05 -19.06
N LEU B 264 7.67 23.07 -19.50
CA LEU B 264 8.52 21.88 -19.40
C LEU B 264 8.87 21.52 -17.96
N GLU B 265 8.64 22.46 -17.04
CA GLU B 265 8.92 22.21 -15.63
C GLU B 265 7.75 21.46 -14.97
N CYS B 266 6.62 21.41 -15.67
CA CYS B 266 5.47 20.65 -15.20
C CYS B 266 5.69 19.16 -15.47
N LEU B 267 6.65 18.88 -16.35
CA LEU B 267 7.01 17.50 -16.67
C LEU B 267 7.74 16.87 -15.49
N PRO B 268 7.76 15.52 -15.44
CA PRO B 268 8.55 14.83 -14.42
C PRO B 268 10.02 15.23 -14.50
N GLN B 269 10.68 15.33 -13.35
CA GLN B 269 12.05 15.84 -13.30
C GLN B 269 13.09 14.76 -13.06
N SER B 270 12.65 13.60 -12.57
CA SER B 270 13.54 12.47 -12.39
C SER B 270 13.51 11.58 -13.63
N LEU B 271 14.54 11.69 -14.46
CA LEU B 271 14.62 10.94 -15.71
C LEU B 271 15.82 10.00 -15.71
N PRO B 272 15.69 8.84 -16.39
CA PRO B 272 14.50 8.30 -17.07
C PRO B 272 13.41 7.94 -16.07
N TRP B 273 12.18 8.39 -16.35
CA TRP B 273 11.08 8.29 -15.40
C TRP B 273 10.53 6.88 -15.26
N THR B 274 10.46 6.43 -14.01
CA THR B 274 9.87 5.14 -13.68
C THR B 274 8.64 5.37 -12.80
N ILE B 275 7.68 4.45 -12.87
CA ILE B 275 6.44 4.57 -12.11
C ILE B 275 6.71 4.42 -10.60
N PRO B 276 6.18 5.34 -9.77
CA PRO B 276 6.39 5.20 -8.33
C PRO B 276 5.76 3.92 -7.79
N PRO B 277 6.40 3.28 -6.80
CA PRO B 277 5.96 1.95 -6.34
C PRO B 277 4.55 1.93 -5.72
N ASP B 278 4.19 2.98 -5.00
CA ASP B 278 2.89 3.03 -4.33
C ASP B 278 1.73 2.95 -5.33
N GLU B 279 1.97 3.39 -6.55
CA GLU B 279 0.93 3.37 -7.59
C GLU B 279 0.60 1.95 -8.02
N VAL B 280 1.61 1.10 -8.07
CA VAL B 280 1.41 -0.27 -8.55
C VAL B 280 0.36 -1.00 -7.72
N GLY B 281 0.35 -0.74 -6.41
CA GLY B 281 -0.64 -1.33 -5.53
C GLY B 281 -2.02 -0.74 -5.76
N LYS B 282 -2.05 0.56 -5.99
CA LYS B 282 -3.32 1.29 -6.16
C LYS B 282 -4.06 0.91 -7.44
N ARG B 283 -3.31 0.46 -8.45
CA ARG B 283 -3.89 0.18 -9.76
C ARG B 283 -3.94 -1.34 -10.00
N ARG B 284 -4.80 -1.76 -10.92
CA ARG B 284 -4.90 -3.17 -11.28
C ARG B 284 -3.78 -3.56 -12.23
N ASP B 285 -2.91 -4.46 -11.79
CA ASP B 285 -1.70 -4.79 -12.53
C ASP B 285 -1.94 -5.81 -13.65
N LEU B 286 -2.10 -5.30 -14.87
CA LEU B 286 -2.37 -6.13 -16.04
C LEU B 286 -1.11 -6.38 -16.86
N ARG B 287 0.04 -6.05 -16.29
CA ARG B 287 1.32 -6.15 -17.00
C ARG B 287 1.62 -7.58 -17.46
N LYS B 288 1.06 -8.55 -16.75
CA LYS B 288 1.32 -9.95 -17.07
C LYS B 288 0.41 -10.45 -18.18
N ASP B 289 -0.71 -9.75 -18.39
CA ASP B 289 -1.66 -10.12 -19.43
C ASP B 289 -1.14 -9.76 -20.82
N CYS B 290 -1.66 -10.44 -21.84
CA CYS B 290 -1.27 -10.19 -23.22
C CYS B 290 -2.00 -8.97 -23.79
N ILE B 291 -1.32 -7.83 -23.79
CA ILE B 291 -1.87 -6.57 -24.28
C ILE B 291 -0.95 -6.02 -25.36
N PHE B 292 -1.54 -5.43 -26.40
CA PHE B 292 -0.78 -4.89 -27.51
C PHE B 292 -1.48 -3.69 -28.13
N THR B 293 -0.82 -3.08 -29.10
CA THR B 293 -1.34 -1.90 -29.79
C THR B 293 -1.46 -2.15 -31.28
N ILE B 294 -2.41 -1.47 -31.91
CA ILE B 294 -2.57 -1.53 -33.35
C ILE B 294 -2.71 -0.10 -33.91
N ASP B 295 -1.75 0.29 -34.73
CA ASP B 295 -1.66 1.66 -35.27
C ASP B 295 -1.01 1.66 -36.66
N PRO B 296 -0.90 2.84 -37.29
CA PRO B 296 -0.12 2.90 -38.53
C PRO B 296 1.35 2.57 -38.28
N SER B 297 2.07 2.13 -39.30
CA SER B 297 3.46 1.77 -39.16
C SER B 297 4.30 2.96 -38.68
N THR B 298 3.84 4.17 -39.01
CA THR B 298 4.58 5.39 -38.74
C THR B 298 4.14 6.10 -37.46
N ALA B 299 3.29 5.43 -36.67
CA ALA B 299 2.73 6.02 -35.47
C ALA B 299 3.80 6.33 -34.43
N ARG B 300 3.75 7.53 -33.86
CA ARG B 300 4.73 7.98 -32.88
C ARG B 300 4.13 8.14 -31.48
N ASP B 301 2.80 8.29 -31.42
CA ASP B 301 2.10 8.45 -30.15
C ASP B 301 0.94 7.46 -30.02
N LEU B 302 1.23 6.33 -29.39
CA LEU B 302 0.24 5.26 -29.24
C LEU B 302 -0.68 5.51 -28.06
N ASN B 303 -1.95 5.82 -28.33
CA ASN B 303 -2.91 6.17 -27.29
C ASN B 303 -3.64 4.96 -26.70
N ASP B 304 -3.94 3.97 -27.54
CA ASP B 304 -4.80 2.86 -27.14
C ASP B 304 -4.10 1.51 -27.26
N ALA B 305 -4.45 0.61 -26.34
CA ALA B 305 -4.00 -0.77 -26.37
C ALA B 305 -5.20 -1.69 -26.22
N LEU B 306 -5.06 -2.93 -26.68
CA LEU B 306 -6.18 -3.87 -26.69
C LEU B 306 -5.81 -5.23 -26.14
N ALA B 307 -6.81 -5.94 -25.66
CA ALA B 307 -6.63 -7.29 -25.14
C ALA B 307 -7.92 -8.08 -25.31
N CYS B 308 -7.77 -9.40 -25.44
CA CYS B 308 -8.93 -10.26 -25.60
C CYS B 308 -8.62 -11.67 -25.11
N ARG B 309 -9.37 -12.08 -24.09
CA ARG B 309 -9.28 -13.45 -23.58
C ARG B 309 -10.62 -14.14 -23.81
N ARG B 310 -10.57 -15.39 -24.25
CA ARG B 310 -11.77 -16.19 -24.35
C ARG B 310 -11.99 -16.93 -23.03
N LEU B 311 -13.11 -16.66 -22.38
CA LEU B 311 -13.45 -17.28 -21.11
C LEU B 311 -14.08 -18.66 -21.30
N THR B 312 -14.08 -19.46 -20.24
CA THR B 312 -14.53 -20.85 -20.31
C THR B 312 -16.01 -21.00 -20.65
N ASP B 313 -16.80 -19.99 -20.36
CA ASP B 313 -18.24 -20.04 -20.61
C ASP B 313 -18.61 -19.47 -21.98
N GLY B 314 -17.64 -19.46 -22.90
CA GLY B 314 -17.89 -19.07 -24.27
C GLY B 314 -17.86 -17.56 -24.51
N THR B 315 -17.81 -16.79 -23.43
CA THR B 315 -17.75 -15.33 -23.52
C THR B 315 -16.31 -14.84 -23.68
N PHE B 316 -16.16 -13.53 -23.82
CA PHE B 316 -14.86 -12.90 -24.05
C PHE B 316 -14.60 -11.76 -23.08
N GLU B 317 -13.34 -11.61 -22.66
CA GLU B 317 -12.93 -10.46 -21.86
C GLU B 317 -12.09 -9.52 -22.71
N VAL B 318 -12.73 -8.45 -23.19
CA VAL B 318 -12.03 -7.44 -23.99
C VAL B 318 -11.67 -6.27 -23.11
N GLY B 319 -10.50 -5.68 -23.38
CA GLY B 319 -10.03 -4.54 -22.60
C GLY B 319 -9.46 -3.44 -23.48
N VAL B 320 -9.91 -2.21 -23.23
CA VAL B 320 -9.37 -1.04 -23.91
C VAL B 320 -8.60 -0.21 -22.90
N HIS B 321 -7.28 -0.15 -23.07
CA HIS B 321 -6.40 0.53 -22.13
C HIS B 321 -5.85 1.80 -22.74
N ILE B 322 -6.35 2.93 -22.26
CA ILE B 322 -5.97 4.24 -22.77
C ILE B 322 -4.89 4.87 -21.89
N ALA B 323 -3.93 5.54 -22.52
CA ALA B 323 -2.87 6.21 -21.81
C ALA B 323 -3.44 7.22 -20.80
N ASP B 324 -2.96 7.14 -19.56
CA ASP B 324 -3.47 7.98 -18.49
C ASP B 324 -2.79 9.36 -18.50
N VAL B 325 -3.10 10.16 -19.51
CA VAL B 325 -2.50 11.49 -19.66
C VAL B 325 -2.92 12.40 -18.52
N SER B 326 -4.12 12.19 -18.00
CA SER B 326 -4.65 12.99 -16.90
C SER B 326 -3.69 13.02 -15.73
N TYR B 327 -3.00 11.90 -15.52
CA TYR B 327 -2.04 11.76 -14.44
C TYR B 327 -0.86 12.73 -14.57
N PHE B 328 -0.35 12.88 -15.79
CA PHE B 328 0.86 13.67 -16.02
C PHE B 328 0.56 15.16 -16.22
N VAL B 329 -0.71 15.49 -16.44
CA VAL B 329 -1.11 16.86 -16.73
C VAL B 329 -1.97 17.43 -15.59
N PRO B 330 -1.32 18.05 -14.59
CA PRO B 330 -2.10 18.61 -13.48
C PRO B 330 -3.01 19.75 -13.92
N GLU B 331 -4.28 19.67 -13.54
CA GLU B 331 -5.28 20.65 -13.92
C GLU B 331 -4.90 22.06 -13.45
N GLY B 332 -4.92 23.01 -14.37
CA GLY B 332 -4.64 24.40 -14.03
C GLY B 332 -3.17 24.77 -14.12
N SER B 333 -2.36 23.81 -14.55
CA SER B 333 -0.92 24.03 -14.71
C SER B 333 -0.60 24.67 -16.05
N SER B 334 0.64 25.13 -16.19
CA SER B 334 1.10 25.73 -17.44
C SER B 334 0.97 24.71 -18.58
N LEU B 335 1.20 23.44 -18.24
CA LEU B 335 1.09 22.36 -19.20
C LEU B 335 -0.36 22.13 -19.61
N ASP B 336 -1.27 22.28 -18.65
CA ASP B 336 -2.70 22.08 -18.89
C ASP B 336 -3.24 23.19 -19.79
N LYS B 337 -2.86 24.43 -19.47
CA LYS B 337 -3.38 25.60 -20.18
C LYS B 337 -2.96 25.60 -21.65
N VAL B 338 -1.71 25.22 -21.92
CA VAL B 338 -1.23 25.17 -23.30
C VAL B 338 -1.89 24.00 -24.04
N ALA B 339 -2.17 22.92 -23.32
CA ALA B 339 -2.86 21.79 -23.91
C ALA B 339 -4.29 22.20 -24.24
N ALA B 340 -4.89 22.97 -23.33
CA ALA B 340 -6.24 23.49 -23.53
C ALA B 340 -6.26 24.44 -24.72
N GLU B 341 -5.20 25.22 -24.88
CA GLU B 341 -5.11 26.16 -26.01
C GLU B 341 -4.98 25.42 -27.33
N ARG B 342 -3.99 24.53 -27.41
CA ARG B 342 -3.73 23.79 -28.64
C ARG B 342 -4.88 22.83 -28.97
N ALA B 343 -5.58 22.37 -27.93
CA ALA B 343 -6.84 21.65 -28.08
C ALA B 343 -6.73 20.29 -28.77
N THR B 344 -5.87 20.18 -29.78
CA THR B 344 -5.64 18.91 -30.47
C THR B 344 -4.30 18.91 -31.18
N SER B 345 -3.80 17.72 -31.51
CA SER B 345 -2.61 17.60 -32.35
C SER B 345 -3.03 17.80 -33.80
N VAL B 346 -2.09 18.28 -34.62
CA VAL B 346 -2.34 18.51 -36.04
C VAL B 346 -1.49 17.61 -36.92
N TYR B 347 -2.13 16.85 -37.79
CA TYR B 347 -1.42 15.88 -38.61
C TYR B 347 -1.15 16.37 -40.02
N LEU B 348 -0.05 17.06 -40.19
CA LEU B 348 0.36 17.45 -41.52
C LEU B 348 0.82 16.21 -42.25
N VAL B 349 1.13 16.38 -43.53
CA VAL B 349 1.56 15.27 -44.35
C VAL B 349 2.96 14.85 -43.96
N GLN B 350 3.84 15.82 -43.73
CA GLN B 350 5.26 15.54 -43.55
C GLN B 350 5.71 15.57 -42.10
N LYS B 351 4.91 16.18 -41.22
CA LYS B 351 5.26 16.25 -39.80
C LYS B 351 4.00 16.38 -38.93
N VAL B 352 4.21 16.56 -37.64
CA VAL B 352 3.10 16.64 -36.70
C VAL B 352 3.36 17.72 -35.67
N VAL B 353 2.43 18.67 -35.57
CA VAL B 353 2.48 19.72 -34.56
C VAL B 353 1.79 19.21 -33.29
N PRO B 354 2.59 18.86 -32.27
CA PRO B 354 2.02 18.14 -31.12
C PRO B 354 1.25 19.02 -30.15
N MET B 355 0.31 18.43 -29.43
CA MET B 355 -0.43 19.13 -28.40
C MET B 355 0.42 19.24 -27.13
N LEU B 356 1.05 18.13 -26.74
CA LEU B 356 1.92 18.08 -25.56
C LEU B 356 3.39 17.97 -26.00
N PRO B 357 4.31 18.19 -25.06
CA PRO B 357 5.74 18.02 -25.37
C PRO B 357 6.07 16.59 -25.78
N ARG B 358 7.15 16.42 -26.54
CA ARG B 358 7.50 15.10 -27.08
C ARG B 358 7.83 14.11 -25.97
N LEU B 359 8.26 14.62 -24.81
CA LEU B 359 8.58 13.77 -23.68
C LEU B 359 7.37 12.97 -23.24
N LEU B 360 6.19 13.56 -23.41
CA LEU B 360 4.93 12.87 -23.12
C LEU B 360 4.38 12.16 -24.34
N CYS B 361 4.23 12.90 -25.43
CA CYS B 361 3.60 12.40 -26.66
C CYS B 361 4.20 11.09 -27.13
N GLU B 362 5.50 10.95 -27.00
CA GLU B 362 6.23 9.87 -27.67
C GLU B 362 6.96 8.92 -26.72
N GLU B 363 7.25 9.37 -25.51
CA GLU B 363 8.06 8.58 -24.58
C GLU B 363 7.27 8.08 -23.37
N LEU B 364 6.82 9.00 -22.52
CA LEU B 364 6.16 8.63 -21.28
C LEU B 364 4.75 8.10 -21.48
N CYS B 365 3.85 8.96 -21.93
CA CYS B 365 2.44 8.60 -22.09
C CYS B 365 2.23 7.53 -23.17
N SER B 366 2.99 7.61 -24.25
CA SER B 366 2.85 6.68 -25.37
C SER B 366 2.99 5.23 -24.91
N LEU B 367 2.04 4.40 -25.30
CA LEU B 367 2.00 3.01 -24.89
C LEU B 367 2.96 2.19 -25.75
N ASN B 368 4.24 2.54 -25.68
CA ASN B 368 5.29 1.84 -26.42
C ASN B 368 5.47 0.43 -25.90
N PRO B 369 5.96 -0.48 -26.75
CA PRO B 369 6.04 -1.89 -26.35
C PRO B 369 7.12 -2.19 -25.33
N MET B 370 6.85 -3.16 -24.46
CA MET B 370 7.82 -3.68 -23.52
C MET B 370 8.27 -2.63 -22.52
N THR B 371 7.32 -1.81 -22.08
CA THR B 371 7.57 -0.80 -21.06
C THR B 371 6.31 -0.63 -20.21
N ASP B 372 6.49 -0.53 -18.90
CA ASP B 372 5.36 -0.32 -18.00
C ASP B 372 4.74 1.05 -18.28
N LYS B 373 3.41 1.08 -18.39
CA LYS B 373 2.69 2.31 -18.68
C LYS B 373 1.44 2.43 -17.82
N LEU B 374 1.21 3.63 -17.31
CA LEU B 374 -0.02 3.92 -16.58
C LEU B 374 -1.16 4.13 -17.57
N THR B 375 -2.27 3.42 -17.35
CA THR B 375 -3.41 3.49 -18.27
C THR B 375 -4.73 3.64 -17.53
N PHE B 376 -5.73 4.13 -18.26
CA PHE B 376 -7.09 4.23 -17.77
C PHE B 376 -7.95 3.32 -18.65
N SER B 377 -8.39 2.21 -18.10
CA SER B 377 -8.97 1.12 -18.89
C SER B 377 -10.48 0.97 -18.80
N VAL B 378 -11.06 0.41 -19.86
CA VAL B 378 -12.42 -0.09 -19.85
C VAL B 378 -12.36 -1.57 -20.20
N ILE B 379 -12.98 -2.41 -19.37
CA ILE B 379 -12.99 -3.85 -19.61
C ILE B 379 -14.42 -4.37 -19.59
N TRP B 380 -14.74 -5.20 -20.58
CA TRP B 380 -16.06 -5.80 -20.68
C TRP B 380 -15.99 -7.32 -20.61
N LYS B 381 -17.11 -7.93 -20.26
CA LYS B 381 -17.34 -9.34 -20.52
C LYS B 381 -18.35 -9.37 -21.65
N LEU B 382 -17.90 -9.77 -22.84
CA LEU B 382 -18.70 -9.63 -24.04
C LEU B 382 -19.21 -10.95 -24.59
N THR B 383 -20.41 -10.89 -25.17
CA THR B 383 -20.98 -11.98 -25.96
C THR B 383 -20.13 -12.12 -27.23
N PRO B 384 -20.07 -13.32 -27.80
CA PRO B 384 -19.32 -13.46 -29.07
C PRO B 384 -19.77 -12.46 -30.13
N GLU B 385 -21.00 -11.97 -30.01
CA GLU B 385 -21.54 -10.99 -30.93
C GLU B 385 -21.22 -9.57 -30.50
N GLY B 386 -20.68 -9.42 -29.29
CA GLY B 386 -20.24 -8.13 -28.80
C GLY B 386 -21.19 -7.46 -27.83
N LYS B 387 -22.20 -8.18 -27.37
CA LYS B 387 -23.13 -7.65 -26.38
C LYS B 387 -22.49 -7.61 -25.00
N ILE B 388 -22.65 -6.49 -24.31
CA ILE B 388 -22.03 -6.31 -23.00
C ILE B 388 -22.79 -7.06 -21.90
N LEU B 389 -22.06 -7.80 -21.08
CA LEU B 389 -22.64 -8.54 -19.96
C LEU B 389 -22.33 -7.87 -18.63
N GLU B 390 -21.08 -7.46 -18.45
CA GLU B 390 -20.71 -6.61 -17.33
C GLU B 390 -19.58 -5.67 -17.76
N GLU B 391 -19.53 -4.52 -17.11
CA GLU B 391 -18.69 -3.40 -17.56
C GLU B 391 -17.88 -2.85 -16.40
N TRP B 392 -16.60 -2.57 -16.63
CA TRP B 392 -15.70 -2.11 -15.58
C TRP B 392 -14.76 -1.01 -16.01
N PHE B 393 -14.68 0.04 -15.19
CA PHE B 393 -13.75 1.15 -15.39
C PHE B 393 -12.73 1.15 -14.25
N GLY B 394 -11.56 1.72 -14.50
CA GLY B 394 -10.55 1.85 -13.47
C GLY B 394 -9.15 2.11 -13.97
N ARG B 395 -8.35 2.78 -13.14
CA ARG B 395 -6.96 3.04 -13.48
C ARG B 395 -6.16 1.75 -13.39
N THR B 396 -5.34 1.49 -14.39
CA THR B 396 -4.60 0.25 -14.50
C THR B 396 -3.14 0.50 -14.84
N ILE B 397 -2.39 -0.57 -15.02
CA ILE B 397 -1.00 -0.50 -15.45
C ILE B 397 -0.70 -1.69 -16.35
N ILE B 398 -0.12 -1.42 -17.51
CA ILE B 398 0.10 -2.45 -18.54
C ILE B 398 1.55 -2.53 -19.00
N ARG B 399 1.83 -3.54 -19.81
CA ARG B 399 3.11 -3.65 -20.51
C ARG B 399 2.87 -4.25 -21.89
N SER B 400 2.69 -3.39 -22.89
CA SER B 400 2.41 -3.83 -24.25
C SER B 400 3.47 -4.80 -24.73
N CYS B 401 3.04 -5.98 -25.16
CA CYS B 401 3.99 -7.02 -25.53
C CYS B 401 4.49 -6.87 -26.96
N THR B 402 3.83 -6.02 -27.73
CA THR B 402 4.24 -5.78 -29.11
C THR B 402 3.54 -4.57 -29.73
N LYS B 403 4.20 -3.95 -30.70
CA LYS B 403 3.68 -2.78 -31.41
C LYS B 403 3.30 -3.16 -32.84
N LEU B 404 2.04 -3.53 -33.05
CA LEU B 404 1.59 -3.99 -34.35
C LEU B 404 1.16 -2.84 -35.25
N SER B 405 1.40 -3.03 -36.56
CA SER B 405 0.87 -2.15 -37.58
C SER B 405 -0.41 -2.75 -38.16
N TYR B 406 -1.18 -1.95 -38.86
CA TYR B 406 -2.43 -2.43 -39.43
C TYR B 406 -2.21 -3.53 -40.46
N ASP B 407 -1.05 -3.51 -41.13
CA ASP B 407 -0.71 -4.57 -42.07
C ASP B 407 -0.49 -5.88 -41.33
N HIS B 408 0.23 -5.80 -40.22
CA HIS B 408 0.47 -6.98 -39.39
C HIS B 408 -0.85 -7.56 -38.93
N ALA B 409 -1.68 -6.71 -38.34
CA ALA B 409 -2.99 -7.14 -37.86
C ALA B 409 -3.81 -7.73 -39.00
N GLN B 410 -3.81 -7.03 -40.14
CA GLN B 410 -4.54 -7.50 -41.30
C GLN B 410 -4.01 -8.84 -41.80
N SER B 411 -2.70 -8.97 -41.84
CA SER B 411 -2.08 -10.21 -42.29
C SER B 411 -2.48 -11.36 -41.38
N MET B 412 -2.64 -11.06 -40.08
CA MET B 412 -3.08 -12.04 -39.11
C MET B 412 -4.50 -12.49 -39.41
N ILE B 413 -5.35 -11.53 -39.73
CA ILE B 413 -6.75 -11.81 -40.01
C ILE B 413 -6.90 -12.62 -41.31
N GLU B 414 -6.08 -12.29 -42.30
CA GLU B 414 -6.15 -12.94 -43.61
C GLU B 414 -5.57 -14.36 -43.59
N ASN B 415 -4.67 -14.63 -42.66
CA ASN B 415 -4.10 -15.96 -42.49
C ASN B 415 -4.45 -16.51 -41.10
N PRO B 416 -5.68 -17.00 -40.94
CA PRO B 416 -6.16 -17.32 -39.59
C PRO B 416 -5.71 -18.69 -39.07
N THR B 417 -5.23 -19.56 -39.95
CA THR B 417 -4.78 -20.88 -39.56
C THR B 417 -3.40 -21.19 -40.14
N GLU B 418 -2.52 -20.20 -40.07
CA GLU B 418 -1.15 -20.35 -40.53
C GLU B 418 -0.19 -19.53 -39.66
N LYS B 419 0.77 -20.21 -39.05
CA LYS B 419 1.80 -19.52 -38.26
C LYS B 419 2.65 -18.69 -39.20
N ILE B 420 2.48 -17.38 -39.14
CA ILE B 420 3.19 -16.47 -40.03
C ILE B 420 4.67 -16.44 -39.67
N PRO B 421 5.56 -16.32 -40.68
CA PRO B 421 6.99 -16.16 -40.40
C PRO B 421 7.27 -15.01 -39.43
N GLU B 422 8.01 -15.30 -38.36
CA GLU B 422 8.25 -14.33 -37.30
C GLU B 422 9.30 -13.28 -37.67
N GLU B 423 9.48 -13.08 -38.97
CA GLU B 423 10.39 -12.07 -39.48
C GLU B 423 9.59 -10.98 -40.20
N GLU B 424 8.36 -11.32 -40.56
CA GLU B 424 7.43 -10.36 -41.17
C GLU B 424 6.59 -9.68 -40.09
N LEU B 425 6.93 -9.93 -38.83
CA LEU B 425 6.22 -9.35 -37.70
C LEU B 425 7.19 -8.59 -36.79
N PRO B 426 6.66 -7.63 -36.02
CA PRO B 426 7.54 -6.80 -35.20
C PRO B 426 8.03 -7.52 -33.95
N PRO B 427 9.03 -6.95 -33.27
CA PRO B 427 9.56 -7.53 -32.03
C PRO B 427 8.45 -7.76 -31.02
N ILE B 428 8.52 -8.89 -30.32
CA ILE B 428 7.50 -9.26 -29.34
C ILE B 428 8.15 -9.67 -28.02
N SER B 429 7.53 -9.24 -26.93
CA SER B 429 8.02 -9.54 -25.59
C SER B 429 8.17 -11.05 -25.42
N PRO B 430 9.28 -11.50 -24.82
CA PRO B 430 9.52 -12.93 -24.71
C PRO B 430 8.51 -13.67 -23.84
N GLU B 431 7.76 -12.93 -23.03
CA GLU B 431 6.81 -13.55 -22.11
C GLU B 431 5.42 -13.70 -22.75
N HIS B 432 5.35 -13.50 -24.06
CA HIS B 432 4.12 -13.69 -24.81
C HIS B 432 4.44 -14.17 -26.22
N SER B 433 3.74 -15.21 -26.66
CA SER B 433 3.99 -15.78 -27.98
C SER B 433 3.30 -14.97 -29.07
N VAL B 434 3.81 -15.08 -30.29
CA VAL B 434 3.20 -14.42 -31.44
C VAL B 434 1.84 -15.01 -31.71
N GLU B 435 1.69 -16.29 -31.41
CA GLU B 435 0.43 -17.00 -31.63
C GLU B 435 -0.66 -16.47 -30.72
N GLU B 436 -0.29 -16.12 -29.50
CA GLU B 436 -1.24 -15.61 -28.53
C GLU B 436 -1.81 -14.28 -29.02
N VAL B 437 -0.93 -13.42 -29.52
CA VAL B 437 -1.36 -12.14 -30.08
C VAL B 437 -2.20 -12.37 -31.33
N HIS B 438 -1.73 -13.27 -32.18
CA HIS B 438 -2.46 -13.65 -33.38
C HIS B 438 -3.89 -14.04 -33.05
N GLN B 439 -4.02 -14.94 -32.07
CA GLN B 439 -5.32 -15.43 -31.64
C GLN B 439 -6.19 -14.31 -31.09
N ALA B 440 -5.56 -13.36 -30.39
CA ALA B 440 -6.29 -12.25 -29.81
C ALA B 440 -6.90 -11.39 -30.90
N VAL B 441 -6.11 -11.12 -31.95
CA VAL B 441 -6.57 -10.30 -33.06
C VAL B 441 -7.73 -10.98 -33.76
N LEU B 442 -7.61 -12.28 -33.98
CA LEU B 442 -8.66 -13.03 -34.65
C LEU B 442 -9.97 -12.94 -33.88
N ASN B 443 -9.88 -13.02 -32.56
CA ASN B 443 -11.05 -12.89 -31.72
C ASN B 443 -11.59 -11.46 -31.74
N LEU B 444 -10.67 -10.50 -31.67
CA LEU B 444 -11.05 -9.09 -31.71
C LEU B 444 -11.68 -8.73 -33.04
N HIS B 445 -11.15 -9.30 -34.12
CA HIS B 445 -11.74 -9.13 -35.44
C HIS B 445 -13.13 -9.74 -35.47
N SER B 446 -13.23 -10.97 -34.99
CA SER B 446 -14.48 -11.71 -34.96
C SER B 446 -15.60 -10.91 -34.30
N ILE B 447 -15.31 -10.34 -33.13
CA ILE B 447 -16.30 -9.56 -32.40
C ILE B 447 -16.59 -8.24 -33.09
N ALA B 448 -15.53 -7.55 -33.52
CA ALA B 448 -15.66 -6.25 -34.20
C ALA B 448 -16.54 -6.37 -35.43
N LYS B 449 -16.37 -7.48 -36.15
CA LYS B 449 -17.16 -7.75 -37.34
C LYS B 449 -18.64 -7.74 -37.01
N GLN B 450 -19.00 -8.33 -35.87
CA GLN B 450 -20.40 -8.39 -35.46
C GLN B 450 -20.88 -7.07 -34.88
N LEU B 451 -20.01 -6.39 -34.16
CA LEU B 451 -20.35 -5.09 -33.58
C LEU B 451 -20.69 -4.10 -34.69
N ARG B 452 -19.89 -4.12 -35.75
CA ARG B 452 -20.10 -3.20 -36.87
C ARG B 452 -21.40 -3.50 -37.62
N ARG B 453 -21.56 -4.75 -38.07
CA ARG B 453 -22.76 -5.13 -38.80
C ARG B 453 -24.01 -4.80 -38.00
N GLN B 454 -23.90 -4.96 -36.68
CA GLN B 454 -25.00 -4.66 -35.79
C GLN B 454 -25.25 -3.16 -35.76
N ARG B 455 -24.17 -2.40 -35.72
CA ARG B 455 -24.24 -0.95 -35.64
C ARG B 455 -25.03 -0.36 -36.81
N PHE B 456 -24.80 -0.92 -38.00
CA PHE B 456 -25.44 -0.44 -39.21
C PHE B 456 -26.88 -0.94 -39.34
N VAL B 457 -27.15 -2.12 -38.79
CA VAL B 457 -28.52 -2.59 -38.69
C VAL B 457 -29.30 -1.60 -37.82
N ASP B 458 -28.61 -1.00 -36.85
CA ASP B 458 -29.23 -0.03 -35.96
C ASP B 458 -29.16 1.38 -36.56
N GLY B 459 -29.06 1.46 -37.88
CA GLY B 459 -29.18 2.72 -38.58
C GLY B 459 -28.00 3.66 -38.47
N ALA B 460 -26.80 3.12 -38.64
CA ALA B 460 -25.58 3.93 -38.63
C ALA B 460 -25.23 4.40 -40.04
N LEU B 461 -24.51 5.52 -40.12
CA LEU B 461 -24.14 6.12 -41.40
C LEU B 461 -22.63 6.25 -41.58
N ARG B 462 -22.11 5.53 -42.56
CA ARG B 462 -20.72 5.71 -42.98
C ARG B 462 -20.68 6.52 -44.28
N LEU B 463 -20.17 7.73 -44.19
CA LEU B 463 -20.15 8.64 -45.32
C LEU B 463 -18.70 9.07 -45.61
N ASP B 464 -17.84 8.09 -45.84
CA ASP B 464 -16.41 8.34 -45.99
C ASP B 464 -16.00 8.57 -47.44
N GLN B 465 -15.29 9.67 -47.66
CA GLN B 465 -14.72 9.99 -48.96
C GLN B 465 -13.31 9.39 -49.11
N LEU B 466 -12.80 9.42 -50.33
CA LEU B 466 -11.44 8.97 -50.61
C LEU B 466 -10.45 9.89 -49.90
N LYS B 467 -9.46 9.28 -49.24
CA LYS B 467 -8.38 10.01 -48.61
C LYS B 467 -7.06 9.64 -49.28
N LEU B 468 -6.18 10.63 -49.42
CA LEU B 468 -4.89 10.42 -50.08
C LEU B 468 -3.75 10.19 -49.11
N ALA B 469 -2.87 9.27 -49.47
CA ALA B 469 -1.63 9.02 -48.72
C ALA B 469 -0.44 9.19 -49.66
N PHE B 470 0.62 9.82 -49.17
CA PHE B 470 1.79 10.11 -50.00
C PHE B 470 3.01 9.27 -49.64
N THR B 471 3.88 9.09 -50.61
CA THR B 471 5.19 8.49 -50.38
C THR B 471 6.23 9.57 -50.58
N LEU B 472 6.89 9.96 -49.51
CA LEU B 472 7.83 11.08 -49.53
C LEU B 472 9.28 10.63 -49.64
N ASP B 473 10.04 11.33 -50.48
CA ASP B 473 11.48 11.17 -50.52
C ASP B 473 12.07 11.85 -49.29
N HIS B 474 12.56 11.06 -48.35
CA HIS B 474 13.01 11.59 -47.07
C HIS B 474 14.24 12.51 -47.19
N GLU B 475 14.97 12.40 -48.29
CA GLU B 475 16.12 13.27 -48.51
C GLU B 475 15.67 14.68 -48.89
N THR B 476 14.73 14.78 -49.82
CA THR B 476 14.30 16.07 -50.37
C THR B 476 12.99 16.54 -49.74
N GLY B 477 12.17 15.59 -49.32
CA GLY B 477 10.87 15.89 -48.73
C GLY B 477 9.77 15.92 -49.78
N LEU B 478 10.16 15.99 -51.05
CA LEU B 478 9.20 15.99 -52.14
C LEU B 478 8.47 14.64 -52.18
N PRO B 479 7.23 14.64 -52.71
CA PRO B 479 6.47 13.38 -52.84
C PRO B 479 6.84 12.61 -54.09
N GLN B 480 7.16 11.33 -53.95
CA GLN B 480 7.52 10.50 -55.09
C GLN B 480 6.28 9.97 -55.80
N GLY B 481 5.21 9.79 -55.05
CA GLY B 481 3.93 9.34 -55.59
C GLY B 481 2.87 9.39 -54.52
N CYS B 482 1.67 8.91 -54.85
CA CYS B 482 0.58 8.87 -53.87
C CYS B 482 -0.34 7.68 -54.13
N HIS B 483 -1.19 7.37 -53.15
CA HIS B 483 -2.13 6.27 -53.27
C HIS B 483 -3.35 6.52 -52.39
N ILE B 484 -4.46 5.90 -52.75
CA ILE B 484 -5.67 5.99 -51.95
C ILE B 484 -5.50 5.17 -50.68
N TYR B 485 -5.72 5.79 -49.53
CA TYR B 485 -5.59 5.09 -48.27
C TYR B 485 -6.71 4.06 -48.13
N GLU B 486 -6.33 2.81 -47.90
CA GLU B 486 -7.29 1.72 -47.79
C GLU B 486 -7.65 1.39 -46.35
N TYR B 487 -8.95 1.41 -46.07
CA TYR B 487 -9.48 1.15 -44.73
C TYR B 487 -9.91 -0.31 -44.64
N ARG B 488 -9.06 -1.15 -44.04
CA ARG B 488 -9.27 -2.59 -44.06
C ARG B 488 -9.83 -3.13 -42.75
N ASP B 489 -9.95 -4.45 -42.65
CA ASP B 489 -10.54 -5.08 -41.48
C ASP B 489 -9.82 -4.72 -40.19
N SER B 490 -8.50 -4.61 -40.24
CA SER B 490 -7.72 -4.27 -39.06
C SER B 490 -8.05 -2.87 -38.57
N ASN B 491 -8.22 -1.94 -39.52
CA ASN B 491 -8.63 -0.59 -39.18
C ASN B 491 -9.98 -0.60 -38.48
N LYS B 492 -10.90 -1.38 -39.03
CA LYS B 492 -12.25 -1.48 -38.50
C LYS B 492 -12.24 -2.17 -37.13
N LEU B 493 -11.34 -3.11 -36.95
CA LEU B 493 -11.18 -3.81 -35.67
C LEU B 493 -11.06 -2.81 -34.53
N VAL B 494 -10.08 -1.94 -34.64
CA VAL B 494 -9.84 -0.92 -33.63
C VAL B 494 -11.04 0.01 -33.50
N GLU B 495 -11.60 0.43 -34.62
CA GLU B 495 -12.68 1.42 -34.61
C GLU B 495 -13.83 1.00 -33.71
N GLU B 496 -14.27 -0.25 -33.84
CA GLU B 496 -15.45 -0.72 -33.15
C GLU B 496 -15.26 -0.72 -31.63
N PHE B 497 -14.03 -0.94 -31.19
CA PHE B 497 -13.74 -1.01 -29.76
C PHE B 497 -13.45 0.37 -29.16
N MET B 498 -12.93 1.27 -29.97
CA MET B 498 -12.78 2.66 -29.55
C MET B 498 -14.17 3.28 -29.43
N LEU B 499 -15.04 2.95 -30.39
CA LEU B 499 -16.43 3.39 -30.33
C LEU B 499 -17.09 2.90 -29.05
N LEU B 500 -17.02 1.60 -28.83
CA LEU B 500 -17.67 0.97 -27.68
C LEU B 500 -17.11 1.56 -26.39
N ALA B 501 -15.81 1.81 -26.38
CA ALA B 501 -15.15 2.40 -25.23
C ALA B 501 -15.68 3.80 -24.99
N ASN B 502 -15.70 4.61 -26.06
CA ASN B 502 -16.17 5.98 -25.99
C ASN B 502 -17.62 6.10 -25.52
N MET B 503 -18.47 5.20 -25.98
CA MET B 503 -19.88 5.19 -25.57
C MET B 503 -19.99 4.82 -24.09
N ALA B 504 -19.21 3.84 -23.67
CA ALA B 504 -19.24 3.36 -22.30
C ALA B 504 -18.90 4.48 -21.33
N VAL B 505 -17.93 5.31 -21.70
CA VAL B 505 -17.50 6.42 -20.86
C VAL B 505 -18.52 7.55 -20.95
N ALA B 506 -19.13 7.70 -22.12
CA ALA B 506 -20.16 8.72 -22.31
C ALA B 506 -21.32 8.49 -21.34
N HIS B 507 -21.80 7.25 -21.30
CA HIS B 507 -22.89 6.90 -20.40
C HIS B 507 -22.46 7.03 -18.95
N LYS B 508 -21.20 6.70 -18.67
CA LYS B 508 -20.70 6.70 -17.31
C LYS B 508 -20.66 8.10 -16.71
N ILE B 509 -20.00 9.04 -17.39
CA ILE B 509 -19.83 10.37 -16.85
C ILE B 509 -21.14 11.16 -16.84
N PHE B 510 -22.00 10.91 -17.83
CA PHE B 510 -23.27 11.60 -17.91
C PHE B 510 -24.25 11.10 -16.85
N ARG B 511 -24.24 9.79 -16.61
CA ARG B 511 -25.09 9.20 -15.58
C ARG B 511 -24.65 9.68 -14.20
N THR B 512 -23.35 9.91 -14.05
CA THR B 512 -22.79 10.38 -12.78
C THR B 512 -22.99 11.88 -12.60
N PHE B 513 -22.51 12.67 -13.56
CA PHE B 513 -22.59 14.13 -13.50
C PHE B 513 -23.41 14.67 -14.67
N PRO B 514 -24.75 14.64 -14.55
CA PRO B 514 -25.61 15.02 -15.68
C PRO B 514 -25.46 16.48 -16.10
N GLU B 515 -24.89 17.32 -15.23
CA GLU B 515 -24.79 18.74 -15.50
C GLU B 515 -23.37 19.17 -15.88
N GLN B 516 -22.44 18.21 -15.92
CA GLN B 516 -21.02 18.53 -16.15
C GLN B 516 -20.33 17.53 -17.07
N ALA B 517 -21.11 16.83 -17.89
CA ALA B 517 -20.55 15.81 -18.77
C ALA B 517 -20.07 16.44 -20.08
N LEU B 518 -18.82 16.18 -20.43
CA LEU B 518 -18.27 16.62 -21.71
C LEU B 518 -18.57 15.57 -22.76
N LEU B 519 -19.63 15.81 -23.53
CA LEU B 519 -20.09 14.85 -24.54
C LEU B 519 -19.88 15.40 -25.94
N ARG B 520 -20.22 14.61 -26.95
CA ARG B 520 -20.07 15.00 -28.35
C ARG B 520 -21.30 14.61 -29.17
N ARG B 521 -22.13 15.60 -29.49
CA ARG B 521 -23.34 15.39 -30.28
C ARG B 521 -23.07 15.63 -31.76
N HIS B 522 -24.05 15.27 -32.59
CA HIS B 522 -23.97 15.49 -34.03
C HIS B 522 -25.35 15.77 -34.57
N PRO B 523 -25.66 17.04 -34.90
CA PRO B 523 -26.99 17.35 -35.39
C PRO B 523 -27.28 16.74 -36.75
N PRO B 524 -28.56 16.65 -37.13
CA PRO B 524 -28.92 16.15 -38.46
C PRO B 524 -28.61 17.16 -39.57
N PRO B 525 -28.74 16.75 -40.83
CA PRO B 525 -28.48 17.64 -41.97
C PRO B 525 -29.49 18.78 -42.06
N GLN B 526 -29.15 19.82 -42.83
CA GLN B 526 -30.06 20.93 -43.05
C GLN B 526 -31.22 20.46 -43.91
N THR B 527 -32.44 20.71 -43.45
CA THR B 527 -33.64 20.19 -44.12
C THR B 527 -33.72 20.64 -45.58
N LYS B 528 -33.58 21.95 -45.80
CA LYS B 528 -33.75 22.51 -47.14
C LYS B 528 -32.70 21.97 -48.09
N MET B 529 -31.44 21.99 -47.66
CA MET B 529 -30.35 21.46 -48.49
C MET B 529 -30.59 20.00 -48.83
N LEU B 530 -30.88 19.22 -47.79
CA LEU B 530 -31.08 17.79 -47.95
C LEU B 530 -32.27 17.51 -48.86
N SER B 531 -33.36 18.22 -48.64
CA SER B 531 -34.58 18.06 -49.44
C SER B 531 -34.33 18.42 -50.90
N ASP B 532 -33.54 19.48 -51.11
CA ASP B 532 -33.23 19.93 -52.47
C ASP B 532 -32.36 18.92 -53.20
N LEU B 533 -31.44 18.30 -52.48
CA LEU B 533 -30.55 17.31 -53.08
C LEU B 533 -31.35 16.06 -53.43
N VAL B 534 -32.28 15.69 -52.56
CA VAL B 534 -33.15 14.54 -52.82
C VAL B 534 -33.95 14.79 -54.10
N GLU B 535 -34.46 16.01 -54.24
CA GLU B 535 -35.21 16.41 -55.43
C GLU B 535 -34.34 16.18 -56.66
N PHE B 536 -33.08 16.61 -56.59
CA PHE B 536 -32.14 16.41 -57.67
C PHE B 536 -31.92 14.93 -57.98
N CYS B 537 -31.90 14.10 -56.94
CA CYS B 537 -31.65 12.68 -57.12
C CYS B 537 -32.84 11.97 -57.75
N ASP B 538 -34.03 12.57 -57.68
CA ASP B 538 -35.19 11.98 -58.32
C ASP B 538 -34.93 11.94 -59.82
N GLN B 539 -34.31 13.01 -60.34
CA GLN B 539 -33.81 13.01 -61.70
C GLN B 539 -32.63 12.05 -61.79
N MET B 540 -32.07 11.90 -62.98
CA MET B 540 -30.94 11.01 -63.20
C MET B 540 -31.31 9.55 -62.92
N GLY B 541 -32.59 9.30 -62.69
CA GLY B 541 -33.07 7.96 -62.39
C GLY B 541 -32.42 7.36 -61.16
N LEU B 542 -32.48 8.09 -60.05
CA LEU B 542 -31.85 7.65 -58.81
C LEU B 542 -32.68 7.97 -57.58
N PRO B 543 -33.86 7.37 -57.48
CA PRO B 543 -34.67 7.55 -56.27
C PRO B 543 -33.91 7.05 -55.04
N MET B 544 -34.02 7.78 -53.93
CA MET B 544 -33.29 7.46 -52.72
C MET B 544 -34.10 7.79 -51.48
N ASP B 545 -34.01 6.93 -50.47
CA ASP B 545 -34.65 7.16 -49.19
C ASP B 545 -33.65 7.86 -48.27
N VAL B 546 -34.05 9.01 -47.73
CA VAL B 546 -33.17 9.80 -46.88
C VAL B 546 -33.96 10.31 -45.67
N SER B 547 -34.83 9.46 -45.16
CA SER B 547 -35.64 9.80 -44.00
C SER B 547 -34.84 9.72 -42.71
N SER B 548 -33.64 9.15 -42.80
CA SER B 548 -32.80 8.96 -41.63
C SER B 548 -31.37 8.65 -42.04
N ALA B 549 -30.47 8.61 -41.07
CA ALA B 549 -29.08 8.29 -41.33
C ALA B 549 -28.97 6.90 -41.94
N GLY B 550 -29.68 5.94 -41.35
CA GLY B 550 -29.65 4.57 -41.83
C GLY B 550 -30.27 4.44 -43.22
N ALA B 551 -31.38 5.13 -43.42
CA ALA B 551 -32.08 5.08 -44.70
C ALA B 551 -31.17 5.59 -45.80
N LEU B 552 -30.41 6.63 -45.49
CA LEU B 552 -29.46 7.21 -46.43
C LEU B 552 -28.29 6.28 -46.72
N ASN B 553 -27.73 5.70 -45.64
CA ASN B 553 -26.59 4.81 -45.76
C ASN B 553 -26.92 3.64 -46.68
N LYS B 554 -28.15 3.13 -46.57
CA LYS B 554 -28.59 2.00 -47.37
C LYS B 554 -28.73 2.39 -48.83
N SER B 555 -29.10 3.64 -49.08
CA SER B 555 -29.27 4.15 -50.44
C SER B 555 -27.93 4.29 -51.15
N LEU B 556 -26.91 4.71 -50.42
CA LEU B 556 -25.59 4.94 -51.01
C LEU B 556 -24.78 3.66 -51.14
N THR B 557 -25.40 2.53 -50.81
CA THR B 557 -24.75 1.23 -50.92
C THR B 557 -25.60 0.28 -51.77
N LYS B 558 -26.58 0.86 -52.46
CA LYS B 558 -27.48 0.14 -53.35
C LYS B 558 -27.17 0.44 -54.81
N THR B 559 -26.29 -0.35 -55.42
CA THR B 559 -25.94 -0.15 -56.83
C THR B 559 -25.87 -1.48 -57.56
N PHE B 560 -25.62 -1.42 -58.88
CA PHE B 560 -25.40 -2.62 -59.67
C PHE B 560 -24.19 -3.35 -59.08
N GLY B 561 -23.31 -2.58 -58.44
CA GLY B 561 -22.15 -3.12 -57.76
C GLY B 561 -21.17 -3.73 -58.74
N ASP B 562 -20.05 -4.23 -58.22
CA ASP B 562 -19.05 -4.93 -59.04
C ASP B 562 -18.27 -3.93 -59.89
N ASP B 563 -19.01 -3.09 -60.63
CA ASP B 563 -18.40 -2.31 -61.70
C ASP B 563 -17.82 -0.98 -61.21
N LYS B 564 -16.87 -0.47 -61.98
CA LYS B 564 -16.16 0.76 -61.66
C LYS B 564 -17.06 1.98 -61.75
N TYR B 565 -18.14 1.86 -62.52
CA TYR B 565 -19.07 2.96 -62.69
C TYR B 565 -19.86 3.25 -61.42
N SER B 566 -20.49 2.22 -60.87
CA SER B 566 -21.28 2.37 -59.65
C SER B 566 -20.43 2.78 -58.47
N LEU B 567 -19.18 2.31 -58.45
CA LEU B 567 -18.24 2.69 -57.41
C LEU B 567 -17.93 4.18 -57.50
N ALA B 568 -17.79 4.66 -58.73
CA ALA B 568 -17.57 6.07 -58.96
C ALA B 568 -18.81 6.86 -58.54
N ARG B 569 -19.98 6.37 -58.94
CA ARG B 569 -21.23 7.03 -58.60
C ARG B 569 -21.43 7.04 -57.09
N LYS B 570 -20.98 5.96 -56.44
CA LYS B 570 -21.03 5.86 -54.98
C LYS B 570 -20.20 6.98 -54.39
N GLU B 571 -19.00 7.18 -54.94
CA GLU B 571 -18.09 8.20 -54.46
C GLU B 571 -18.65 9.60 -54.70
N VAL B 572 -19.29 9.80 -55.85
CA VAL B 572 -19.85 11.09 -56.20
C VAL B 572 -21.01 11.46 -55.28
N LEU B 573 -21.87 10.50 -55.02
CA LEU B 573 -23.02 10.73 -54.15
C LEU B 573 -22.57 10.87 -52.70
N THR B 574 -21.48 10.19 -52.34
CA THR B 574 -20.92 10.34 -51.00
C THR B 574 -20.54 11.81 -50.80
N ASN B 575 -19.90 12.38 -51.81
CA ASN B 575 -19.54 13.79 -51.79
C ASN B 575 -20.76 14.68 -51.68
N MET B 576 -21.69 14.52 -52.62
CA MET B 576 -22.85 15.39 -52.69
C MET B 576 -23.65 15.42 -51.40
N TYR B 577 -23.83 14.25 -50.77
CA TYR B 577 -24.64 14.17 -49.57
C TYR B 577 -23.85 14.58 -48.32
N SER B 578 -22.62 15.03 -48.51
CA SER B 578 -21.82 15.54 -47.39
C SER B 578 -22.10 17.02 -47.18
N ARG B 579 -22.57 17.70 -48.23
CA ARG B 579 -22.81 19.13 -48.14
C ARG B 579 -23.84 19.47 -47.07
N PRO B 580 -25.02 18.79 -47.10
CA PRO B 580 -26.06 19.17 -46.14
C PRO B 580 -25.69 18.82 -44.71
N MET B 581 -24.70 17.95 -44.56
CA MET B 581 -24.30 17.48 -43.24
C MET B 581 -23.69 18.61 -42.41
N GLN B 582 -23.96 18.59 -41.11
CA GLN B 582 -23.42 19.57 -40.19
C GLN B 582 -22.29 18.96 -39.37
N MET B 583 -21.39 19.79 -38.88
CA MET B 583 -20.25 19.32 -38.11
C MET B 583 -20.70 18.78 -36.76
N ALA B 584 -19.96 17.80 -36.25
CA ALA B 584 -20.20 17.27 -34.91
C ALA B 584 -19.62 18.23 -33.88
N LEU B 585 -20.26 18.30 -32.72
CA LEU B 585 -19.91 19.30 -31.70
C LEU B 585 -19.68 18.73 -30.31
N TYR B 586 -18.59 19.15 -29.67
CA TYR B 586 -18.44 18.95 -28.23
C TYR B 586 -19.42 19.88 -27.54
N PHE B 587 -19.90 19.49 -26.36
CA PHE B 587 -20.83 20.32 -25.62
C PHE B 587 -20.90 19.89 -24.16
N CYS B 588 -21.18 20.86 -23.29
CA CYS B 588 -21.42 20.57 -21.87
C CYS B 588 -22.86 20.11 -21.69
N SER B 589 -23.03 19.05 -20.93
CA SER B 589 -24.35 18.44 -20.75
C SER B 589 -25.36 19.41 -20.14
N GLY B 590 -24.97 20.04 -19.04
CA GLY B 590 -25.86 20.92 -18.31
C GLY B 590 -26.29 22.16 -19.06
N MET B 591 -25.58 22.50 -20.13
CA MET B 591 -25.86 23.73 -20.88
C MET B 591 -26.88 23.53 -21.98
N LEU B 592 -27.17 22.27 -22.30
CA LEU B 592 -28.14 21.94 -23.33
C LEU B 592 -29.39 21.30 -22.73
N GLN B 593 -30.55 21.91 -22.99
CA GLN B 593 -31.81 21.48 -22.40
C GLN B 593 -32.33 20.17 -22.97
N ASP B 594 -32.80 20.22 -24.21
CA ASP B 594 -33.42 19.07 -24.87
C ASP B 594 -32.41 17.94 -25.05
N GLN B 595 -32.64 16.83 -24.36
CA GLN B 595 -31.73 15.69 -24.43
C GLN B 595 -31.86 14.95 -25.76
N GLU B 596 -32.91 15.25 -26.51
CA GLU B 596 -33.12 14.64 -27.81
C GLU B 596 -32.06 15.16 -28.79
N GLN B 597 -31.43 16.28 -28.44
CA GLN B 597 -30.41 16.89 -29.29
C GLN B 597 -29.01 16.42 -28.91
N PHE B 598 -28.91 15.62 -27.85
CA PHE B 598 -27.64 15.00 -27.45
C PHE B 598 -27.23 13.95 -28.47
N ARG B 599 -28.18 13.52 -29.30
CA ARG B 599 -27.95 12.43 -30.25
C ARG B 599 -26.84 12.72 -31.25
N HIS B 600 -26.20 11.63 -31.69
CA HIS B 600 -25.22 11.68 -32.75
C HIS B 600 -25.87 11.13 -34.03
N TYR B 601 -26.17 12.02 -34.96
CA TYR B 601 -26.94 11.66 -36.15
C TYR B 601 -26.37 10.47 -36.92
N ALA B 602 -25.08 10.54 -37.27
CA ALA B 602 -24.47 9.53 -38.12
C ALA B 602 -24.29 8.19 -37.41
N LEU B 603 -23.86 8.23 -36.15
CA LEU B 603 -23.69 7.02 -35.35
C LEU B 603 -25.04 6.45 -34.91
N ASN B 604 -26.04 7.33 -34.86
CA ASN B 604 -27.39 6.97 -34.44
C ASN B 604 -27.41 6.38 -33.03
N VAL B 605 -26.85 7.13 -32.09
CA VAL B 605 -26.84 6.75 -30.69
C VAL B 605 -27.23 7.97 -29.84
N PRO B 606 -27.77 7.74 -28.63
CA PRO B 606 -28.24 8.86 -27.82
C PRO B 606 -27.11 9.62 -27.12
N LEU B 607 -25.95 8.97 -26.97
CA LEU B 607 -24.83 9.57 -26.25
C LEU B 607 -23.49 9.15 -26.86
N TYR B 608 -22.54 10.08 -26.84
CA TYR B 608 -21.19 9.81 -27.32
C TYR B 608 -20.20 10.88 -26.85
N THR B 609 -18.94 10.50 -26.74
CA THR B 609 -17.88 11.42 -26.36
C THR B 609 -16.53 10.88 -26.81
N HIS B 610 -15.48 11.67 -26.61
CA HIS B 610 -14.11 11.24 -26.95
C HIS B 610 -13.32 10.97 -25.68
N PHE B 611 -12.66 9.81 -25.65
CA PHE B 611 -11.96 9.34 -24.47
C PHE B 611 -10.68 8.58 -24.81
N THR B 612 -10.65 7.99 -26.00
CA THR B 612 -9.63 7.01 -26.35
C THR B 612 -8.33 7.61 -26.88
N SER B 613 -8.21 8.94 -26.89
CA SER B 613 -7.03 9.58 -27.46
C SER B 613 -6.63 10.88 -26.74
N PRO B 614 -6.27 10.78 -25.46
CA PRO B 614 -5.95 11.94 -24.63
C PRO B 614 -4.56 12.54 -24.90
N ILE B 615 -3.69 11.83 -25.58
CA ILE B 615 -2.36 12.35 -25.89
C ILE B 615 -2.45 13.43 -26.97
N ARG B 616 -3.39 13.27 -27.89
CA ARG B 616 -3.50 14.13 -29.06
C ARG B 616 -4.80 14.92 -29.07
N ARG B 617 -5.54 14.91 -27.96
CA ARG B 617 -6.87 15.51 -27.92
C ARG B 617 -7.26 15.90 -26.50
N PHE B 618 -7.60 17.16 -26.30
CA PHE B 618 -7.85 17.68 -24.96
C PHE B 618 -9.23 17.33 -24.45
N ALA B 619 -10.18 17.14 -25.38
CA ALA B 619 -11.53 16.76 -25.01
C ALA B 619 -11.48 15.48 -24.16
N ASP B 620 -10.62 14.56 -24.57
CA ASP B 620 -10.48 13.30 -23.86
C ASP B 620 -9.87 13.51 -22.48
N VAL B 621 -8.97 14.49 -22.37
CA VAL B 621 -8.32 14.77 -21.09
C VAL B 621 -9.35 15.21 -20.06
N ILE B 622 -10.29 16.04 -20.47
CA ILE B 622 -11.36 16.49 -19.59
C ILE B 622 -12.23 15.31 -19.19
N VAL B 623 -12.51 14.45 -20.15
CA VAL B 623 -13.34 13.26 -19.89
C VAL B 623 -12.62 12.34 -18.91
N HIS B 624 -11.30 12.19 -19.08
CA HIS B 624 -10.52 11.38 -18.16
C HIS B 624 -10.65 11.93 -16.74
N ARG B 625 -10.54 13.25 -16.62
CA ARG B 625 -10.64 13.90 -15.33
C ARG B 625 -12.05 13.75 -14.76
N LEU B 626 -13.04 13.75 -15.65
CA LEU B 626 -14.42 13.55 -15.24
C LEU B 626 -14.66 12.11 -14.78
N LEU B 627 -14.17 11.16 -15.57
CA LEU B 627 -14.31 9.75 -15.23
C LEU B 627 -13.59 9.45 -13.93
N ALA B 628 -12.43 10.11 -13.75
CA ALA B 628 -11.66 9.96 -12.52
C ALA B 628 -12.51 10.31 -11.30
N ALA B 629 -13.28 11.38 -11.42
CA ALA B 629 -14.16 11.82 -10.33
C ALA B 629 -15.33 10.86 -10.16
N ALA B 630 -15.75 10.26 -11.26
CA ALA B 630 -16.87 9.32 -11.25
C ALA B 630 -16.48 8.03 -10.54
N LEU B 631 -15.20 7.72 -10.56
CA LEU B 631 -14.68 6.53 -9.90
C LEU B 631 -14.19 6.85 -8.48
N GLY B 632 -14.17 8.13 -8.15
CA GLY B 632 -13.80 8.56 -6.81
C GLY B 632 -12.30 8.70 -6.63
N TYR B 633 -11.59 8.87 -7.74
CA TYR B 633 -10.14 9.10 -7.70
C TYR B 633 -9.83 10.56 -7.38
N SER B 634 -10.81 11.43 -7.59
CA SER B 634 -10.67 12.85 -7.32
C SER B 634 -11.95 13.42 -6.73
N GLU B 635 -11.88 14.67 -6.30
CA GLU B 635 -13.01 15.33 -5.65
C GLU B 635 -14.19 15.54 -6.60
N GLN B 636 -15.32 15.93 -6.03
CA GLN B 636 -16.49 16.30 -6.80
C GLN B 636 -16.11 17.38 -7.80
N PRO B 637 -16.51 17.23 -9.07
CA PRO B 637 -16.16 18.27 -10.02
C PRO B 637 -16.84 19.59 -9.67
N ASP B 638 -16.03 20.60 -9.32
CA ASP B 638 -16.55 21.89 -8.91
C ASP B 638 -16.49 22.87 -10.08
N VAL B 639 -16.66 22.33 -11.28
CA VAL B 639 -16.58 23.13 -12.50
C VAL B 639 -17.96 23.61 -12.92
N GLU B 640 -18.04 24.88 -13.30
CA GLU B 640 -19.30 25.46 -13.77
C GLU B 640 -19.64 24.89 -15.15
N PRO B 641 -20.93 24.63 -15.41
CA PRO B 641 -21.32 24.18 -16.74
C PRO B 641 -20.97 25.18 -17.83
N ASP B 642 -21.03 26.47 -17.50
CA ASP B 642 -20.68 27.53 -18.44
C ASP B 642 -19.22 27.39 -18.85
N THR B 643 -18.35 27.28 -17.86
CA THR B 643 -16.91 27.16 -18.12
C THR B 643 -16.60 25.96 -18.98
N LEU B 644 -17.29 24.85 -18.74
CA LEU B 644 -17.02 23.62 -19.47
C LEU B 644 -17.44 23.75 -20.93
N GLN B 645 -18.50 24.50 -21.17
CA GLN B 645 -18.98 24.75 -22.54
C GLN B 645 -17.99 25.59 -23.31
N LYS B 646 -17.35 26.55 -22.62
CA LYS B 646 -16.36 27.40 -23.24
C LYS B 646 -15.18 26.56 -23.73
N GLN B 647 -14.77 25.58 -22.91
CA GLN B 647 -13.72 24.65 -23.30
C GLN B 647 -14.17 23.85 -24.53
N ALA B 648 -15.42 23.43 -24.52
CA ALA B 648 -15.99 22.66 -25.62
C ALA B 648 -16.02 23.48 -26.90
N ASP B 649 -16.43 24.74 -26.78
CA ASP B 649 -16.47 25.64 -27.92
C ASP B 649 -15.08 25.76 -28.53
N HIS B 650 -14.08 26.00 -27.68
CA HIS B 650 -12.71 26.15 -28.15
C HIS B 650 -12.20 24.85 -28.76
N CYS B 651 -12.54 23.73 -28.15
CA CYS B 651 -12.14 22.44 -28.68
C CYS B 651 -12.73 22.23 -30.08
N ASN B 652 -13.98 22.63 -30.25
CA ASN B 652 -14.63 22.55 -31.55
C ASN B 652 -13.92 23.44 -32.56
N ASP B 653 -13.59 24.66 -32.15
CA ASP B 653 -12.94 25.63 -33.04
C ASP B 653 -11.62 25.10 -33.57
N ARG B 654 -10.78 24.60 -32.67
CA ARG B 654 -9.47 24.10 -33.08
C ARG B 654 -9.60 22.79 -33.83
N ARG B 655 -10.66 22.04 -33.57
CA ARG B 655 -10.85 20.74 -34.21
C ARG B 655 -11.12 20.90 -35.70
N MET B 656 -12.06 21.78 -36.03
CA MET B 656 -12.37 22.04 -37.43
C MET B 656 -11.18 22.73 -38.09
N ALA B 657 -10.62 23.73 -37.40
CA ALA B 657 -9.46 24.45 -37.91
C ALA B 657 -8.33 23.47 -38.20
N SER B 658 -8.19 22.46 -37.35
CA SER B 658 -7.19 21.44 -37.53
C SER B 658 -7.48 20.62 -38.78
N LYS B 659 -8.77 20.41 -39.06
CA LYS B 659 -9.17 19.62 -40.21
C LYS B 659 -8.84 20.35 -41.51
N ARG B 660 -9.01 21.68 -41.51
CA ARG B 660 -8.70 22.49 -42.68
C ARG B 660 -7.21 22.41 -43.00
N VAL B 661 -6.40 22.48 -41.95
CA VAL B 661 -4.94 22.42 -42.10
C VAL B 661 -4.50 21.08 -42.66
N GLN B 662 -5.05 20.00 -42.10
CA GLN B 662 -4.69 18.65 -42.53
C GLN B 662 -5.11 18.44 -43.99
N GLU B 663 -6.23 19.02 -44.37
CA GLU B 663 -6.71 18.93 -45.75
C GLU B 663 -5.85 19.78 -46.68
N LEU B 664 -5.61 21.02 -46.27
CA LEU B 664 -4.79 21.94 -47.04
C LEU B 664 -3.40 21.36 -47.26
N SER B 665 -2.90 20.63 -46.26
CA SER B 665 -1.59 20.00 -46.34
C SER B 665 -1.55 18.97 -47.46
N ILE B 666 -2.59 18.16 -47.53
CA ILE B 666 -2.72 17.15 -48.57
C ILE B 666 -2.77 17.82 -49.93
N GLY B 667 -3.57 18.87 -50.05
CA GLY B 667 -3.70 19.58 -51.31
C GLY B 667 -2.36 20.12 -51.78
N LEU B 668 -1.58 20.62 -50.84
CA LEU B 668 -0.26 21.16 -51.14
C LEU B 668 0.63 20.11 -51.77
N PHE B 669 0.67 18.93 -51.15
CA PHE B 669 1.55 17.86 -51.60
C PHE B 669 1.09 17.26 -52.92
N PHE B 670 -0.22 17.29 -53.16
CA PHE B 670 -0.74 16.79 -54.42
C PHE B 670 -0.40 17.76 -55.53
N ALA B 671 -0.54 19.06 -55.24
CA ALA B 671 -0.19 20.10 -56.20
C ALA B 671 1.27 19.96 -56.61
N VAL B 672 2.15 19.82 -55.63
CA VAL B 672 3.57 19.64 -55.91
C VAL B 672 3.80 18.34 -56.68
N LEU B 673 3.05 17.31 -56.32
CA LEU B 673 3.18 16.01 -56.97
C LEU B 673 2.85 16.11 -58.46
N VAL B 674 1.81 16.88 -58.78
CA VAL B 674 1.46 17.11 -60.18
C VAL B 674 2.59 17.83 -60.89
N LYS B 675 3.20 18.79 -60.20
CA LYS B 675 4.25 19.61 -60.79
C LYS B 675 5.52 18.82 -61.04
N GLU B 676 5.90 17.98 -60.09
CA GLU B 676 7.18 17.28 -60.15
C GLU B 676 7.08 15.96 -60.93
N SER B 677 5.94 15.29 -60.85
CA SER B 677 5.77 13.99 -61.47
C SER B 677 5.01 14.08 -62.80
N GLY B 678 5.26 15.15 -63.55
CA GLY B 678 4.68 15.34 -64.87
C GLY B 678 3.16 15.26 -64.88
N PRO B 679 2.57 15.11 -66.07
CA PRO B 679 1.11 14.97 -66.20
C PRO B 679 0.60 13.63 -65.66
N LEU B 680 -0.52 13.68 -64.93
CA LEU B 680 -1.11 12.48 -64.33
C LEU B 680 -2.47 12.13 -64.93
N GLU B 681 -2.59 10.92 -65.46
CA GLU B 681 -3.85 10.43 -66.00
C GLU B 681 -4.74 9.87 -64.89
N SER B 682 -6.04 9.84 -65.13
CA SER B 682 -6.99 9.26 -64.18
C SER B 682 -8.40 9.23 -64.78
N GLU B 683 -9.21 8.27 -64.35
CA GLU B 683 -10.62 8.26 -64.69
C GLU B 683 -11.35 9.21 -63.76
N ALA B 684 -12.40 9.85 -64.26
CA ALA B 684 -13.17 10.82 -63.49
C ALA B 684 -14.65 10.71 -63.80
N MET B 685 -15.48 11.21 -62.90
CA MET B 685 -16.92 11.23 -63.10
C MET B 685 -17.46 12.65 -62.97
N VAL B 686 -18.38 13.01 -63.86
CA VAL B 686 -18.94 14.35 -63.91
C VAL B 686 -19.88 14.59 -62.75
N MET B 687 -19.69 15.71 -62.05
CA MET B 687 -20.54 16.09 -60.92
C MET B 687 -21.56 17.15 -61.32
N GLY B 688 -21.11 18.15 -62.07
CA GLY B 688 -21.98 19.20 -62.56
C GLY B 688 -21.67 19.52 -64.00
N VAL B 689 -22.59 20.22 -64.67
CA VAL B 689 -22.42 20.64 -66.05
C VAL B 689 -22.97 22.04 -66.25
N LEU B 690 -22.11 22.94 -66.73
CA LEU B 690 -22.51 24.32 -67.02
C LEU B 690 -22.63 24.54 -68.53
N ASN B 691 -22.82 25.80 -68.92
CA ASN B 691 -23.03 26.14 -70.32
C ASN B 691 -21.73 26.28 -71.11
N GLN B 692 -20.59 26.26 -70.42
CA GLN B 692 -19.28 26.32 -71.08
C GLN B 692 -18.24 25.47 -70.36
N ALA B 693 -18.67 24.66 -69.40
CA ALA B 693 -17.76 23.83 -68.64
C ALA B 693 -18.50 22.71 -67.91
N PHE B 694 -17.74 21.89 -67.19
CA PHE B 694 -18.34 20.85 -66.34
C PHE B 694 -17.36 20.41 -65.25
N ASP B 695 -17.88 20.14 -64.07
CA ASP B 695 -17.07 19.73 -62.92
C ASP B 695 -16.92 18.21 -62.88
N VAL B 696 -15.75 17.74 -62.47
CA VAL B 696 -15.49 16.30 -62.41
C VAL B 696 -14.76 15.89 -61.11
N LEU B 697 -15.10 14.71 -60.62
CA LEU B 697 -14.41 14.11 -59.48
C LEU B 697 -13.33 13.15 -60.00
N VAL B 698 -12.07 13.52 -59.83
CA VAL B 698 -10.98 12.69 -60.32
C VAL B 698 -10.77 11.52 -59.35
N LEU B 699 -11.04 10.32 -59.83
CA LEU B 699 -11.17 9.14 -58.98
C LEU B 699 -9.88 8.71 -58.31
N ARG B 700 -8.76 8.79 -59.03
CA ARG B 700 -7.49 8.29 -58.49
C ARG B 700 -6.97 9.11 -57.32
N PHE B 701 -7.53 10.31 -57.13
CA PHE B 701 -6.97 11.26 -56.17
C PHE B 701 -8.02 11.96 -55.30
N GLY B 702 -9.30 11.83 -55.69
CA GLY B 702 -10.39 12.38 -54.92
C GLY B 702 -10.46 13.90 -54.95
N VAL B 703 -9.88 14.51 -55.98
CA VAL B 703 -9.94 15.95 -56.14
C VAL B 703 -11.07 16.36 -57.09
N GLN B 704 -11.63 17.54 -56.86
CA GLN B 704 -12.63 18.12 -57.74
C GLN B 704 -11.98 19.22 -58.57
N LYS B 705 -12.12 19.11 -59.89
CA LYS B 705 -11.58 20.10 -60.81
C LYS B 705 -12.59 20.43 -61.89
N ARG B 706 -12.55 21.66 -62.38
CA ARG B 706 -13.44 22.10 -63.45
C ARG B 706 -12.74 22.06 -64.80
N ILE B 707 -13.38 21.43 -65.78
CA ILE B 707 -12.86 21.36 -67.14
C ILE B 707 -13.62 22.33 -68.02
N TYR B 708 -12.89 23.26 -68.64
CA TYR B 708 -13.49 24.28 -69.48
C TYR B 708 -13.42 23.91 -70.96
N CYS B 709 -14.45 24.27 -71.71
CA CYS B 709 -14.49 23.98 -73.14
C CYS B 709 -13.43 24.79 -73.88
N ASN B 710 -12.97 25.87 -73.28
CA ASN B 710 -11.92 26.70 -73.87
C ASN B 710 -10.61 25.93 -74.05
N ALA B 711 -10.28 25.13 -73.04
CA ALA B 711 -9.01 24.42 -73.00
C ALA B 711 -8.98 23.20 -73.91
N LEU B 712 -10.16 22.79 -74.39
CA LEU B 712 -10.28 21.56 -75.18
C LEU B 712 -10.24 21.81 -76.66
N ALA B 713 -9.57 20.91 -77.39
CA ALA B 713 -9.45 21.02 -78.84
C ALA B 713 -10.78 20.72 -79.53
N LEU B 714 -11.77 21.58 -79.30
CA LEU B 714 -13.10 21.40 -79.87
C LEU B 714 -13.29 22.26 -81.12
N ARG B 715 -14.11 21.79 -82.06
CA ARG B 715 -14.49 22.59 -83.21
C ARG B 715 -15.84 23.25 -82.95
N SER B 716 -16.64 22.64 -82.08
CA SER B 716 -17.88 23.23 -81.63
C SER B 716 -18.42 22.48 -80.41
N TYR B 717 -19.32 23.13 -79.67
CA TYR B 717 -20.03 22.46 -78.59
C TYR B 717 -21.36 23.17 -78.31
N SER B 718 -22.38 22.37 -78.02
CA SER B 718 -23.71 22.88 -77.77
C SER B 718 -24.15 22.50 -76.36
N PHE B 719 -25.07 23.30 -75.82
CA PHE B 719 -25.59 23.08 -74.48
C PHE B 719 -27.12 22.96 -74.54
N GLN B 720 -27.63 21.81 -74.11
CA GLN B 720 -29.06 21.54 -74.10
C GLN B 720 -29.50 20.96 -72.76
N LYS B 721 -30.63 21.44 -72.24
CA LYS B 721 -31.08 21.07 -70.92
C LYS B 721 -32.36 20.23 -70.95
N VAL B 722 -32.84 19.89 -72.14
CA VAL B 722 -34.03 19.06 -72.27
C VAL B 722 -33.75 17.68 -71.69
N GLY B 723 -34.81 16.99 -71.28
CA GLY B 723 -34.66 15.71 -70.62
C GLY B 723 -34.40 15.88 -69.13
N LYS B 724 -34.85 17.03 -68.60
CA LYS B 724 -34.75 17.35 -67.17
C LYS B 724 -33.31 17.66 -66.75
N LYS B 725 -32.38 16.78 -67.11
CA LYS B 725 -30.98 16.94 -66.71
C LYS B 725 -30.17 17.67 -67.79
N PRO B 726 -29.14 18.44 -67.35
CA PRO B 726 -28.31 19.21 -68.29
C PRO B 726 -27.36 18.33 -69.08
N GLU B 727 -27.18 18.62 -70.36
CA GLU B 727 -26.29 17.86 -71.23
C GLU B 727 -25.36 18.76 -72.02
N LEU B 728 -24.12 18.33 -72.18
CA LEU B 728 -23.12 19.08 -72.91
C LEU B 728 -22.57 18.23 -74.04
N THR B 729 -22.85 18.64 -75.28
CA THR B 729 -22.39 17.89 -76.44
C THR B 729 -21.10 18.49 -76.98
N LEU B 730 -20.07 17.65 -77.09
CA LEU B 730 -18.77 18.08 -77.59
C LEU B 730 -18.49 17.48 -78.95
N VAL B 731 -17.90 18.27 -79.83
CA VAL B 731 -17.45 17.79 -81.13
C VAL B 731 -15.95 18.02 -81.21
N TRP B 732 -15.20 16.91 -81.25
CA TRP B 732 -13.74 16.97 -81.25
C TRP B 732 -13.17 17.27 -82.63
N GLU B 733 -12.23 18.21 -82.67
CA GLU B 733 -11.50 18.50 -83.89
C GLU B 733 -10.39 17.48 -84.07
N PRO B 734 -10.45 16.67 -85.16
CA PRO B 734 -9.40 15.67 -85.37
C PRO B 734 -8.05 16.29 -85.69
N ASP B 735 -6.98 15.57 -85.39
CA ASP B 735 -5.63 16.06 -85.63
C ASP B 735 -5.27 15.97 -87.10
N ASP B 736 -6.09 15.25 -87.86
CA ASP B 736 -5.85 15.03 -89.28
C ASP B 736 -7.14 15.19 -90.08
N LEU B 737 -6.99 15.42 -91.38
CA LEU B 737 -8.15 15.53 -92.27
C LEU B 737 -8.74 14.16 -92.58
N GLU B 738 -7.97 13.11 -92.31
CA GLU B 738 -8.42 11.75 -92.57
C GLU B 738 -9.51 11.33 -91.59
N GLU B 739 -9.31 11.69 -90.33
CA GLU B 739 -10.26 11.35 -89.28
C GLU B 739 -11.48 12.26 -89.33
N GLU B 740 -12.66 11.68 -89.22
CA GLU B 740 -13.89 12.47 -89.13
C GLU B 740 -14.04 12.93 -87.69
N PRO B 741 -14.64 14.11 -87.48
CA PRO B 741 -14.82 14.63 -86.12
C PRO B 741 -15.69 13.72 -85.25
N THR B 742 -15.15 13.28 -84.12
CA THR B 742 -15.87 12.38 -83.23
C THR B 742 -16.66 13.19 -82.21
N GLN B 743 -17.83 12.68 -81.85
CA GLN B 743 -18.72 13.36 -80.92
C GLN B 743 -18.65 12.73 -79.53
N GLN B 744 -19.07 13.47 -78.52
CA GLN B 744 -19.04 12.99 -77.14
C GLN B 744 -19.98 13.81 -76.27
N VAL B 745 -21.07 13.18 -75.82
CA VAL B 745 -22.04 13.84 -74.96
C VAL B 745 -21.63 13.72 -73.50
N ILE B 746 -21.65 14.83 -72.78
CA ILE B 746 -21.30 14.85 -71.36
C ILE B 746 -22.50 15.22 -70.51
N THR B 747 -22.92 14.27 -69.69
CA THR B 747 -24.01 14.46 -68.74
C THR B 747 -23.47 14.12 -67.35
N ILE B 748 -24.31 14.33 -66.34
CA ILE B 748 -23.91 14.04 -64.97
C ILE B 748 -23.69 12.53 -64.80
N PHE B 749 -22.74 12.18 -63.93
CA PHE B 749 -22.36 10.79 -63.66
C PHE B 749 -21.73 10.11 -64.88
N SER B 750 -21.19 10.90 -65.80
CA SER B 750 -20.50 10.34 -66.95
C SER B 750 -19.07 9.98 -66.60
N LEU B 751 -18.65 8.77 -66.97
CA LEU B 751 -17.29 8.32 -66.73
C LEU B 751 -16.38 8.78 -67.87
N VAL B 752 -15.34 9.55 -67.53
CA VAL B 752 -14.44 10.11 -68.53
C VAL B 752 -12.97 10.00 -68.09
N ASP B 753 -12.07 10.20 -69.04
CA ASP B 753 -10.64 10.24 -68.75
C ASP B 753 -10.17 11.69 -68.64
N VAL B 754 -9.26 11.95 -67.70
CA VAL B 754 -8.73 13.29 -67.52
C VAL B 754 -7.22 13.26 -67.30
N VAL B 755 -6.57 14.39 -67.55
CA VAL B 755 -5.15 14.54 -67.27
C VAL B 755 -4.90 15.84 -66.53
N LEU B 756 -4.09 15.77 -65.49
CA LEU B 756 -3.79 16.93 -64.65
C LEU B 756 -2.40 17.47 -64.98
N GLN B 757 -2.37 18.68 -65.53
CA GLN B 757 -1.13 19.35 -65.85
C GLN B 757 -0.96 20.57 -64.97
N ALA B 758 0.27 20.80 -64.53
CA ALA B 758 0.56 21.99 -63.74
C ALA B 758 0.55 23.24 -64.61
N GLU B 759 -0.11 24.29 -64.13
CA GLU B 759 -0.12 25.58 -64.80
C GLU B 759 1.15 26.35 -64.44
N ALA B 760 1.24 27.58 -64.92
CA ALA B 760 2.42 28.41 -64.64
C ALA B 760 2.44 28.86 -63.19
N THR B 761 1.27 29.18 -62.66
CA THR B 761 1.14 29.65 -61.28
C THR B 761 1.55 28.56 -60.28
N ALA B 762 2.07 28.99 -59.14
CA ALA B 762 2.48 28.07 -58.09
C ALA B 762 1.29 27.35 -57.48
N LEU B 763 1.44 26.04 -57.30
CA LEU B 763 0.41 25.17 -56.70
C LEU B 763 -0.89 25.12 -57.50
N LYS B 764 -0.87 25.62 -58.72
CA LYS B 764 -2.06 25.59 -59.57
C LYS B 764 -1.90 24.56 -60.69
N TYR B 765 -2.96 23.80 -60.92
CA TYR B 765 -2.99 22.83 -62.01
C TYR B 765 -4.39 22.75 -62.60
N SER B 766 -4.47 22.39 -63.88
CA SER B 766 -5.76 22.31 -64.56
C SER B 766 -6.07 20.87 -64.94
N ALA B 767 -7.32 20.63 -65.34
CA ALA B 767 -7.73 19.32 -65.84
C ALA B 767 -8.34 19.45 -67.24
N ILE B 768 -7.99 18.50 -68.11
CA ILE B 768 -8.56 18.43 -69.44
C ILE B 768 -8.87 16.97 -69.78
N LEU B 769 -9.61 16.75 -70.87
CA LEU B 769 -10.11 15.42 -71.19
C LEU B 769 -9.09 14.60 -71.97
N LYS B 770 -9.51 13.43 -72.46
CA LYS B 770 -8.65 12.50 -73.17
C LYS B 770 -7.45 12.11 -72.32
MG MG E . 15.67 -13.93 23.05
MG MG F . -3.66 3.25 -31.05
#